data_1V63
#
_entry.id   1V63
#
_entity_poly.entity_id   1
_entity_poly.type   'polypeptide(L)'
_entity_poly.pdbx_seq_one_letter_code
;GSSGSSGPKKPPMNGYQKFSQELLSNGELNHLPLKERMVEIGSRWQRISQSQKEHYKKLAEEQQRQYKVHLDLWVKSLSP
QDRAAYKEYISNKRKSGPSSG
;
_entity_poly.pdbx_strand_id   A
#
# COMPACT_ATOMS: atom_id res chain seq x y z
N GLY A 1 -0.70 3.54 20.32
CA GLY A 1 -0.39 4.81 19.68
C GLY A 1 0.84 4.70 18.80
N SER A 2 1.01 5.69 17.94
CA SER A 2 2.15 5.72 17.04
C SER A 2 2.08 6.96 16.14
N SER A 3 3.21 7.27 15.53
CA SER A 3 3.29 8.43 14.65
C SER A 3 4.33 8.18 13.56
N GLY A 4 3.86 8.17 12.32
CA GLY A 4 4.73 7.94 11.19
C GLY A 4 5.36 6.55 11.25
N SER A 5 5.62 6.00 10.07
CA SER A 5 6.22 4.68 9.97
C SER A 5 7.16 4.62 8.77
N SER A 6 6.62 4.97 7.61
CA SER A 6 7.39 4.96 6.38
C SER A 6 6.68 5.77 5.31
N GLY A 7 7.43 6.09 4.26
CA GLY A 7 6.88 6.86 3.15
C GLY A 7 5.59 6.23 2.63
N PRO A 8 5.77 5.28 1.67
CA PRO A 8 4.64 4.59 1.07
C PRO A 8 4.06 3.55 2.04
N LYS A 9 2.77 3.31 1.89
CA LYS A 9 2.08 2.35 2.74
C LYS A 9 1.58 1.19 1.88
N LYS A 10 1.87 -0.02 2.34
CA LYS A 10 1.45 -1.21 1.62
C LYS A 10 0.02 -1.03 1.12
N PRO A 11 -0.08 -0.71 -0.20
CA PRO A 11 -1.39 -0.50 -0.82
C PRO A 11 -2.11 -1.84 -1.04
N PRO A 12 -3.39 -1.73 -1.49
CA PRO A 12 -4.20 -2.91 -1.74
C PRO A 12 -3.77 -3.60 -3.04
N MET A 13 -4.53 -4.62 -3.41
CA MET A 13 -4.23 -5.37 -4.62
C MET A 13 -5.45 -5.38 -5.56
N ASN A 14 -6.51 -5.99 -5.08
CA ASN A 14 -7.74 -6.09 -5.86
C ASN A 14 -8.63 -4.87 -5.56
N GLY A 15 -9.08 -4.81 -4.33
CA GLY A 15 -9.94 -3.72 -3.90
C GLY A 15 -10.58 -4.01 -2.54
N TYR A 16 -10.79 -5.30 -2.30
CA TYR A 16 -11.40 -5.72 -1.05
C TYR A 16 -10.52 -5.35 0.15
N GLN A 17 -9.21 -5.36 -0.09
CA GLN A 17 -8.26 -5.03 0.94
C GLN A 17 -8.30 -3.52 1.24
N LYS A 18 -8.75 -2.77 0.25
CA LYS A 18 -8.85 -1.32 0.39
C LYS A 18 -9.95 -0.99 1.40
N PHE A 19 -11.15 -1.45 1.09
CA PHE A 19 -12.28 -1.19 1.97
C PHE A 19 -11.99 -1.66 3.40
N SER A 20 -11.34 -2.80 3.49
CA SER A 20 -11.00 -3.37 4.79
C SER A 20 -10.08 -2.40 5.55
N GLN A 21 -8.93 -2.12 4.94
CA GLN A 21 -7.97 -1.22 5.54
C GLN A 21 -8.69 -0.01 6.15
N GLU A 22 -9.76 0.40 5.50
CA GLU A 22 -10.54 1.53 5.97
C GLU A 22 -11.19 1.21 7.31
N LEU A 23 -11.77 0.03 7.38
CA LEU A 23 -12.44 -0.41 8.59
C LEU A 23 -11.39 -0.67 9.68
N LEU A 24 -10.16 -0.85 9.23
CA LEU A 24 -9.06 -1.11 10.15
C LEU A 24 -8.48 0.23 10.62
N SER A 25 -8.62 1.23 9.77
CA SER A 25 -8.12 2.56 10.09
C SER A 25 -9.23 3.42 10.68
N ASN A 26 -10.46 3.01 10.39
CA ASN A 26 -11.61 3.73 10.90
C ASN A 26 -11.82 3.41 12.38
N GLY A 27 -12.03 2.13 12.65
CA GLY A 27 -12.24 1.68 14.02
C GLY A 27 -13.72 1.44 14.29
N GLU A 28 -14.44 1.09 13.24
CA GLU A 28 -15.87 0.84 13.36
C GLU A 28 -16.11 -0.51 14.06
N LEU A 29 -15.16 -1.42 13.87
CA LEU A 29 -15.26 -2.73 14.47
C LEU A 29 -14.11 -2.92 15.46
N ASN A 30 -13.82 -1.86 16.19
CA ASN A 30 -12.75 -1.89 17.17
C ASN A 30 -13.30 -2.40 18.50
N HIS A 31 -14.55 -2.84 18.46
CA HIS A 31 -15.20 -3.36 19.65
C HIS A 31 -14.91 -4.86 19.79
N LEU A 32 -14.57 -5.47 18.66
CA LEU A 32 -14.26 -6.89 18.64
C LEU A 32 -12.78 -7.09 18.29
N PRO A 33 -12.32 -8.35 18.47
CA PRO A 33 -10.94 -8.68 18.18
C PRO A 33 -10.69 -8.76 16.67
N LEU A 34 -9.42 -8.62 16.30
CA LEU A 34 -9.05 -8.67 14.90
C LEU A 34 -9.83 -9.77 14.20
N LYS A 35 -9.73 -10.97 14.75
CA LYS A 35 -10.44 -12.12 14.19
C LYS A 35 -11.81 -11.67 13.68
N GLU A 36 -12.67 -11.32 14.62
CA GLU A 36 -14.01 -10.87 14.28
C GLU A 36 -13.95 -9.76 13.23
N ARG A 37 -13.13 -8.77 13.52
CA ARG A 37 -12.96 -7.64 12.62
C ARG A 37 -12.90 -8.13 11.16
N MET A 38 -11.89 -8.93 10.88
CA MET A 38 -11.71 -9.47 9.55
C MET A 38 -13.02 -10.06 9.01
N VAL A 39 -13.43 -11.16 9.63
CA VAL A 39 -14.67 -11.82 9.22
C VAL A 39 -15.76 -10.77 9.05
N GLU A 40 -15.90 -9.93 10.06
CA GLU A 40 -16.91 -8.88 10.03
C GLU A 40 -16.76 -8.03 8.77
N ILE A 41 -15.51 -7.75 8.43
CA ILE A 41 -15.22 -6.95 7.26
C ILE A 41 -15.72 -7.69 6.01
N GLY A 42 -15.13 -8.84 5.77
CA GLY A 42 -15.50 -9.65 4.61
C GLY A 42 -17.01 -9.59 4.38
N SER A 43 -17.75 -9.56 5.48
CA SER A 43 -19.20 -9.51 5.41
C SER A 43 -19.65 -8.15 4.87
N ARG A 44 -19.21 -7.11 5.55
CA ARG A 44 -19.56 -5.75 5.14
C ARG A 44 -19.24 -5.53 3.66
N TRP A 45 -18.12 -6.11 3.25
CA TRP A 45 -17.69 -5.98 1.87
C TRP A 45 -18.70 -6.73 0.99
N GLN A 46 -19.27 -7.77 1.57
CA GLN A 46 -20.25 -8.57 0.85
C GLN A 46 -21.61 -7.88 0.85
N ARG A 47 -21.66 -6.73 1.51
CA ARG A 47 -22.88 -5.96 1.61
C ARG A 47 -22.90 -4.87 0.53
N ILE A 48 -21.82 -4.10 0.49
CA ILE A 48 -21.70 -3.03 -0.48
C ILE A 48 -22.10 -3.55 -1.86
N SER A 49 -22.20 -2.61 -2.81
CA SER A 49 -22.57 -2.97 -4.16
C SER A 49 -21.34 -2.95 -5.07
N GLN A 50 -21.54 -3.38 -6.30
CA GLN A 50 -20.46 -3.43 -7.27
C GLN A 50 -19.70 -2.10 -7.27
N SER A 51 -20.45 -1.02 -7.39
CA SER A 51 -19.87 0.31 -7.41
C SER A 51 -18.71 0.38 -6.41
N GLN A 52 -19.06 0.27 -5.13
CA GLN A 52 -18.06 0.32 -4.08
C GLN A 52 -16.82 -0.49 -4.48
N LYS A 53 -16.97 -1.80 -4.48
CA LYS A 53 -15.87 -2.68 -4.84
C LYS A 53 -15.13 -2.09 -6.04
N GLU A 54 -15.89 -1.74 -7.06
CA GLU A 54 -15.32 -1.16 -8.27
C GLU A 54 -14.45 0.05 -7.91
N HIS A 55 -15.03 0.94 -7.13
CA HIS A 55 -14.33 2.15 -6.71
C HIS A 55 -13.02 1.76 -6.02
N TYR A 56 -13.15 1.00 -4.94
CA TYR A 56 -11.99 0.56 -4.19
C TYR A 56 -10.99 -0.15 -5.10
N LYS A 57 -11.52 -0.85 -6.09
CA LYS A 57 -10.69 -1.58 -7.04
C LYS A 57 -9.92 -0.58 -7.90
N LYS A 58 -10.61 0.48 -8.29
CA LYS A 58 -10.01 1.51 -9.13
C LYS A 58 -8.92 2.22 -8.32
N LEU A 59 -9.27 2.57 -7.09
CA LEU A 59 -8.32 3.26 -6.22
C LEU A 59 -7.06 2.43 -6.08
N ALA A 60 -7.26 1.14 -5.79
CA ALA A 60 -6.14 0.23 -5.62
C ALA A 60 -5.14 0.45 -6.76
N GLU A 61 -5.68 0.68 -7.94
CA GLU A 61 -4.86 0.90 -9.12
C GLU A 61 -4.07 2.21 -8.97
N GLU A 62 -4.74 3.20 -8.42
CA GLU A 62 -4.13 4.50 -8.22
C GLU A 62 -3.16 4.46 -7.04
N GLN A 63 -3.59 3.80 -5.98
CA GLN A 63 -2.77 3.67 -4.78
C GLN A 63 -1.43 3.01 -5.13
N GLN A 64 -1.54 1.89 -5.84
CA GLN A 64 -0.35 1.15 -6.25
C GLN A 64 0.46 1.95 -7.25
N ARG A 65 -0.22 2.89 -7.90
CA ARG A 65 0.44 3.74 -8.89
C ARG A 65 1.28 4.81 -8.20
N GLN A 66 0.68 5.42 -7.19
CA GLN A 66 1.36 6.47 -6.44
C GLN A 66 2.50 5.87 -5.61
N TYR A 67 2.19 4.78 -4.93
CA TYR A 67 3.17 4.10 -4.10
C TYR A 67 4.45 3.83 -4.88
N LYS A 68 4.30 3.76 -6.19
CA LYS A 68 5.45 3.51 -7.06
C LYS A 68 6.40 4.70 -7.00
N VAL A 69 5.86 5.87 -7.32
CA VAL A 69 6.64 7.09 -7.31
C VAL A 69 7.05 7.42 -5.87
N HIS A 70 6.10 7.21 -4.97
CA HIS A 70 6.35 7.48 -3.55
C HIS A 70 7.67 6.83 -3.13
N LEU A 71 7.87 5.61 -3.61
CA LEU A 71 9.08 4.88 -3.29
C LEU A 71 10.29 5.67 -3.75
N ASP A 72 10.14 6.31 -4.90
CA ASP A 72 11.22 7.11 -5.47
C ASP A 72 11.34 8.41 -4.68
N LEU A 73 10.19 8.98 -4.35
CA LEU A 73 10.15 10.23 -3.60
C LEU A 73 10.86 10.02 -2.27
N TRP A 74 10.72 8.82 -1.72
CA TRP A 74 11.34 8.50 -0.46
C TRP A 74 12.84 8.35 -0.68
N VAL A 75 13.19 7.98 -1.89
CA VAL A 75 14.59 7.80 -2.26
C VAL A 75 15.24 9.18 -2.41
N LYS A 76 14.54 10.05 -3.11
CA LYS A 76 15.04 11.40 -3.35
C LYS A 76 15.43 12.04 -2.01
N SER A 77 14.83 11.50 -0.95
CA SER A 77 15.10 12.01 0.39
C SER A 77 16.27 11.23 1.02
N LEU A 78 16.35 9.96 0.67
CA LEU A 78 17.41 9.10 1.19
C LEU A 78 18.74 9.83 1.08
N SER A 79 19.42 9.93 2.22
CA SER A 79 20.70 10.60 2.27
C SER A 79 21.63 10.02 1.20
N PRO A 80 22.87 10.59 1.14
CA PRO A 80 23.86 10.13 0.18
C PRO A 80 24.46 8.79 0.61
N GLN A 81 24.24 8.44 1.87
CA GLN A 81 24.75 7.20 2.41
C GLN A 81 23.69 6.09 2.30
N ASP A 82 22.45 6.48 2.59
CA ASP A 82 21.36 5.54 2.52
C ASP A 82 21.08 5.18 1.07
N ARG A 83 20.88 6.22 0.26
CA ARG A 83 20.61 6.03 -1.15
C ARG A 83 21.70 5.16 -1.80
N ALA A 84 22.92 5.38 -1.34
CA ALA A 84 24.06 4.63 -1.86
C ALA A 84 23.84 3.14 -1.61
N ALA A 85 23.12 2.86 -0.54
CA ALA A 85 22.83 1.48 -0.17
C ALA A 85 21.60 0.99 -0.96
N TYR A 86 20.49 1.66 -0.74
CA TYR A 86 19.26 1.32 -1.42
C TYR A 86 19.52 0.96 -2.89
N LYS A 87 20.31 1.80 -3.53
CA LYS A 87 20.66 1.58 -4.93
C LYS A 87 21.36 0.24 -5.08
N GLU A 88 22.28 -0.02 -4.16
CA GLU A 88 23.04 -1.26 -4.17
C GLU A 88 22.11 -2.43 -4.47
N TYR A 89 20.91 -2.35 -3.91
CA TYR A 89 19.93 -3.40 -4.11
C TYR A 89 19.20 -3.24 -5.46
N ILE A 90 19.05 -1.98 -5.85
CA ILE A 90 18.39 -1.68 -7.11
C ILE A 90 19.16 -2.32 -8.26
N SER A 91 20.37 -1.85 -8.46
CA SER A 91 21.23 -2.37 -9.52
C SER A 91 21.20 -3.90 -9.51
N ASN A 92 21.39 -4.45 -8.32
CA ASN A 92 21.39 -5.90 -8.16
C ASN A 92 20.13 -6.48 -8.81
N LYS A 93 18.99 -5.94 -8.40
CA LYS A 93 17.72 -6.39 -8.93
C LYS A 93 17.50 -5.77 -10.31
N ARG A 94 16.41 -6.19 -10.94
CA ARG A 94 16.07 -5.67 -12.26
C ARG A 94 17.31 -5.67 -13.16
N LYS A 95 17.17 -5.03 -14.31
CA LYS A 95 18.26 -4.94 -15.26
C LYS A 95 18.13 -3.65 -16.07
N SER A 96 18.87 -2.64 -15.63
CA SER A 96 18.84 -1.35 -16.31
C SER A 96 18.85 -1.55 -17.83
N GLY A 97 18.13 -0.67 -18.51
CA GLY A 97 18.05 -0.74 -19.96
C GLY A 97 18.94 0.33 -20.61
N PRO A 98 19.88 -0.15 -21.46
CA PRO A 98 20.79 0.75 -22.14
C PRO A 98 20.09 1.47 -23.29
N SER A 99 20.87 2.21 -24.06
CA SER A 99 20.34 2.94 -25.19
C SER A 99 21.34 2.95 -26.35
N SER A 100 20.89 3.44 -27.48
CA SER A 100 21.74 3.51 -28.66
C SER A 100 22.20 4.94 -28.90
N GLY A 101 21.22 5.82 -29.09
CA GLY A 101 21.50 7.22 -29.33
C GLY A 101 20.92 8.10 -28.21
N GLY A 1 2.45 -0.69 19.99
CA GLY A 1 3.38 0.21 20.64
C GLY A 1 4.37 0.79 19.63
N SER A 2 3.82 1.50 18.65
CA SER A 2 4.64 2.11 17.62
C SER A 2 5.38 1.04 16.83
N SER A 3 5.85 1.43 15.65
CA SER A 3 6.57 0.51 14.79
C SER A 3 7.01 1.22 13.51
N GLY A 4 8.12 1.95 13.63
CA GLY A 4 8.66 2.68 12.49
C GLY A 4 7.54 3.35 11.69
N SER A 5 7.87 3.73 10.47
CA SER A 5 6.91 4.37 9.59
C SER A 5 7.38 4.29 8.14
N SER A 6 8.60 4.77 7.92
CA SER A 6 9.18 4.77 6.59
C SER A 6 8.33 5.60 5.64
N GLY A 7 8.95 6.02 4.55
CA GLY A 7 8.26 6.84 3.56
C GLY A 7 6.99 6.14 3.07
N PRO A 8 7.16 5.38 1.95
CA PRO A 8 6.04 4.66 1.37
C PRO A 8 5.69 3.42 2.20
N LYS A 9 4.41 3.34 2.55
CA LYS A 9 3.93 2.22 3.35
C LYS A 9 3.32 1.16 2.42
N LYS A 10 3.24 -0.04 2.95
CA LYS A 10 2.69 -1.15 2.18
C LYS A 10 1.21 -0.88 1.89
N PRO A 11 0.91 -0.65 0.58
CA PRO A 11 -0.45 -0.39 0.16
C PRO A 11 -1.29 -1.66 0.16
N PRO A 12 -2.64 -1.47 0.02
CA PRO A 12 -3.55 -2.59 0.01
C PRO A 12 -3.48 -3.34 -1.32
N MET A 13 -4.49 -4.17 -1.55
CA MET A 13 -4.55 -4.96 -2.78
C MET A 13 -6.00 -5.30 -3.13
N ASN A 14 -6.20 -5.64 -4.39
CA ASN A 14 -7.52 -5.99 -4.87
C ASN A 14 -8.46 -4.79 -4.70
N GLY A 15 -8.94 -4.63 -3.49
CA GLY A 15 -9.84 -3.54 -3.18
C GLY A 15 -10.59 -3.79 -1.86
N TYR A 16 -10.75 -5.06 -1.54
CA TYR A 16 -11.44 -5.44 -0.32
C TYR A 16 -10.61 -5.07 0.91
N GLN A 17 -9.32 -5.35 0.83
CA GLN A 17 -8.42 -5.04 1.93
C GLN A 17 -8.48 -3.55 2.27
N LYS A 18 -8.76 -2.76 1.25
CA LYS A 18 -8.86 -1.32 1.43
C LYS A 18 -10.05 -1.00 2.32
N PHE A 19 -11.23 -1.38 1.86
CA PHE A 19 -12.44 -1.14 2.60
C PHE A 19 -12.36 -1.73 4.00
N SER A 20 -11.85 -2.96 4.06
CA SER A 20 -11.70 -3.65 5.34
C SER A 20 -10.91 -2.78 6.32
N GLN A 21 -9.69 -2.46 5.91
CA GLN A 21 -8.81 -1.65 6.74
C GLN A 21 -9.58 -0.45 7.29
N GLU A 22 -10.51 0.04 6.48
CA GLU A 22 -11.31 1.18 6.88
C GLU A 22 -12.19 0.82 8.08
N LEU A 23 -12.79 -0.35 8.01
CA LEU A 23 -13.65 -0.83 9.07
C LEU A 23 -12.80 -1.17 10.30
N LEU A 24 -11.50 -1.36 10.05
CA LEU A 24 -10.58 -1.69 11.12
C LEU A 24 -10.07 -0.39 11.76
N SER A 25 -10.06 0.67 10.96
CA SER A 25 -9.60 1.96 11.44
C SER A 25 -10.80 2.80 11.89
N ASN A 26 -11.97 2.44 11.38
CA ASN A 26 -13.19 3.15 11.73
C ASN A 26 -13.62 2.74 13.13
N GLY A 27 -13.89 1.46 13.28
CA GLY A 27 -14.33 0.92 14.56
C GLY A 27 -15.83 0.68 14.58
N GLU A 28 -16.37 0.41 13.40
CA GLU A 28 -17.79 0.16 13.27
C GLU A 28 -18.14 -1.24 13.76
N LEU A 29 -17.11 -2.08 13.84
CA LEU A 29 -17.29 -3.44 14.30
C LEU A 29 -16.33 -3.71 15.47
N ASN A 30 -16.20 -2.72 16.33
CA ASN A 30 -15.33 -2.84 17.49
C ASN A 30 -16.13 -3.38 18.68
N HIS A 31 -17.36 -3.79 18.38
CA HIS A 31 -18.23 -4.32 19.41
C HIS A 31 -18.05 -5.85 19.49
N LEU A 32 -17.32 -6.37 18.52
CA LEU A 32 -17.07 -7.81 18.47
C LEU A 32 -15.57 -8.06 18.31
N PRO A 33 -15.18 -9.34 18.51
CA PRO A 33 -13.78 -9.72 18.40
C PRO A 33 -13.35 -9.80 16.94
N LEU A 34 -12.05 -9.73 16.73
CA LEU A 34 -11.50 -9.79 15.39
C LEU A 34 -12.17 -10.92 14.62
N LYS A 35 -12.05 -12.12 15.16
CA LYS A 35 -12.63 -13.29 14.54
C LYS A 35 -13.99 -12.93 13.94
N GLU A 36 -14.65 -11.98 14.59
CA GLU A 36 -15.95 -11.51 14.15
C GLU A 36 -15.80 -10.32 13.21
N ARG A 37 -14.96 -9.39 13.62
CA ARG A 37 -14.72 -8.19 12.84
C ARG A 37 -14.56 -8.55 11.36
N MET A 38 -13.55 -9.36 11.08
CA MET A 38 -13.28 -9.79 9.72
C MET A 38 -14.55 -10.31 9.05
N VAL A 39 -15.01 -11.46 9.52
CA VAL A 39 -16.21 -12.07 8.98
C VAL A 39 -17.27 -10.99 8.76
N GLU A 40 -17.49 -10.20 9.79
CA GLU A 40 -18.47 -9.14 9.73
C GLU A 40 -18.22 -8.26 8.50
N ILE A 41 -16.95 -7.95 8.27
CA ILE A 41 -16.57 -7.13 7.15
C ILE A 41 -17.01 -7.81 5.85
N GLY A 42 -16.51 -9.01 5.65
CA GLY A 42 -16.84 -9.77 4.45
C GLY A 42 -18.31 -9.57 4.08
N SER A 43 -19.13 -9.37 5.10
CA SER A 43 -20.56 -9.17 4.89
C SER A 43 -20.80 -7.78 4.31
N ARG A 44 -20.30 -6.77 5.01
CA ARG A 44 -20.46 -5.40 4.57
C ARG A 44 -19.90 -5.22 3.16
N TRP A 45 -18.75 -5.85 2.93
CA TRP A 45 -18.11 -5.76 1.63
C TRP A 45 -19.00 -6.47 0.61
N GLN A 46 -19.70 -7.48 1.10
CA GLN A 46 -20.60 -8.25 0.24
C GLN A 46 -21.89 -7.46 -0.01
N ARG A 47 -22.05 -6.38 0.74
CA ARG A 47 -23.23 -5.55 0.61
C ARG A 47 -22.98 -4.46 -0.44
N ILE A 48 -21.89 -3.74 -0.26
CA ILE A 48 -21.53 -2.67 -1.18
C ILE A 48 -21.79 -3.13 -2.62
N SER A 49 -21.86 -2.16 -3.51
CA SER A 49 -22.11 -2.44 -4.92
C SER A 49 -20.80 -2.42 -5.69
N GLN A 50 -20.92 -2.50 -7.01
CA GLN A 50 -19.76 -2.50 -7.88
C GLN A 50 -18.96 -1.20 -7.68
N SER A 51 -19.67 -0.09 -7.78
CA SER A 51 -19.05 1.21 -7.63
C SER A 51 -18.01 1.16 -6.51
N GLN A 52 -18.50 1.02 -5.28
CA GLN A 52 -17.62 0.94 -4.13
C GLN A 52 -16.41 0.06 -4.43
N LYS A 53 -16.66 -1.24 -4.50
CA LYS A 53 -15.61 -2.19 -4.79
C LYS A 53 -14.67 -1.60 -5.84
N GLU A 54 -15.25 -1.13 -6.93
CA GLU A 54 -14.48 -0.55 -8.01
C GLU A 54 -13.62 0.60 -7.48
N HIS A 55 -14.24 1.46 -6.68
CA HIS A 55 -13.54 2.60 -6.12
C HIS A 55 -12.35 2.11 -5.29
N TYR A 56 -12.67 1.34 -4.26
CA TYR A 56 -11.64 0.80 -3.38
C TYR A 56 -10.60 -0.01 -4.19
N LYS A 57 -11.09 -0.66 -5.24
CA LYS A 57 -10.22 -1.45 -6.09
C LYS A 57 -9.28 -0.52 -6.86
N LYS A 58 -9.86 0.57 -7.35
CA LYS A 58 -9.08 1.54 -8.11
C LYS A 58 -8.05 2.19 -7.20
N LEU A 59 -8.51 2.58 -6.02
CA LEU A 59 -7.64 3.22 -5.04
C LEU A 59 -6.47 2.28 -4.73
N ALA A 60 -6.80 1.01 -4.53
CA ALA A 60 -5.79 0.01 -4.22
C ALA A 60 -4.77 -0.03 -5.35
N GLU A 61 -5.18 -0.60 -6.47
CA GLU A 61 -4.32 -0.71 -7.62
C GLU A 61 -3.51 0.57 -7.81
N GLU A 62 -4.18 1.69 -7.59
CA GLU A 62 -3.55 2.99 -7.73
C GLU A 62 -2.42 3.15 -6.70
N GLN A 63 -2.77 2.86 -5.45
CA GLN A 63 -1.81 2.96 -4.37
C GLN A 63 -0.52 2.24 -4.74
N GLN A 64 -0.68 1.05 -5.31
CA GLN A 64 0.46 0.26 -5.71
C GLN A 64 1.14 0.87 -6.93
N ARG A 65 0.39 1.72 -7.62
CA ARG A 65 0.90 2.38 -8.81
C ARG A 65 1.71 3.63 -8.42
N GLN A 66 1.25 4.28 -7.36
CA GLN A 66 1.91 5.48 -6.87
C GLN A 66 3.07 5.11 -5.94
N TYR A 67 2.80 4.13 -5.09
CA TYR A 67 3.80 3.67 -4.14
C TYR A 67 5.12 3.35 -4.85
N LYS A 68 5.02 3.13 -6.16
CA LYS A 68 6.18 2.81 -6.96
C LYS A 68 7.01 4.09 -7.17
N VAL A 69 6.37 5.08 -7.77
CA VAL A 69 7.03 6.34 -8.03
C VAL A 69 7.52 6.94 -6.70
N HIS A 70 6.70 6.81 -5.69
CA HIS A 70 7.04 7.33 -4.37
C HIS A 70 8.50 7.01 -4.06
N LEU A 71 8.85 5.74 -4.25
CA LEU A 71 10.21 5.30 -3.99
C LEU A 71 11.19 6.20 -4.74
N ASP A 72 10.90 6.40 -6.02
CA ASP A 72 11.74 7.24 -6.85
C ASP A 72 11.86 8.63 -6.22
N LEU A 73 10.73 9.14 -5.78
CA LEU A 73 10.69 10.45 -5.15
C LEU A 73 11.48 10.41 -3.84
N TRP A 74 11.27 9.32 -3.10
CA TRP A 74 11.94 9.14 -1.83
C TRP A 74 13.44 9.05 -2.10
N VAL A 75 13.77 8.52 -3.27
CA VAL A 75 15.16 8.37 -3.65
C VAL A 75 15.76 9.76 -3.91
N LYS A 76 15.07 10.53 -4.73
CA LYS A 76 15.52 11.87 -5.06
C LYS A 76 15.87 12.62 -3.77
N SER A 77 15.26 12.17 -2.68
CA SER A 77 15.50 12.79 -1.39
C SER A 77 16.70 12.14 -0.70
N LEU A 78 16.87 10.86 -0.98
CA LEU A 78 17.98 10.11 -0.41
C LEU A 78 19.28 10.88 -0.63
N SER A 79 19.97 11.15 0.47
CA SER A 79 21.23 11.87 0.40
C SER A 79 22.14 11.25 -0.66
N PRO A 80 23.35 11.86 -0.81
CA PRO A 80 24.32 11.37 -1.78
C PRO A 80 24.99 10.09 -1.28
N GLN A 81 24.84 9.85 0.00
CA GLN A 81 25.42 8.66 0.61
C GLN A 81 24.41 7.52 0.65
N ASP A 82 23.24 7.83 1.19
CA ASP A 82 22.17 6.85 1.29
C ASP A 82 21.88 6.27 -0.10
N ARG A 83 21.63 7.17 -1.04
CA ARG A 83 21.33 6.77 -2.40
C ARG A 83 22.49 5.94 -2.97
N ALA A 84 23.70 6.42 -2.71
CA ALA A 84 24.89 5.73 -3.19
C ALA A 84 24.80 4.25 -2.83
N ALA A 85 24.35 4.00 -1.61
CA ALA A 85 24.20 2.63 -1.13
C ALA A 85 22.99 1.99 -1.80
N TYR A 86 21.85 2.65 -1.64
CA TYR A 86 20.61 2.15 -2.21
C TYR A 86 20.79 1.79 -3.69
N LYS A 87 21.15 2.81 -4.47
CA LYS A 87 21.37 2.61 -5.89
C LYS A 87 22.40 1.50 -6.11
N GLU A 88 23.47 1.57 -5.32
CA GLU A 88 24.53 0.58 -5.42
C GLU A 88 23.93 -0.83 -5.44
N TYR A 89 22.82 -0.97 -4.75
CA TYR A 89 22.14 -2.27 -4.68
C TYR A 89 21.13 -2.41 -5.82
N ILE A 90 20.46 -1.31 -6.13
CA ILE A 90 19.47 -1.30 -7.19
C ILE A 90 20.12 -1.76 -8.50
N SER A 91 21.14 -1.02 -8.91
CA SER A 91 21.84 -1.33 -10.13
C SER A 91 22.05 -2.84 -10.25
N ASN A 92 22.45 -3.45 -9.13
CA ASN A 92 22.67 -4.87 -9.10
C ASN A 92 21.44 -5.57 -8.51
N LYS A 93 20.35 -5.51 -9.27
CA LYS A 93 19.10 -6.12 -8.84
C LYS A 93 18.00 -5.78 -9.84
N ARG A 94 17.61 -4.51 -9.83
CA ARG A 94 16.58 -4.04 -10.74
C ARG A 94 17.13 -3.88 -12.15
N LYS A 95 18.15 -3.05 -12.26
CA LYS A 95 18.77 -2.79 -13.54
C LYS A 95 19.87 -3.83 -13.78
N SER A 96 20.47 -3.74 -14.96
CA SER A 96 21.53 -4.67 -15.32
C SER A 96 22.07 -4.33 -16.73
N GLY A 97 23.01 -3.40 -16.76
CA GLY A 97 23.60 -2.97 -18.01
C GLY A 97 25.03 -2.48 -17.80
N PRO A 98 25.86 -2.67 -18.85
CA PRO A 98 27.25 -2.25 -18.79
C PRO A 98 27.37 -0.73 -18.93
N SER A 99 26.94 -0.24 -20.09
CA SER A 99 26.98 1.19 -20.37
C SER A 99 26.41 1.47 -21.75
N SER A 100 26.32 2.76 -22.07
CA SER A 100 25.78 3.18 -23.35
C SER A 100 24.31 2.78 -23.46
N GLY A 101 23.62 3.44 -24.36
CA GLY A 101 22.21 3.17 -24.58
C GLY A 101 21.45 4.42 -25.01
N GLY A 1 -4.06 1.44 20.84
CA GLY A 1 -2.71 1.96 20.67
C GLY A 1 -2.10 1.49 19.34
N SER A 2 -1.14 2.26 18.87
CA SER A 2 -0.47 1.94 17.61
C SER A 2 0.72 2.87 17.40
N SER A 3 1.83 2.29 16.99
CA SER A 3 3.04 3.05 16.74
C SER A 3 3.89 2.36 15.67
N GLY A 4 4.08 3.09 14.57
CA GLY A 4 4.87 2.55 13.46
C GLY A 4 5.83 3.62 12.93
N SER A 5 6.81 3.15 12.17
CA SER A 5 7.80 4.03 11.59
C SER A 5 8.27 3.49 10.24
N SER A 6 7.73 4.07 9.17
CA SER A 6 8.09 3.66 7.83
C SER A 6 7.48 4.62 6.81
N GLY A 7 8.22 4.84 5.73
CA GLY A 7 7.77 5.73 4.68
C GLY A 7 6.48 5.21 4.04
N PRO A 8 6.64 4.56 2.86
CA PRO A 8 5.50 4.03 2.13
C PRO A 8 4.99 2.75 2.80
N LYS A 9 3.69 2.75 3.10
CA LYS A 9 3.07 1.60 3.72
C LYS A 9 2.54 0.65 2.66
N LYS A 10 2.66 -0.64 2.94
CA LYS A 10 2.20 -1.66 2.00
C LYS A 10 0.72 -1.44 1.70
N PRO A 11 0.45 -0.99 0.45
CA PRO A 11 -0.92 -0.74 0.02
C PRO A 11 -1.66 -2.05 -0.25
N PRO A 12 -2.99 -1.91 -0.51
CA PRO A 12 -3.82 -3.08 -0.78
C PRO A 12 -3.55 -3.63 -2.18
N MET A 13 -4.04 -4.84 -2.42
CA MET A 13 -3.86 -5.48 -3.70
C MET A 13 -5.21 -5.71 -4.39
N ASN A 14 -6.26 -5.67 -3.59
CA ASN A 14 -7.60 -5.88 -4.11
C ASN A 14 -8.56 -4.89 -3.43
N GLY A 15 -9.59 -4.50 -4.17
CA GLY A 15 -10.57 -3.58 -3.67
C GLY A 15 -10.98 -3.93 -2.23
N TYR A 16 -11.18 -5.21 -2.01
CA TYR A 16 -11.56 -5.69 -0.69
C TYR A 16 -10.59 -5.20 0.38
N GLN A 17 -9.38 -5.72 0.32
CA GLN A 17 -8.35 -5.35 1.27
C GLN A 17 -8.37 -3.83 1.50
N LYS A 18 -8.61 -3.11 0.42
CA LYS A 18 -8.66 -1.66 0.49
C LYS A 18 -9.84 -1.23 1.36
N PHE A 19 -11.03 -1.66 0.96
CA PHE A 19 -12.24 -1.33 1.68
C PHE A 19 -12.12 -1.76 3.15
N SER A 20 -11.58 -2.95 3.35
CA SER A 20 -11.41 -3.49 4.69
C SER A 20 -10.56 -2.53 5.52
N GLN A 21 -9.36 -2.26 5.03
CA GLN A 21 -8.46 -1.36 5.73
C GLN A 21 -9.20 -0.10 6.20
N GLU A 22 -10.19 0.28 5.41
CA GLU A 22 -10.98 1.45 5.74
C GLU A 22 -11.76 1.23 7.04
N LEU A 23 -12.31 0.05 7.16
CA LEU A 23 -13.08 -0.31 8.35
C LEU A 23 -12.12 -0.49 9.52
N LEU A 24 -10.89 -0.87 9.20
CA LEU A 24 -9.87 -1.08 10.22
C LEU A 24 -9.38 0.27 10.72
N SER A 25 -9.46 1.26 9.84
CA SER A 25 -9.02 2.60 10.18
C SER A 25 -10.21 3.44 10.65
N ASN A 26 -11.39 3.02 10.24
CA ASN A 26 -12.61 3.71 10.61
C ASN A 26 -12.96 3.39 12.07
N GLY A 27 -13.23 2.11 12.31
CA GLY A 27 -13.57 1.67 13.64
C GLY A 27 -15.08 1.47 13.78
N GLU A 28 -15.71 1.14 12.66
CA GLU A 28 -17.14 0.93 12.64
C GLU A 28 -17.49 -0.41 13.32
N LEU A 29 -16.47 -1.25 13.45
CA LEU A 29 -16.64 -2.55 14.07
C LEU A 29 -15.61 -2.71 15.20
N ASN A 30 -15.36 -1.61 15.90
CA ASN A 30 -14.41 -1.62 16.98
C ASN A 30 -15.09 -2.16 18.24
N HIS A 31 -16.37 -2.45 18.11
CA HIS A 31 -17.15 -2.97 19.23
C HIS A 31 -16.79 -4.44 19.45
N LEU A 32 -16.16 -5.03 18.44
CA LEU A 32 -15.76 -6.41 18.52
C LEU A 32 -14.25 -6.53 18.30
N PRO A 33 -13.70 -7.73 18.58
CA PRO A 33 -12.28 -7.97 18.43
C PRO A 33 -11.92 -8.13 16.95
N LEU A 34 -10.63 -7.95 16.68
CA LEU A 34 -10.13 -8.06 15.32
C LEU A 34 -10.81 -9.24 14.63
N LYS A 35 -10.67 -10.40 15.24
CA LYS A 35 -11.26 -11.61 14.70
C LYS A 35 -12.61 -11.28 14.06
N GLU A 36 -13.57 -10.91 14.90
CA GLU A 36 -14.89 -10.57 14.42
C GLU A 36 -14.80 -9.50 13.32
N ARG A 37 -14.08 -8.43 13.64
CA ARG A 37 -13.92 -7.34 12.69
C ARG A 37 -13.73 -7.89 11.28
N MET A 38 -12.65 -8.64 11.11
CA MET A 38 -12.35 -9.23 9.81
C MET A 38 -13.59 -9.90 9.21
N VAL A 39 -14.00 -10.99 9.85
CA VAL A 39 -15.17 -11.72 9.39
C VAL A 39 -16.31 -10.75 9.12
N GLU A 40 -16.52 -9.85 10.07
CA GLU A 40 -17.57 -8.86 9.95
C GLU A 40 -17.37 -8.02 8.68
N ILE A 41 -16.10 -7.69 8.43
CA ILE A 41 -15.76 -6.90 7.26
C ILE A 41 -16.18 -7.66 6.00
N GLY A 42 -15.69 -8.87 5.88
CA GLY A 42 -16.00 -9.70 4.73
C GLY A 42 -17.49 -9.61 4.38
N SER A 43 -18.31 -9.55 5.42
CA SER A 43 -19.74 -9.46 5.24
C SER A 43 -20.10 -8.13 4.57
N ARG A 44 -19.63 -7.05 5.17
CA ARG A 44 -19.89 -5.72 4.64
C ARG A 44 -19.43 -5.62 3.19
N TRP A 45 -18.30 -6.27 2.91
CA TRP A 45 -17.75 -6.26 1.56
C TRP A 45 -18.72 -7.03 0.65
N GLN A 46 -19.35 -8.05 1.24
CA GLN A 46 -20.29 -8.87 0.50
C GLN A 46 -21.66 -8.17 0.42
N ARG A 47 -21.77 -7.09 1.17
CA ARG A 47 -23.01 -6.33 1.18
C ARG A 47 -22.98 -5.23 0.13
N ILE A 48 -21.83 -4.58 0.04
CA ILE A 48 -21.65 -3.51 -0.92
C ILE A 48 -22.07 -4.00 -2.31
N SER A 49 -21.90 -3.12 -3.29
CA SER A 49 -22.25 -3.45 -4.66
C SER A 49 -21.02 -3.39 -5.55
N GLN A 50 -21.22 -3.67 -6.83
CA GLN A 50 -20.13 -3.65 -7.80
C GLN A 50 -19.42 -2.30 -7.75
N SER A 51 -20.20 -1.24 -7.89
CA SER A 51 -19.64 0.11 -7.85
C SER A 51 -18.54 0.19 -6.80
N GLN A 52 -18.87 -0.29 -5.61
CA GLN A 52 -17.92 -0.26 -4.50
C GLN A 52 -16.70 -1.14 -4.83
N LYS A 53 -16.97 -2.44 -4.94
CA LYS A 53 -15.92 -3.39 -5.24
C LYS A 53 -15.04 -2.84 -6.36
N GLU A 54 -15.70 -2.38 -7.41
CA GLU A 54 -15.00 -1.82 -8.55
C GLU A 54 -14.18 -0.59 -8.13
N HIS A 55 -14.90 0.42 -7.64
CA HIS A 55 -14.26 1.65 -7.20
C HIS A 55 -13.06 1.31 -6.32
N TYR A 56 -13.37 0.75 -5.16
CA TYR A 56 -12.33 0.37 -4.21
C TYR A 56 -11.18 -0.35 -4.91
N LYS A 57 -11.55 -1.28 -5.78
CA LYS A 57 -10.56 -2.04 -6.52
C LYS A 57 -9.67 -1.09 -7.33
N LYS A 58 -10.30 -0.03 -7.83
CA LYS A 58 -9.58 0.96 -8.60
C LYS A 58 -8.65 1.75 -7.68
N LEU A 59 -9.22 2.25 -6.60
CA LEU A 59 -8.46 3.01 -5.63
C LEU A 59 -7.18 2.26 -5.28
N ALA A 60 -7.35 1.01 -4.89
CA ALA A 60 -6.21 0.18 -4.53
C ALA A 60 -5.07 0.44 -5.50
N GLU A 61 -5.39 0.43 -6.79
CA GLU A 61 -4.40 0.67 -7.81
C GLU A 61 -3.65 1.97 -7.55
N GLU A 62 -4.43 3.03 -7.29
CA GLU A 62 -3.86 4.33 -7.01
C GLU A 62 -2.79 4.23 -5.93
N GLN A 63 -3.20 3.70 -4.79
CA GLN A 63 -2.30 3.54 -3.67
C GLN A 63 -0.94 3.02 -4.15
N GLN A 64 -1.00 2.05 -5.06
CA GLN A 64 0.20 1.45 -5.61
C GLN A 64 0.90 2.45 -6.54
N ARG A 65 0.09 3.20 -7.26
CA ARG A 65 0.61 4.19 -8.19
C ARG A 65 1.49 5.20 -7.46
N GLN A 66 1.00 5.65 -6.32
CA GLN A 66 1.73 6.61 -5.51
C GLN A 66 2.91 5.93 -4.82
N TYR A 67 2.65 4.77 -4.25
CA TYR A 67 3.68 4.02 -3.56
C TYR A 67 4.94 3.92 -4.42
N LYS A 68 4.74 3.51 -5.66
CA LYS A 68 5.85 3.36 -6.59
C LYS A 68 6.58 4.70 -6.72
N VAL A 69 5.84 5.77 -6.46
CA VAL A 69 6.40 7.11 -6.54
C VAL A 69 7.05 7.47 -5.20
N HIS A 70 6.29 7.24 -4.14
CA HIS A 70 6.78 7.54 -2.80
C HIS A 70 8.23 7.09 -2.67
N LEU A 71 8.48 5.85 -3.10
CA LEU A 71 9.83 5.30 -3.04
C LEU A 71 10.82 6.34 -3.54
N ASP A 72 10.71 6.65 -4.83
CA ASP A 72 11.61 7.62 -5.44
C ASP A 72 11.76 8.82 -4.51
N LEU A 73 10.63 9.28 -3.99
CA LEU A 73 10.63 10.42 -3.09
C LEU A 73 11.43 10.08 -1.84
N TRP A 74 11.24 8.86 -1.36
CA TRP A 74 11.94 8.40 -0.18
C TRP A 74 13.43 8.31 -0.51
N VAL A 75 13.70 7.93 -1.76
CA VAL A 75 15.06 7.80 -2.22
C VAL A 75 15.75 9.17 -2.18
N LYS A 76 15.11 10.14 -2.80
CA LYS A 76 15.64 11.50 -2.84
C LYS A 76 16.00 11.93 -1.42
N SER A 77 15.37 11.29 -0.46
CA SER A 77 15.62 11.60 0.94
C SER A 77 16.80 10.78 1.46
N LEU A 78 16.96 9.60 0.89
CA LEU A 78 18.04 8.71 1.27
C LEU A 78 19.37 9.47 1.18
N SER A 79 20.16 9.35 2.23
CA SER A 79 21.45 10.01 2.28
C SER A 79 22.33 9.54 1.12
N PRO A 80 23.56 10.12 1.05
CA PRO A 80 24.49 9.77 0.00
C PRO A 80 25.11 8.39 0.25
N GLN A 81 24.96 7.93 1.49
CA GLN A 81 25.51 6.64 1.87
C GLN A 81 24.43 5.56 1.73
N ASP A 82 23.23 5.89 2.16
CA ASP A 82 22.12 4.97 2.09
C ASP A 82 21.78 4.69 0.62
N ARG A 83 21.45 5.76 -0.09
CA ARG A 83 21.10 5.66 -1.49
C ARG A 83 22.17 4.85 -2.24
N ALA A 84 23.42 5.22 -2.00
CA ALA A 84 24.53 4.54 -2.64
C ALA A 84 24.31 3.03 -2.58
N ALA A 85 23.60 2.61 -1.54
CA ALA A 85 23.32 1.20 -1.34
C ALA A 85 22.08 0.82 -2.17
N TYR A 86 21.04 1.63 -2.03
CA TYR A 86 19.81 1.39 -2.75
C TYR A 86 20.06 1.30 -4.25
N LYS A 87 20.58 2.39 -4.81
CA LYS A 87 20.87 2.43 -6.22
C LYS A 87 21.80 1.27 -6.60
N GLU A 88 22.74 0.99 -5.70
CA GLU A 88 23.69 -0.08 -5.91
C GLU A 88 22.95 -1.38 -6.25
N TYR A 89 21.82 -1.57 -5.58
CA TYR A 89 21.02 -2.76 -5.80
C TYR A 89 20.15 -2.61 -7.06
N ILE A 90 19.72 -1.38 -7.29
CA ILE A 90 18.88 -1.10 -8.45
C ILE A 90 19.62 -1.52 -9.71
N SER A 91 20.85 -1.05 -9.83
CA SER A 91 21.67 -1.38 -10.99
C SER A 91 21.61 -2.88 -11.28
N ASN A 92 21.82 -3.66 -10.22
CA ASN A 92 21.78 -5.11 -10.35
C ASN A 92 20.36 -5.61 -10.06
N LYS A 93 19.42 -5.12 -10.85
CA LYS A 93 18.02 -5.51 -10.69
C LYS A 93 17.33 -5.46 -12.05
N ARG A 94 17.37 -4.28 -12.66
CA ARG A 94 16.74 -4.09 -13.96
C ARG A 94 17.72 -4.48 -15.08
N LYS A 95 17.17 -4.60 -16.28
CA LYS A 95 17.96 -4.96 -17.43
C LYS A 95 18.64 -6.31 -17.18
N SER A 96 19.30 -6.82 -18.22
CA SER A 96 19.99 -8.09 -18.12
C SER A 96 21.49 -7.89 -18.24
N GLY A 97 21.90 -7.34 -19.39
CA GLY A 97 23.30 -7.09 -19.64
C GLY A 97 23.67 -7.46 -21.08
N PRO A 98 23.72 -6.42 -21.95
CA PRO A 98 24.06 -6.62 -23.34
C PRO A 98 25.57 -6.87 -23.51
N SER A 99 25.88 -8.09 -23.94
CA SER A 99 27.27 -8.48 -24.15
C SER A 99 27.64 -8.29 -25.61
N SER A 100 28.71 -7.52 -25.82
CA SER A 100 29.19 -7.26 -27.17
C SER A 100 30.33 -8.21 -27.51
N GLY A 101 31.37 -8.17 -26.69
CA GLY A 101 32.52 -9.03 -26.90
C GLY A 101 32.56 -10.16 -25.86
N GLY A 1 0.42 18.66 11.51
CA GLY A 1 1.72 18.17 11.04
C GLY A 1 1.79 18.21 9.51
N SER A 2 2.89 18.77 9.02
CA SER A 2 3.09 18.86 7.59
C SER A 2 4.59 18.96 7.28
N SER A 3 5.14 17.87 6.78
CA SER A 3 6.55 17.83 6.44
C SER A 3 6.73 17.65 4.93
N GLY A 4 6.16 16.56 4.42
CA GLY A 4 6.25 16.26 3.00
C GLY A 4 5.85 14.81 2.72
N SER A 5 6.41 14.27 1.64
CA SER A 5 6.13 12.91 1.26
C SER A 5 6.27 11.97 2.47
N SER A 6 7.47 11.96 3.01
CA SER A 6 7.76 11.12 4.17
C SER A 6 7.69 9.65 3.77
N GLY A 7 8.26 8.81 4.63
CA GLY A 7 8.26 7.38 4.38
C GLY A 7 6.92 6.92 3.83
N PRO A 8 6.97 6.33 2.60
CA PRO A 8 5.77 5.84 1.95
C PRO A 8 5.30 4.54 2.58
N LYS A 9 4.00 4.50 2.90
CA LYS A 9 3.42 3.32 3.51
C LYS A 9 2.93 2.38 2.41
N LYS A 10 2.80 1.11 2.79
CA LYS A 10 2.35 0.10 1.84
C LYS A 10 0.84 0.25 1.64
N PRO A 11 0.47 0.60 0.37
CA PRO A 11 -0.93 0.79 0.03
C PRO A 11 -1.64 -0.56 -0.11
N PRO A 12 -2.98 -0.49 -0.31
CA PRO A 12 -3.78 -1.69 -0.46
C PRO A 12 -3.58 -2.31 -1.84
N MET A 13 -4.44 -3.27 -2.16
CA MET A 13 -4.37 -3.94 -3.44
C MET A 13 -5.72 -4.56 -3.81
N ASN A 14 -5.89 -4.82 -5.10
CA ASN A 14 -7.12 -5.41 -5.59
C ASN A 14 -8.27 -4.41 -5.40
N GLY A 15 -8.68 -4.25 -4.15
CA GLY A 15 -9.76 -3.35 -3.82
C GLY A 15 -10.39 -3.71 -2.47
N TYR A 16 -10.37 -5.00 -2.17
CA TYR A 16 -10.93 -5.48 -0.92
C TYR A 16 -10.15 -4.94 0.28
N GLN A 17 -8.84 -5.01 0.17
CA GLN A 17 -7.97 -4.53 1.24
C GLN A 17 -8.17 -3.03 1.45
N LYS A 18 -8.60 -2.37 0.39
CA LYS A 18 -8.83 -0.94 0.44
C LYS A 18 -10.03 -0.65 1.36
N PHE A 19 -11.18 -1.19 0.98
CA PHE A 19 -12.39 -1.01 1.76
C PHE A 19 -12.18 -1.43 3.21
N SER A 20 -11.53 -2.57 3.37
CA SER A 20 -11.26 -3.10 4.70
C SER A 20 -10.60 -2.01 5.57
N GLN A 21 -9.47 -1.52 5.09
CA GLN A 21 -8.75 -0.49 5.80
C GLN A 21 -9.71 0.57 6.33
N GLU A 22 -10.74 0.83 5.54
CA GLU A 22 -11.75 1.82 5.92
C GLU A 22 -12.44 1.41 7.21
N LEU A 23 -12.79 0.13 7.28
CA LEU A 23 -13.45 -0.41 8.45
C LEU A 23 -12.47 -0.42 9.63
N LEU A 24 -11.20 -0.56 9.31
CA LEU A 24 -10.16 -0.59 10.32
C LEU A 24 -9.92 0.83 10.83
N SER A 25 -10.19 1.79 9.95
CA SER A 25 -10.00 3.20 10.30
C SER A 25 -11.33 3.80 10.77
N ASN A 26 -12.40 3.13 10.40
CA ASN A 26 -13.73 3.59 10.77
C ASN A 26 -14.00 3.21 12.24
N GLY A 27 -13.96 1.91 12.49
CA GLY A 27 -14.20 1.41 13.83
C GLY A 27 -15.62 0.85 13.96
N GLU A 28 -16.17 0.43 12.83
CA GLU A 28 -17.51 -0.12 12.80
C GLU A 28 -17.50 -1.54 13.38
N LEU A 29 -16.32 -2.11 13.44
CA LEU A 29 -16.16 -3.47 13.97
C LEU A 29 -15.16 -3.45 15.12
N ASN A 30 -15.25 -2.40 15.93
CA ASN A 30 -14.37 -2.26 17.08
C ASN A 30 -14.98 -2.96 18.29
N HIS A 31 -16.05 -3.69 18.02
CA HIS A 31 -16.75 -4.41 19.08
C HIS A 31 -16.11 -5.79 19.26
N LEU A 32 -15.42 -6.24 18.22
CA LEU A 32 -14.76 -7.53 18.25
C LEU A 32 -13.28 -7.35 17.96
N PRO A 33 -12.49 -8.43 18.26
CA PRO A 33 -11.06 -8.39 18.05
C PRO A 33 -10.73 -8.52 16.55
N LEU A 34 -9.52 -8.10 16.21
CA LEU A 34 -9.08 -8.16 14.83
C LEU A 34 -9.43 -9.52 14.24
N LYS A 35 -8.94 -10.56 14.90
CA LYS A 35 -9.20 -11.92 14.46
C LYS A 35 -10.65 -12.03 13.98
N GLU A 36 -11.50 -11.20 14.57
CA GLU A 36 -12.90 -11.20 14.21
C GLU A 36 -13.18 -10.12 13.17
N ARG A 37 -12.53 -8.98 13.35
CA ARG A 37 -12.69 -7.86 12.43
C ARG A 37 -12.43 -8.32 11.00
N MET A 38 -11.27 -8.93 10.80
CA MET A 38 -10.89 -9.42 9.48
C MET A 38 -11.95 -10.37 8.92
N VAL A 39 -12.82 -10.83 9.81
CA VAL A 39 -13.88 -11.74 9.43
C VAL A 39 -15.12 -10.93 9.03
N GLU A 40 -15.58 -10.13 9.98
CA GLU A 40 -16.76 -9.30 9.76
C GLU A 40 -16.60 -8.51 8.46
N ILE A 41 -15.39 -8.01 8.24
CA ILE A 41 -15.10 -7.23 7.05
C ILE A 41 -15.42 -8.07 5.81
N GLY A 42 -14.73 -9.20 5.71
CA GLY A 42 -14.94 -10.09 4.58
C GLY A 42 -16.42 -10.20 4.22
N SER A 43 -17.25 -10.17 5.25
CA SER A 43 -18.68 -10.26 5.06
C SER A 43 -19.21 -8.98 4.42
N ARG A 44 -18.88 -7.86 5.04
CA ARG A 44 -19.31 -6.56 4.54
C ARG A 44 -18.86 -6.38 3.09
N TRP A 45 -17.62 -6.77 2.84
CA TRP A 45 -17.07 -6.65 1.50
C TRP A 45 -17.90 -7.52 0.56
N GLN A 46 -18.46 -8.59 1.12
CA GLN A 46 -19.29 -9.50 0.35
C GLN A 46 -20.71 -8.97 0.25
N ARG A 47 -20.95 -7.88 0.98
CA ARG A 47 -22.28 -7.27 0.98
C ARG A 47 -22.33 -6.12 -0.02
N ILE A 48 -21.25 -5.33 -0.03
CA ILE A 48 -21.16 -4.20 -0.94
C ILE A 48 -21.51 -4.66 -2.35
N SER A 49 -21.47 -3.70 -3.28
CA SER A 49 -21.78 -4.00 -4.67
C SER A 49 -20.54 -3.76 -5.54
N GLN A 50 -20.70 -4.06 -6.82
CA GLN A 50 -19.59 -3.89 -7.76
C GLN A 50 -19.01 -2.48 -7.65
N SER A 51 -19.90 -1.50 -7.74
CA SER A 51 -19.49 -0.10 -7.65
C SER A 51 -18.42 0.06 -6.57
N GLN A 52 -18.68 -0.57 -5.43
CA GLN A 52 -17.75 -0.50 -4.31
C GLN A 52 -16.45 -1.23 -4.66
N LYS A 53 -16.59 -2.54 -4.88
CA LYS A 53 -15.44 -3.36 -5.22
C LYS A 53 -14.62 -2.66 -6.30
N GLU A 54 -15.32 -2.24 -7.35
CA GLU A 54 -14.67 -1.55 -8.46
C GLU A 54 -14.00 -0.27 -7.97
N HIS A 55 -14.83 0.63 -7.44
CA HIS A 55 -14.33 1.90 -6.94
C HIS A 55 -13.10 1.65 -6.05
N TYR A 56 -13.34 0.97 -4.94
CA TYR A 56 -12.28 0.66 -4.00
C TYR A 56 -11.07 0.07 -4.72
N LYS A 57 -11.35 -0.80 -5.68
CA LYS A 57 -10.30 -1.44 -6.44
C LYS A 57 -9.52 -0.37 -7.22
N LYS A 58 -10.26 0.44 -7.95
CA LYS A 58 -9.65 1.50 -8.74
C LYS A 58 -8.76 2.35 -7.84
N LEU A 59 -9.31 2.74 -6.71
CA LEU A 59 -8.57 3.55 -5.75
C LEU A 59 -7.25 2.86 -5.42
N ALA A 60 -7.36 1.63 -4.96
CA ALA A 60 -6.18 0.85 -4.60
C ALA A 60 -5.09 1.09 -5.64
N GLU A 61 -5.49 1.06 -6.90
CA GLU A 61 -4.56 1.26 -7.99
C GLU A 61 -3.83 2.60 -7.82
N GLU A 62 -4.62 3.63 -7.54
CA GLU A 62 -4.08 4.96 -7.36
C GLU A 62 -3.03 4.96 -6.24
N GLN A 63 -3.48 4.58 -5.06
CA GLN A 63 -2.61 4.52 -3.90
C GLN A 63 -1.25 3.92 -4.29
N GLN A 64 -1.33 2.90 -5.13
CA GLN A 64 -0.12 2.22 -5.59
C GLN A 64 0.61 3.07 -6.63
N ARG A 65 -0.18 3.73 -7.46
CA ARG A 65 0.37 4.58 -8.49
C ARG A 65 1.33 5.61 -7.88
N GLN A 66 0.79 6.37 -6.93
CA GLN A 66 1.58 7.40 -6.26
C GLN A 66 2.75 6.76 -5.51
N TYR A 67 2.44 5.70 -4.76
CA TYR A 67 3.46 5.00 -4.01
C TYR A 67 4.71 4.75 -4.86
N LYS A 68 4.47 4.18 -6.03
CA LYS A 68 5.55 3.87 -6.95
C LYS A 68 6.35 5.15 -7.22
N VAL A 69 5.66 6.27 -7.17
CA VAL A 69 6.28 7.56 -7.41
C VAL A 69 6.94 8.05 -6.13
N HIS A 70 6.13 8.17 -5.09
CA HIS A 70 6.62 8.63 -3.80
C HIS A 70 7.90 7.87 -3.44
N LEU A 71 7.80 6.55 -3.54
CA LEU A 71 8.94 5.69 -3.22
C LEU A 71 10.18 6.22 -3.92
N ASP A 72 10.00 6.60 -5.19
CA ASP A 72 11.09 7.13 -5.97
C ASP A 72 11.52 8.49 -5.41
N LEU A 73 10.53 9.29 -5.07
CA LEU A 73 10.79 10.61 -4.52
C LEU A 73 11.54 10.47 -3.20
N TRP A 74 11.24 9.38 -2.50
CA TRP A 74 11.87 9.11 -1.22
C TRP A 74 13.34 8.73 -1.49
N VAL A 75 13.55 8.14 -2.65
CA VAL A 75 14.89 7.73 -3.04
C VAL A 75 15.72 8.96 -3.40
N LYS A 76 15.12 9.82 -4.21
CA LYS A 76 15.79 11.04 -4.63
C LYS A 76 16.28 11.80 -3.40
N SER A 77 15.67 11.49 -2.27
CA SER A 77 16.02 12.13 -1.01
C SER A 77 17.08 11.30 -0.28
N LEU A 78 17.05 10.00 -0.54
CA LEU A 78 17.99 9.09 0.08
C LEU A 78 19.42 9.58 -0.18
N SER A 79 20.16 9.76 0.91
CA SER A 79 21.53 10.22 0.81
C SER A 79 22.30 9.36 -0.20
N PRO A 80 23.61 9.72 -0.37
CA PRO A 80 24.46 8.99 -1.30
C PRO A 80 24.87 7.63 -0.72
N GLN A 81 24.70 7.51 0.59
CA GLN A 81 25.04 6.28 1.29
C GLN A 81 23.82 5.38 1.40
N ASP A 82 22.72 5.98 1.84
CA ASP A 82 21.48 5.24 2.00
C ASP A 82 21.07 4.64 0.66
N ARG A 83 21.01 5.49 -0.36
CA ARG A 83 20.63 5.06 -1.69
C ARG A 83 21.59 3.98 -2.18
N ALA A 84 22.87 4.18 -1.89
CA ALA A 84 23.89 3.23 -2.28
C ALA A 84 23.48 1.83 -1.86
N ALA A 85 22.80 1.77 -0.73
CA ALA A 85 22.33 0.49 -0.19
C ALA A 85 21.04 0.09 -0.90
N TYR A 86 20.09 1.01 -0.91
CA TYR A 86 18.81 0.77 -1.54
C TYR A 86 18.99 0.28 -2.98
N LYS A 87 19.64 1.12 -3.78
CA LYS A 87 19.89 0.78 -5.17
C LYS A 87 20.64 -0.55 -5.24
N GLU A 88 21.59 -0.70 -4.33
CA GLU A 88 22.39 -1.92 -4.28
C GLU A 88 21.49 -3.15 -4.22
N TYR A 89 20.35 -2.97 -3.57
CA TYR A 89 19.39 -4.06 -3.43
C TYR A 89 18.44 -4.10 -4.62
N ILE A 90 18.21 -2.93 -5.19
CA ILE A 90 17.32 -2.81 -6.34
C ILE A 90 17.88 -3.64 -7.50
N SER A 91 19.03 -3.20 -8.00
CA SER A 91 19.68 -3.88 -9.11
C SER A 91 19.57 -5.40 -8.93
N ASN A 92 19.88 -5.84 -7.72
CA ASN A 92 19.83 -7.26 -7.40
C ASN A 92 18.42 -7.60 -6.91
N LYS A 93 17.44 -7.31 -7.75
CA LYS A 93 16.05 -7.58 -7.41
C LYS A 93 15.24 -7.77 -8.69
N ARG A 94 15.36 -6.79 -9.58
CA ARG A 94 14.65 -6.83 -10.84
C ARG A 94 15.17 -7.97 -11.71
N LYS A 95 16.48 -7.92 -11.98
CA LYS A 95 17.11 -8.94 -12.79
C LYS A 95 18.62 -8.94 -12.50
N SER A 96 19.27 -7.87 -12.93
CA SER A 96 20.69 -7.74 -12.73
C SER A 96 21.14 -6.30 -13.04
N GLY A 97 22.36 -6.00 -12.62
CA GLY A 97 22.91 -4.67 -12.84
C GLY A 97 24.33 -4.75 -13.41
N PRO A 98 24.44 -4.38 -14.72
CA PRO A 98 25.73 -4.41 -15.39
C PRO A 98 26.62 -3.24 -14.94
N SER A 99 27.91 -3.52 -14.84
CA SER A 99 28.86 -2.51 -14.43
C SER A 99 29.86 -2.23 -15.56
N SER A 100 30.52 -3.29 -16.00
CA SER A 100 31.49 -3.17 -17.07
C SER A 100 32.66 -2.31 -16.61
N GLY A 101 33.85 -2.68 -17.07
CA GLY A 101 35.05 -1.96 -16.71
C GLY A 101 36.29 -2.87 -16.75
N GLY A 1 -2.90 2.61 21.28
CA GLY A 1 -1.47 2.78 21.04
C GLY A 1 -1.22 3.66 19.81
N SER A 2 0.03 3.65 19.36
CA SER A 2 0.41 4.44 18.20
C SER A 2 1.85 4.11 17.80
N SER A 3 2.05 3.91 16.51
CA SER A 3 3.36 3.59 15.98
C SER A 3 3.31 3.50 14.46
N GLY A 4 4.36 4.00 13.83
CA GLY A 4 4.45 3.99 12.38
C GLY A 4 5.12 5.26 11.86
N SER A 5 6.23 5.05 11.16
CA SER A 5 6.99 6.17 10.60
C SER A 5 7.81 5.69 9.41
N SER A 6 7.43 6.16 8.23
CA SER A 6 8.13 5.80 7.01
C SER A 6 7.47 6.47 5.80
N GLY A 7 8.23 6.57 4.73
CA GLY A 7 7.75 7.19 3.51
C GLY A 7 6.51 6.46 2.98
N PRO A 8 6.77 5.52 2.02
CA PRO A 8 5.69 4.75 1.43
C PRO A 8 5.20 3.67 2.40
N LYS A 9 3.91 3.39 2.31
CA LYS A 9 3.30 2.38 3.16
C LYS A 9 2.68 1.29 2.30
N LYS A 10 2.71 0.07 2.81
CA LYS A 10 2.15 -1.07 2.10
C LYS A 10 0.71 -0.74 1.68
N PRO A 11 0.55 -0.53 0.35
CA PRO A 11 -0.77 -0.21 -0.19
C PRO A 11 -1.64 -1.46 -0.25
N PRO A 12 -2.97 -1.22 -0.46
CA PRO A 12 -3.93 -2.31 -0.54
C PRO A 12 -3.81 -3.04 -1.89
N MET A 13 -4.70 -4.01 -2.07
CA MET A 13 -4.71 -4.79 -3.30
C MET A 13 -6.09 -5.40 -3.55
N ASN A 14 -6.41 -5.54 -4.82
CA ASN A 14 -7.70 -6.10 -5.21
C ASN A 14 -8.80 -5.06 -4.98
N GLY A 15 -8.90 -4.63 -3.73
CA GLY A 15 -9.90 -3.64 -3.36
C GLY A 15 -10.50 -3.96 -1.98
N TYR A 16 -10.79 -5.24 -1.78
CA TYR A 16 -11.36 -5.68 -0.52
C TYR A 16 -10.46 -5.29 0.66
N GLN A 17 -9.16 -5.51 0.46
CA GLN A 17 -8.19 -5.20 1.50
C GLN A 17 -8.24 -3.70 1.83
N LYS A 18 -8.59 -2.91 0.83
CA LYS A 18 -8.67 -1.47 1.00
C LYS A 18 -9.87 -1.14 1.88
N PHE A 19 -11.05 -1.52 1.41
CA PHE A 19 -12.27 -1.27 2.14
C PHE A 19 -12.16 -1.76 3.58
N SER A 20 -11.56 -2.94 3.73
CA SER A 20 -11.39 -3.53 5.05
C SER A 20 -10.58 -2.58 5.94
N GLN A 21 -9.40 -2.23 5.46
CA GLN A 21 -8.53 -1.33 6.20
C GLN A 21 -9.31 -0.12 6.71
N GLU A 22 -10.30 0.28 5.91
CA GLU A 22 -11.13 1.42 6.27
C GLU A 22 -11.93 1.13 7.53
N LEU A 23 -12.46 -0.10 7.59
CA LEU A 23 -13.24 -0.52 8.74
C LEU A 23 -12.31 -0.68 9.95
N LEU A 24 -11.05 -0.96 9.65
CA LEU A 24 -10.06 -1.15 10.69
C LEU A 24 -9.59 0.22 11.20
N SER A 25 -9.67 1.21 10.32
CA SER A 25 -9.27 2.55 10.66
C SER A 25 -10.49 3.36 11.12
N ASN A 26 -11.66 2.89 10.71
CA ASN A 26 -12.90 3.56 11.08
C ASN A 26 -13.24 3.25 12.53
N GLY A 27 -13.43 1.97 12.80
CA GLY A 27 -13.77 1.53 14.13
C GLY A 27 -15.25 1.18 14.25
N GLU A 28 -15.84 0.82 13.11
CA GLU A 28 -17.24 0.48 13.07
C GLU A 28 -17.46 -0.90 13.69
N LEU A 29 -16.38 -1.66 13.78
CA LEU A 29 -16.44 -2.99 14.35
C LEU A 29 -15.31 -3.17 15.36
N ASN A 30 -15.07 -2.11 16.13
CA ASN A 30 -14.03 -2.13 17.13
C ASN A 30 -14.58 -2.70 18.44
N HIS A 31 -15.87 -3.01 18.41
CA HIS A 31 -16.53 -3.55 19.58
C HIS A 31 -16.19 -5.04 19.72
N LEU A 32 -15.88 -5.65 18.57
CA LEU A 32 -15.53 -7.06 18.56
C LEU A 32 -14.03 -7.20 18.28
N PRO A 33 -13.52 -8.44 18.51
CA PRO A 33 -12.11 -8.72 18.30
C PRO A 33 -11.81 -8.84 16.80
N LEU A 34 -10.51 -8.87 16.50
CA LEU A 34 -10.07 -8.97 15.13
C LEU A 34 -10.86 -10.08 14.42
N LYS A 35 -10.76 -11.28 14.96
CA LYS A 35 -11.45 -12.42 14.40
C LYS A 35 -12.79 -11.96 13.81
N GLU A 36 -13.69 -11.59 14.71
CA GLU A 36 -15.01 -11.13 14.31
C GLU A 36 -14.88 -10.01 13.26
N ARG A 37 -14.10 -9.00 13.61
CA ARG A 37 -13.89 -7.88 12.73
C ARG A 37 -13.77 -8.35 11.29
N MET A 38 -12.76 -9.17 11.03
CA MET A 38 -12.54 -9.69 9.70
C MET A 38 -13.84 -10.24 9.10
N VAL A 39 -14.30 -11.34 9.68
CA VAL A 39 -15.53 -11.96 9.21
C VAL A 39 -16.60 -10.90 9.03
N GLU A 40 -16.73 -10.05 10.05
CA GLU A 40 -17.72 -8.98 10.01
C GLU A 40 -17.46 -8.06 8.81
N ILE A 41 -16.18 -7.90 8.51
CA ILE A 41 -15.78 -7.05 7.39
C ILE A 41 -16.20 -7.72 6.08
N GLY A 42 -15.76 -8.95 5.91
CA GLY A 42 -16.06 -9.71 4.71
C GLY A 42 -17.54 -9.57 4.36
N SER A 43 -18.38 -9.59 5.39
CA SER A 43 -19.81 -9.46 5.20
C SER A 43 -20.16 -8.10 4.61
N ARG A 44 -19.69 -7.06 5.29
CA ARG A 44 -19.94 -5.70 4.85
C ARG A 44 -19.46 -5.52 3.41
N TRP A 45 -18.33 -6.14 3.11
CA TRP A 45 -17.76 -6.06 1.78
C TRP A 45 -18.74 -6.70 0.80
N GLN A 46 -19.48 -7.67 1.31
CA GLN A 46 -20.46 -8.37 0.49
C GLN A 46 -21.74 -7.56 0.38
N ARG A 47 -21.74 -6.41 1.05
CA ARG A 47 -22.90 -5.54 1.03
C ARG A 47 -22.74 -4.47 -0.06
N ILE A 48 -21.60 -3.80 -0.03
CA ILE A 48 -21.32 -2.76 -1.00
C ILE A 48 -21.74 -3.24 -2.39
N SER A 49 -21.83 -2.30 -3.31
CA SER A 49 -22.22 -2.61 -4.67
C SER A 49 -21.00 -2.52 -5.61
N GLN A 50 -21.17 -3.08 -6.79
CA GLN A 50 -20.09 -3.07 -7.78
C GLN A 50 -19.36 -1.73 -7.75
N SER A 51 -20.12 -0.67 -7.99
CA SER A 51 -19.56 0.67 -8.00
C SER A 51 -18.51 0.80 -6.89
N GLN A 52 -18.87 0.28 -5.72
CA GLN A 52 -17.98 0.34 -4.57
C GLN A 52 -16.72 -0.50 -4.84
N LYS A 53 -16.91 -1.81 -4.83
CA LYS A 53 -15.81 -2.72 -5.06
C LYS A 53 -14.91 -2.16 -6.16
N GLU A 54 -15.54 -1.64 -7.20
CA GLU A 54 -14.81 -1.07 -8.32
C GLU A 54 -13.93 0.08 -7.84
N HIS A 55 -14.58 1.05 -7.21
CA HIS A 55 -13.86 2.22 -6.69
C HIS A 55 -12.63 1.76 -5.91
N TYR A 56 -12.89 1.06 -4.81
CA TYR A 56 -11.82 0.56 -3.98
C TYR A 56 -10.75 -0.15 -4.81
N LYS A 57 -11.19 -1.17 -5.54
CA LYS A 57 -10.29 -1.93 -6.38
C LYS A 57 -9.42 -0.96 -7.20
N LYS A 58 -10.08 0.03 -7.77
CA LYS A 58 -9.39 1.01 -8.58
C LYS A 58 -8.33 1.72 -7.72
N LEU A 59 -8.79 2.29 -6.62
CA LEU A 59 -7.90 2.99 -5.71
C LEU A 59 -6.63 2.16 -5.49
N ALA A 60 -6.85 0.93 -5.04
CA ALA A 60 -5.74 0.02 -4.78
C ALA A 60 -4.71 0.16 -5.90
N GLU A 61 -5.20 0.16 -7.13
CA GLU A 61 -4.34 0.28 -8.29
C GLU A 61 -3.54 1.58 -8.21
N GLU A 62 -4.24 2.66 -7.88
CA GLU A 62 -3.61 3.96 -7.77
C GLU A 62 -2.62 3.98 -6.61
N GLN A 63 -3.04 3.38 -5.51
CA GLN A 63 -2.21 3.32 -4.31
C GLN A 63 -0.85 2.70 -4.65
N GLN A 64 -0.90 1.54 -5.31
CA GLN A 64 0.31 0.85 -5.70
C GLN A 64 1.11 1.68 -6.70
N ARG A 65 0.37 2.42 -7.52
CA ARG A 65 0.99 3.27 -8.53
C ARG A 65 1.76 4.42 -7.86
N GLN A 66 1.11 5.01 -6.87
CA GLN A 66 1.72 6.12 -6.15
C GLN A 66 2.89 5.62 -5.31
N TYR A 67 2.64 4.53 -4.60
CA TYR A 67 3.66 3.94 -3.74
C TYR A 67 4.97 3.76 -4.51
N LYS A 68 4.85 3.70 -5.82
CA LYS A 68 6.01 3.52 -6.68
C LYS A 68 6.82 4.81 -6.71
N VAL A 69 6.24 5.83 -7.34
CA VAL A 69 6.89 7.11 -7.44
C VAL A 69 7.39 7.54 -6.06
N HIS A 70 6.55 7.29 -5.06
CA HIS A 70 6.89 7.66 -3.69
C HIS A 70 8.35 7.28 -3.42
N LEU A 71 8.64 5.99 -3.62
CA LEU A 71 9.99 5.49 -3.39
C LEU A 71 11.00 6.45 -4.02
N ASP A 72 10.72 6.80 -5.27
CA ASP A 72 11.60 7.71 -6.00
C ASP A 72 11.75 9.01 -5.22
N LEU A 73 10.60 9.52 -4.77
CA LEU A 73 10.59 10.77 -4.01
C LEU A 73 11.37 10.57 -2.71
N TRP A 74 11.12 9.43 -2.08
CA TRP A 74 11.79 9.11 -0.83
C TRP A 74 13.28 8.96 -1.11
N VAL A 75 13.58 8.45 -2.29
CA VAL A 75 14.96 8.25 -2.70
C VAL A 75 15.66 9.61 -2.80
N LYS A 76 15.02 10.51 -3.53
CA LYS A 76 15.57 11.84 -3.72
C LYS A 76 15.98 12.41 -2.37
N SER A 77 15.34 11.90 -1.32
CA SER A 77 15.63 12.35 0.03
C SER A 77 16.83 11.57 0.59
N LEU A 78 16.89 10.30 0.22
CA LEU A 78 17.97 9.44 0.68
C LEU A 78 19.31 10.17 0.49
N SER A 79 20.06 10.25 1.57
CA SER A 79 21.36 10.91 1.55
C SER A 79 22.23 10.29 0.45
N PRO A 80 23.46 10.86 0.31
CA PRO A 80 24.39 10.38 -0.69
C PRO A 80 25.03 9.05 -0.25
N GLN A 81 24.85 8.74 1.02
CA GLN A 81 25.40 7.51 1.58
C GLN A 81 24.34 6.41 1.55
N ASP A 82 23.11 6.78 1.86
CA ASP A 82 22.01 5.84 1.87
C ASP A 82 21.68 5.44 0.43
N ARG A 83 21.37 6.45 -0.37
CA ARG A 83 21.03 6.22 -1.77
C ARG A 83 22.10 5.36 -2.44
N ALA A 84 23.35 5.62 -2.07
CA ALA A 84 24.46 4.88 -2.62
C ALA A 84 24.22 3.38 -2.45
N ALA A 85 23.50 3.06 -1.38
CA ALA A 85 23.20 1.67 -1.08
C ALA A 85 21.94 1.26 -1.86
N TYR A 86 20.85 1.93 -1.55
CA TYR A 86 19.58 1.65 -2.21
C TYR A 86 19.80 1.31 -3.69
N LYS A 87 20.54 2.18 -4.36
CA LYS A 87 20.83 1.99 -5.77
C LYS A 87 21.51 0.62 -5.97
N GLU A 88 22.51 0.37 -5.12
CA GLU A 88 23.25 -0.87 -5.20
C GLU A 88 22.30 -2.04 -5.50
N TYR A 89 21.15 -2.02 -4.83
CA TYR A 89 20.16 -3.06 -5.02
C TYR A 89 19.39 -2.85 -6.34
N ILE A 90 19.12 -1.59 -6.62
CA ILE A 90 18.40 -1.25 -7.84
C ILE A 90 19.12 -1.86 -9.05
N SER A 91 20.31 -1.36 -9.29
CA SER A 91 21.12 -1.85 -10.40
C SER A 91 21.02 -3.37 -10.49
N ASN A 92 21.39 -4.02 -9.41
CA ASN A 92 21.35 -5.47 -9.35
C ASN A 92 20.05 -5.97 -9.98
N LYS A 93 18.94 -5.39 -9.52
CA LYS A 93 17.63 -5.76 -10.03
C LYS A 93 17.31 -4.91 -11.26
N ARG A 94 16.08 -5.06 -11.73
CA ARG A 94 15.64 -4.32 -12.90
C ARG A 94 16.67 -4.41 -14.01
N LYS A 95 16.42 -3.68 -15.09
CA LYS A 95 17.32 -3.67 -16.23
C LYS A 95 18.56 -2.86 -15.88
N SER A 96 19.68 -3.29 -16.46
CA SER A 96 20.94 -2.60 -16.22
C SER A 96 21.80 -2.62 -17.49
N GLY A 97 21.96 -3.82 -18.03
CA GLY A 97 22.75 -3.99 -19.25
C GLY A 97 22.19 -3.12 -20.38
N PRO A 98 23.07 -2.22 -20.90
CA PRO A 98 22.70 -1.34 -21.98
C PRO A 98 22.63 -2.08 -23.31
N SER A 99 22.39 -1.33 -24.38
CA SER A 99 22.30 -1.91 -25.70
C SER A 99 23.05 -1.03 -26.71
N SER A 100 23.33 -1.62 -27.86
CA SER A 100 24.04 -0.91 -28.91
C SER A 100 23.10 -0.65 -30.10
N GLY A 101 23.58 0.15 -31.03
CA GLY A 101 22.80 0.47 -32.21
C GLY A 101 22.56 1.99 -32.30
N GLY A 1 1.67 0.42 22.36
CA GLY A 1 1.74 1.52 21.42
C GLY A 1 2.34 1.07 20.09
N SER A 2 2.45 2.02 19.17
CA SER A 2 3.01 1.73 17.86
C SER A 2 3.81 2.93 17.35
N SER A 3 5.08 2.69 17.10
CA SER A 3 5.97 3.73 16.62
C SER A 3 6.96 3.15 15.60
N GLY A 4 6.89 3.70 14.39
CA GLY A 4 7.77 3.25 13.32
C GLY A 4 7.00 3.10 12.00
N SER A 5 7.69 3.40 10.92
CA SER A 5 7.09 3.30 9.60
C SER A 5 8.13 3.60 8.52
N SER A 6 8.22 2.68 7.57
CA SER A 6 9.18 2.81 6.49
C SER A 6 8.55 3.64 5.35
N GLY A 7 8.64 4.96 5.51
CA GLY A 7 8.09 5.86 4.51
C GLY A 7 6.80 5.30 3.91
N PRO A 8 6.93 4.67 2.72
CA PRO A 8 5.78 4.10 2.04
C PRO A 8 5.35 2.79 2.71
N LYS A 9 4.04 2.60 2.77
CA LYS A 9 3.48 1.41 3.37
C LYS A 9 2.86 0.53 2.28
N LYS A 10 2.98 -0.77 2.49
CA LYS A 10 2.44 -1.73 1.53
C LYS A 10 0.94 -1.48 1.37
N PRO A 11 0.57 -0.96 0.17
CA PRO A 11 -0.83 -0.67 -0.13
C PRO A 11 -1.60 -1.97 -0.41
N PRO A 12 -2.94 -1.81 -0.55
CA PRO A 12 -3.81 -2.94 -0.82
C PRO A 12 -3.67 -3.40 -2.28
N MET A 13 -4.16 -4.60 -2.54
CA MET A 13 -4.10 -5.16 -3.87
C MET A 13 -5.47 -5.10 -4.55
N ASN A 14 -6.41 -5.85 -3.98
CA ASN A 14 -7.75 -5.90 -4.52
C ASN A 14 -8.59 -4.79 -3.88
N GLY A 15 -9.80 -4.65 -4.39
CA GLY A 15 -10.71 -3.63 -3.87
C GLY A 15 -11.13 -3.94 -2.43
N TYR A 16 -11.20 -5.24 -2.13
CA TYR A 16 -11.59 -5.68 -0.80
C TYR A 16 -10.58 -5.19 0.24
N GLN A 17 -9.37 -5.74 0.15
CA GLN A 17 -8.32 -5.38 1.08
C GLN A 17 -8.32 -3.87 1.32
N LYS A 18 -8.75 -3.15 0.30
CA LYS A 18 -8.80 -1.69 0.38
C LYS A 18 -9.91 -1.28 1.34
N PHE A 19 -11.13 -1.64 0.96
CA PHE A 19 -12.29 -1.31 1.79
C PHE A 19 -12.09 -1.76 3.23
N SER A 20 -11.58 -2.99 3.37
CA SER A 20 -11.34 -3.54 4.69
C SER A 20 -10.39 -2.63 5.48
N GLN A 21 -9.32 -2.22 4.81
CA GLN A 21 -8.34 -1.35 5.44
C GLN A 21 -9.03 -0.12 6.03
N GLU A 22 -10.06 0.33 5.33
CA GLU A 22 -10.81 1.50 5.78
C GLU A 22 -11.49 1.21 7.12
N LEU A 23 -12.08 0.03 7.21
CA LEU A 23 -12.77 -0.38 8.42
C LEU A 23 -11.74 -0.61 9.53
N LEU A 24 -10.52 -0.92 9.12
CA LEU A 24 -9.44 -1.16 10.05
C LEU A 24 -8.85 0.17 10.52
N SER A 25 -8.97 1.16 9.65
CA SER A 25 -8.46 2.49 9.96
C SER A 25 -9.58 3.37 10.52
N ASN A 26 -10.81 2.96 10.23
CA ASN A 26 -11.97 3.69 10.70
C ASN A 26 -12.19 3.40 12.19
N GLY A 27 -12.40 2.12 12.48
CA GLY A 27 -12.63 1.70 13.85
C GLY A 27 -14.12 1.43 14.11
N GLU A 28 -14.83 1.15 13.04
CA GLU A 28 -16.25 0.87 13.13
C GLU A 28 -16.50 -0.47 13.82
N LEU A 29 -15.49 -1.32 13.75
CA LEU A 29 -15.57 -2.64 14.36
C LEU A 29 -14.39 -2.83 15.31
N ASN A 30 -14.05 -1.77 16.03
CA ASN A 30 -12.95 -1.81 16.97
C ASN A 30 -13.47 -2.27 18.33
N HIS A 31 -14.76 -2.57 18.37
CA HIS A 31 -15.39 -3.01 19.61
C HIS A 31 -15.19 -4.52 19.76
N LEU A 32 -14.77 -5.16 18.68
CA LEU A 32 -14.54 -6.58 18.68
C LEU A 32 -13.10 -6.86 18.25
N PRO A 33 -12.67 -8.14 18.46
CA PRO A 33 -11.32 -8.55 18.09
C PRO A 33 -11.20 -8.72 16.57
N LEU A 34 -9.97 -8.64 16.10
CA LEU A 34 -9.69 -8.78 14.68
C LEU A 34 -10.47 -9.98 14.13
N LYS A 35 -10.24 -11.13 14.75
CA LYS A 35 -10.90 -12.35 14.33
C LYS A 35 -12.38 -12.05 14.03
N GLU A 36 -12.90 -11.04 14.72
CA GLU A 36 -14.27 -10.64 14.53
C GLU A 36 -14.36 -9.50 13.50
N ARG A 37 -13.36 -8.63 13.54
CA ARG A 37 -13.31 -7.51 12.63
C ARG A 37 -13.36 -8.00 11.18
N MET A 38 -12.36 -8.80 10.83
CA MET A 38 -12.27 -9.34 9.49
C MET A 38 -13.60 -9.95 9.05
N VAL A 39 -13.96 -11.05 9.72
CA VAL A 39 -15.20 -11.73 9.41
C VAL A 39 -16.30 -10.70 9.13
N GLU A 40 -16.55 -9.88 10.14
CA GLU A 40 -17.57 -8.85 10.02
C GLU A 40 -17.37 -8.05 8.73
N ILE A 41 -16.12 -7.69 8.48
CA ILE A 41 -15.78 -6.93 7.30
C ILE A 41 -16.22 -7.70 6.05
N GLY A 42 -15.68 -8.90 5.93
CA GLY A 42 -16.02 -9.75 4.79
C GLY A 42 -17.51 -9.67 4.46
N SER A 43 -18.30 -9.42 5.50
CA SER A 43 -19.74 -9.31 5.33
C SER A 43 -20.09 -7.97 4.68
N ARG A 44 -19.65 -6.90 5.32
CA ARG A 44 -19.90 -5.56 4.81
C ARG A 44 -19.49 -5.46 3.35
N TRP A 45 -18.38 -6.12 3.02
CA TRP A 45 -17.88 -6.11 1.66
C TRP A 45 -18.85 -6.92 0.79
N GLN A 46 -19.45 -7.92 1.40
CA GLN A 46 -20.40 -8.76 0.70
C GLN A 46 -21.75 -8.05 0.57
N ARG A 47 -21.82 -6.87 1.15
CA ARG A 47 -23.04 -6.08 1.11
C ARG A 47 -22.97 -5.04 -0.02
N ILE A 48 -21.87 -4.29 0.00
CA ILE A 48 -21.67 -3.26 -1.01
C ILE A 48 -22.00 -3.82 -2.39
N SER A 49 -22.08 -2.93 -3.36
CA SER A 49 -22.39 -3.33 -4.73
C SER A 49 -21.14 -3.25 -5.59
N GLN A 50 -21.30 -3.58 -6.87
CA GLN A 50 -20.20 -3.54 -7.80
C GLN A 50 -19.48 -2.18 -7.74
N SER A 51 -20.27 -1.13 -7.85
CA SER A 51 -19.73 0.21 -7.80
C SER A 51 -18.61 0.30 -6.77
N GLN A 52 -19.00 0.17 -5.50
CA GLN A 52 -18.04 0.22 -4.42
C GLN A 52 -16.79 -0.60 -4.76
N LYS A 53 -16.98 -1.92 -4.74
CA LYS A 53 -15.89 -2.83 -5.05
C LYS A 53 -15.05 -2.24 -6.18
N GLU A 54 -15.74 -1.83 -7.24
CA GLU A 54 -15.08 -1.26 -8.39
C GLU A 54 -14.22 -0.06 -7.97
N HIS A 55 -14.85 0.85 -7.25
CA HIS A 55 -14.16 2.04 -6.79
C HIS A 55 -12.91 1.64 -5.99
N TYR A 56 -13.15 0.93 -4.90
CA TYR A 56 -12.06 0.49 -4.05
C TYR A 56 -10.96 -0.18 -4.88
N LYS A 57 -11.37 -1.16 -5.67
CA LYS A 57 -10.45 -1.90 -6.52
C LYS A 57 -9.70 -0.90 -7.42
N LYS A 58 -10.39 0.18 -7.75
CA LYS A 58 -9.81 1.20 -8.60
C LYS A 58 -8.78 2.00 -7.79
N LEU A 59 -9.14 2.27 -6.55
CA LEU A 59 -8.26 3.03 -5.67
C LEU A 59 -7.04 2.18 -5.31
N ALA A 60 -7.30 0.91 -5.05
CA ALA A 60 -6.24 -0.02 -4.70
C ALA A 60 -5.12 0.08 -5.74
N GLU A 61 -5.52 0.33 -6.98
CA GLU A 61 -4.57 0.46 -8.06
C GLU A 61 -3.81 1.78 -7.95
N GLU A 62 -4.54 2.81 -7.57
CA GLU A 62 -3.94 4.13 -7.42
C GLU A 62 -2.94 4.14 -6.26
N GLN A 63 -3.33 3.45 -5.19
CA GLN A 63 -2.48 3.37 -4.02
C GLN A 63 -1.11 2.80 -4.38
N GLN A 64 -1.14 1.71 -5.15
CA GLN A 64 0.09 1.06 -5.58
C GLN A 64 0.84 1.96 -6.56
N ARG A 65 0.07 2.72 -7.33
CA ARG A 65 0.65 3.62 -8.32
C ARG A 65 1.43 4.74 -7.62
N GLN A 66 0.82 5.26 -6.56
CA GLN A 66 1.45 6.34 -5.80
C GLN A 66 2.65 5.80 -5.02
N TYR A 67 2.44 4.66 -4.38
CA TYR A 67 3.49 4.05 -3.59
C TYR A 67 4.78 3.89 -4.41
N LYS A 68 4.61 3.91 -5.73
CA LYS A 68 5.74 3.78 -6.64
C LYS A 68 6.57 5.06 -6.58
N VAL A 69 5.96 6.14 -7.05
CA VAL A 69 6.64 7.43 -7.06
C VAL A 69 7.17 7.74 -5.65
N HIS A 70 6.36 7.42 -4.67
CA HIS A 70 6.73 7.66 -3.29
C HIS A 70 8.18 7.23 -3.07
N LEU A 71 8.46 5.99 -3.43
CA LEU A 71 9.79 5.43 -3.28
C LEU A 71 10.81 6.42 -3.85
N ASP A 72 10.50 6.94 -5.04
CA ASP A 72 11.37 7.88 -5.69
C ASP A 72 11.54 9.12 -4.80
N LEU A 73 10.42 9.58 -4.27
CA LEU A 73 10.42 10.75 -3.41
C LEU A 73 11.22 10.44 -2.13
N TRP A 74 11.03 9.22 -1.64
CA TRP A 74 11.71 8.78 -0.44
C TRP A 74 13.21 8.66 -0.78
N VAL A 75 13.48 8.38 -2.04
CA VAL A 75 14.85 8.23 -2.50
C VAL A 75 15.53 9.61 -2.53
N LYS A 76 14.82 10.55 -3.16
CA LYS A 76 15.35 11.90 -3.27
C LYS A 76 15.76 12.41 -1.88
N SER A 77 15.15 11.81 -0.87
CA SER A 77 15.44 12.18 0.51
C SER A 77 16.65 11.38 1.02
N LEU A 78 16.80 10.19 0.46
CA LEU A 78 17.91 9.32 0.86
C LEU A 78 19.23 10.06 0.64
N SER A 79 20.00 10.16 1.72
CA SER A 79 21.29 10.82 1.66
C SER A 79 22.14 10.23 0.53
N PRO A 80 23.36 10.80 0.38
CA PRO A 80 24.28 10.34 -0.65
C PRO A 80 24.90 9.00 -0.27
N GLN A 81 24.78 8.67 1.01
CA GLN A 81 25.33 7.42 1.51
C GLN A 81 24.25 6.33 1.51
N ASP A 82 23.05 6.74 1.89
CA ASP A 82 21.94 5.81 1.94
C ASP A 82 21.54 5.42 0.52
N ARG A 83 21.27 6.43 -0.30
CA ARG A 83 20.88 6.20 -1.68
C ARG A 83 21.91 5.30 -2.37
N ALA A 84 23.18 5.60 -2.11
CA ALA A 84 24.27 4.83 -2.71
C ALA A 84 24.06 3.35 -2.41
N ALA A 85 23.39 3.09 -1.29
CA ALA A 85 23.12 1.73 -0.87
C ALA A 85 21.90 1.20 -1.63
N TYR A 86 20.80 1.94 -1.52
CA TYR A 86 19.57 1.55 -2.19
C TYR A 86 19.84 1.09 -3.61
N LYS A 87 20.70 1.84 -4.30
CA LYS A 87 21.04 1.52 -5.67
C LYS A 87 21.69 0.14 -5.72
N GLU A 88 22.50 -0.14 -4.70
CA GLU A 88 23.19 -1.41 -4.61
C GLU A 88 22.21 -2.56 -4.88
N TYR A 89 20.99 -2.39 -4.40
CA TYR A 89 19.98 -3.40 -4.58
C TYR A 89 19.34 -3.29 -5.96
N ILE A 90 19.44 -2.10 -6.54
CA ILE A 90 18.89 -1.85 -7.85
C ILE A 90 19.83 -2.43 -8.92
N SER A 91 21.12 -2.18 -8.72
CA SER A 91 22.12 -2.66 -9.65
C SER A 91 22.53 -4.09 -9.27
N ASN A 92 21.53 -4.92 -9.03
CA ASN A 92 21.78 -6.30 -8.67
C ASN A 92 20.44 -7.00 -8.39
N LYS A 93 19.48 -6.75 -9.27
CA LYS A 93 18.17 -7.34 -9.14
C LYS A 93 17.58 -7.60 -10.52
N ARG A 94 17.40 -6.52 -11.27
CA ARG A 94 16.84 -6.62 -12.61
C ARG A 94 17.39 -7.85 -13.32
N LYS A 95 18.72 -7.89 -13.43
CA LYS A 95 19.39 -8.99 -14.09
C LYS A 95 19.21 -8.87 -15.60
N SER A 96 19.73 -7.77 -16.13
CA SER A 96 19.63 -7.51 -17.56
C SER A 96 21.04 -7.27 -18.14
N GLY A 97 21.09 -7.16 -19.45
CA GLY A 97 22.34 -6.92 -20.14
C GLY A 97 22.97 -5.60 -19.69
N PRO A 98 23.65 -4.92 -20.67
CA PRO A 98 24.29 -3.66 -20.38
C PRO A 98 23.27 -2.53 -20.27
N SER A 99 22.41 -2.44 -21.28
CA SER A 99 21.37 -1.43 -21.30
C SER A 99 22.02 -0.04 -21.39
N SER A 100 21.16 0.96 -21.55
CA SER A 100 21.64 2.34 -21.64
C SER A 100 22.43 2.53 -22.94
N GLY A 101 21.93 3.42 -23.78
CA GLY A 101 22.58 3.70 -25.04
C GLY A 101 21.74 4.66 -25.89
N GLY A 1 4.67 9.30 7.50
CA GLY A 1 5.27 8.18 8.20
C GLY A 1 5.62 8.55 9.64
N SER A 2 5.53 7.56 10.52
CA SER A 2 5.84 7.77 11.92
C SER A 2 6.72 6.63 12.44
N SER A 3 8.02 6.91 12.47
CA SER A 3 8.97 5.92 12.94
C SER A 3 8.84 4.62 12.14
N GLY A 4 9.53 4.59 11.02
CA GLY A 4 9.48 3.42 10.15
C GLY A 4 10.87 3.11 9.58
N SER A 5 10.94 3.13 8.26
CA SER A 5 12.20 2.85 7.58
C SER A 5 12.45 3.89 6.49
N SER A 6 11.49 4.00 5.58
CA SER A 6 11.59 4.95 4.49
C SER A 6 10.64 6.12 4.73
N GLY A 7 9.36 5.82 4.63
CA GLY A 7 8.33 6.83 4.82
C GLY A 7 6.94 6.29 4.46
N PRO A 8 6.74 6.10 3.13
CA PRO A 8 5.47 5.59 2.64
C PRO A 8 5.33 4.09 2.93
N LYS A 9 4.13 3.70 3.33
CA LYS A 9 3.86 2.31 3.63
C LYS A 9 3.41 1.58 2.37
N LYS A 10 3.25 0.28 2.49
CA LYS A 10 2.83 -0.53 1.36
C LYS A 10 1.30 -0.56 1.29
N PRO A 11 0.77 0.00 0.17
CA PRO A 11 -0.66 0.04 -0.02
C PRO A 11 -1.21 -1.32 -0.41
N PRO A 12 -2.57 -1.41 -0.48
CA PRO A 12 -3.23 -2.66 -0.84
C PRO A 12 -3.09 -2.93 -2.34
N MET A 13 -3.94 -3.84 -2.81
CA MET A 13 -3.93 -4.21 -4.22
C MET A 13 -5.32 -4.62 -4.68
N ASN A 14 -5.96 -5.44 -3.87
CA ASN A 14 -7.31 -5.91 -4.19
C ASN A 14 -8.34 -4.95 -3.60
N GLY A 15 -9.31 -4.62 -4.41
CA GLY A 15 -10.37 -3.71 -3.99
C GLY A 15 -10.76 -3.97 -2.53
N TYR A 16 -10.62 -5.23 -2.13
CA TYR A 16 -10.94 -5.62 -0.78
C TYR A 16 -9.94 -5.04 0.23
N GLN A 17 -8.70 -5.49 0.09
CA GLN A 17 -7.64 -5.02 0.98
C GLN A 17 -7.78 -3.52 1.22
N LYS A 18 -8.24 -2.83 0.20
CA LYS A 18 -8.41 -1.38 0.28
C LYS A 18 -9.57 -1.07 1.24
N PHE A 19 -10.74 -1.58 0.89
CA PHE A 19 -11.91 -1.36 1.70
C PHE A 19 -11.68 -1.81 3.15
N SER A 20 -11.05 -2.96 3.28
CA SER A 20 -10.75 -3.50 4.60
C SER A 20 -9.98 -2.47 5.42
N GLN A 21 -8.79 -2.16 4.95
CA GLN A 21 -7.94 -1.19 5.63
C GLN A 21 -8.76 0.01 6.08
N GLU A 22 -9.78 0.32 5.29
CA GLU A 22 -10.65 1.45 5.59
C GLU A 22 -11.40 1.20 6.90
N LEU A 23 -11.88 -0.03 7.05
CA LEU A 23 -12.60 -0.41 8.25
C LEU A 23 -11.63 -0.49 9.43
N LEU A 24 -10.42 -0.91 9.12
CA LEU A 24 -9.40 -1.05 10.15
C LEU A 24 -8.93 0.34 10.57
N SER A 25 -9.07 1.29 9.66
CA SER A 25 -8.67 2.66 9.93
C SER A 25 -9.88 3.48 10.40
N ASN A 26 -11.05 3.00 10.04
CA ASN A 26 -12.29 3.66 10.41
C ASN A 26 -12.57 3.42 11.90
N GLY A 27 -12.70 2.14 12.24
CA GLY A 27 -12.95 1.76 13.62
C GLY A 27 -14.42 1.38 13.81
N GLU A 28 -15.04 0.94 12.72
CA GLU A 28 -16.43 0.53 12.76
C GLU A 28 -16.57 -0.83 13.44
N LEU A 29 -15.48 -1.59 13.42
CA LEU A 29 -15.48 -2.91 14.03
C LEU A 29 -14.31 -2.99 15.03
N ASN A 30 -14.10 -1.90 15.73
CA ASN A 30 -13.03 -1.85 16.72
C ASN A 30 -13.57 -2.27 18.08
N HIS A 31 -14.74 -2.89 18.05
CA HIS A 31 -15.38 -3.36 19.27
C HIS A 31 -15.05 -4.83 19.49
N LEU A 32 -14.74 -5.52 18.39
CA LEU A 32 -14.40 -6.92 18.45
C LEU A 32 -12.91 -7.10 18.14
N PRO A 33 -12.42 -8.35 18.34
CA PRO A 33 -11.03 -8.67 18.08
C PRO A 33 -10.76 -8.77 16.59
N LEU A 34 -9.48 -8.72 16.25
CA LEU A 34 -9.07 -8.81 14.86
C LEU A 34 -9.87 -9.92 14.17
N LYS A 35 -9.77 -11.11 14.73
CA LYS A 35 -10.48 -12.26 14.19
C LYS A 35 -11.84 -11.81 13.63
N GLU A 36 -12.72 -11.45 14.55
CA GLU A 36 -14.05 -11.01 14.18
C GLU A 36 -13.96 -9.89 13.12
N ARG A 37 -13.15 -8.88 13.44
CA ARG A 37 -12.97 -7.76 12.53
C ARG A 37 -12.91 -8.26 11.09
N MET A 38 -11.87 -9.05 10.81
CA MET A 38 -11.68 -9.59 9.48
C MET A 38 -12.99 -10.16 8.92
N VAL A 39 -13.42 -11.26 9.54
CA VAL A 39 -14.65 -11.92 9.12
C VAL A 39 -15.75 -10.86 8.94
N GLU A 40 -15.87 -10.02 9.96
CA GLU A 40 -16.88 -8.97 9.93
C GLU A 40 -16.71 -8.11 8.68
N ILE A 41 -15.46 -7.88 8.32
CA ILE A 41 -15.15 -7.07 7.16
C ILE A 41 -15.62 -7.80 5.90
N GLY A 42 -15.08 -9.00 5.70
CA GLY A 42 -15.44 -9.80 4.55
C GLY A 42 -16.94 -9.70 4.25
N SER A 43 -17.72 -9.66 5.33
CA SER A 43 -19.16 -9.57 5.20
C SER A 43 -19.55 -8.22 4.58
N ARG A 44 -19.09 -7.16 5.23
CA ARG A 44 -19.38 -5.81 4.75
C ARG A 44 -18.93 -5.66 3.29
N TRP A 45 -17.82 -6.31 2.97
CA TRP A 45 -17.28 -6.25 1.62
C TRP A 45 -18.20 -7.07 0.72
N GLN A 46 -18.78 -8.11 1.29
CA GLN A 46 -19.68 -8.98 0.55
C GLN A 46 -21.05 -8.31 0.39
N ARG A 47 -21.27 -7.29 1.21
CA ARG A 47 -22.53 -6.56 1.17
C ARG A 47 -22.52 -5.53 0.04
N ILE A 48 -21.49 -4.71 0.05
CA ILE A 48 -21.34 -3.67 -0.96
C ILE A 48 -21.63 -4.28 -2.35
N SER A 49 -21.81 -3.39 -3.32
CA SER A 49 -22.09 -3.83 -4.67
C SER A 49 -20.83 -3.73 -5.53
N GLN A 50 -21.02 -3.86 -6.83
CA GLN A 50 -19.90 -3.80 -7.77
C GLN A 50 -19.25 -2.42 -7.71
N SER A 51 -20.08 -1.39 -7.84
CA SER A 51 -19.60 -0.02 -7.80
C SER A 51 -18.49 0.11 -6.76
N GLN A 52 -18.87 -0.05 -5.50
CA GLN A 52 -17.92 0.06 -4.41
C GLN A 52 -16.66 -0.73 -4.74
N LYS A 53 -16.79 -2.04 -4.70
CA LYS A 53 -15.66 -2.92 -4.99
C LYS A 53 -14.84 -2.34 -6.13
N GLU A 54 -15.55 -1.92 -7.18
CA GLU A 54 -14.90 -1.34 -8.34
C GLU A 54 -14.08 -0.12 -7.94
N HIS A 55 -14.77 0.81 -7.29
CA HIS A 55 -14.11 2.04 -6.84
C HIS A 55 -12.86 1.70 -6.04
N TYR A 56 -13.08 1.02 -4.92
CA TYR A 56 -11.98 0.62 -4.06
C TYR A 56 -10.81 0.08 -4.89
N LYS A 57 -11.12 -0.87 -5.76
CA LYS A 57 -10.11 -1.48 -6.61
C LYS A 57 -9.36 -0.38 -7.37
N LYS A 58 -10.11 0.66 -7.73
CA LYS A 58 -9.53 1.78 -8.45
C LYS A 58 -8.66 2.60 -7.50
N LEU A 59 -9.11 2.69 -6.26
CA LEU A 59 -8.37 3.44 -5.25
C LEU A 59 -7.08 2.70 -4.91
N ALA A 60 -7.19 1.38 -4.80
CA ALA A 60 -6.05 0.55 -4.48
C ALA A 60 -4.97 0.76 -5.54
N GLU A 61 -5.28 0.34 -6.76
CA GLU A 61 -4.36 0.47 -7.87
C GLU A 61 -3.67 1.83 -7.82
N GLU A 62 -4.48 2.85 -7.60
CA GLU A 62 -3.97 4.22 -7.54
C GLU A 62 -2.98 4.35 -6.38
N GLN A 63 -3.44 3.97 -5.19
CA GLN A 63 -2.61 4.05 -4.00
C GLN A 63 -1.19 3.55 -4.31
N GLN A 64 -1.14 2.44 -5.03
CA GLN A 64 0.14 1.85 -5.39
C GLN A 64 0.85 2.73 -6.43
N ARG A 65 0.07 3.23 -7.37
CA ARG A 65 0.61 4.08 -8.41
C ARG A 65 1.40 5.24 -7.80
N GLN A 66 0.78 5.88 -6.83
CA GLN A 66 1.40 7.01 -6.16
C GLN A 66 2.57 6.53 -5.30
N TYR A 67 2.33 5.45 -4.56
CA TYR A 67 3.34 4.88 -3.70
C TYR A 67 4.64 4.63 -4.48
N LYS A 68 4.53 3.75 -5.46
CA LYS A 68 5.67 3.41 -6.29
C LYS A 68 6.39 4.69 -6.72
N VAL A 69 5.59 5.74 -6.91
CA VAL A 69 6.14 7.02 -7.33
C VAL A 69 6.79 7.71 -6.13
N HIS A 70 5.99 7.88 -5.08
CA HIS A 70 6.47 8.52 -3.87
C HIS A 70 7.87 7.98 -3.53
N LEU A 71 7.95 6.66 -3.41
CA LEU A 71 9.20 6.01 -3.08
C LEU A 71 10.33 6.67 -3.88
N ASP A 72 10.14 6.71 -5.19
CA ASP A 72 11.13 7.32 -6.08
C ASP A 72 11.43 8.73 -5.60
N LEU A 73 10.37 9.45 -5.24
CA LEU A 73 10.51 10.82 -4.77
C LEU A 73 11.32 10.82 -3.47
N TRP A 74 11.00 9.86 -2.62
CA TRP A 74 11.68 9.75 -1.34
C TRP A 74 13.15 9.40 -1.61
N VAL A 75 13.36 8.69 -2.71
CA VAL A 75 14.71 8.29 -3.09
C VAL A 75 15.49 9.53 -3.54
N LYS A 76 14.79 10.42 -4.24
CA LYS A 76 15.41 11.63 -4.73
C LYS A 76 15.83 12.49 -3.54
N SER A 77 15.35 12.12 -2.37
CA SER A 77 15.68 12.85 -1.15
C SER A 77 16.65 12.04 -0.30
N LEU A 78 17.11 10.94 -0.88
CA LEU A 78 18.05 10.07 -0.18
C LEU A 78 19.47 10.53 -0.47
N SER A 79 20.31 10.42 0.55
CA SER A 79 21.71 10.83 0.42
C SER A 79 22.43 9.90 -0.57
N PRO A 80 23.73 10.21 -0.78
CA PRO A 80 24.54 9.42 -1.70
C PRO A 80 24.93 8.07 -1.07
N GLN A 81 24.78 8.01 0.24
CA GLN A 81 25.10 6.80 0.97
C GLN A 81 23.87 5.91 1.10
N ASP A 82 22.77 6.53 1.51
CA ASP A 82 21.52 5.81 1.67
C ASP A 82 21.12 5.19 0.34
N ARG A 83 20.90 6.06 -0.64
CA ARG A 83 20.51 5.61 -1.96
C ARG A 83 21.43 4.47 -2.43
N ALA A 84 22.73 4.69 -2.26
CA ALA A 84 23.70 3.69 -2.66
C ALA A 84 23.23 2.31 -2.20
N ALA A 85 22.96 2.21 -0.91
CA ALA A 85 22.51 0.95 -0.33
C ALA A 85 21.16 0.57 -0.96
N TYR A 86 20.15 1.38 -0.64
CA TYR A 86 18.81 1.14 -1.17
C TYR A 86 18.88 0.58 -2.60
N LYS A 87 19.63 1.27 -3.43
CA LYS A 87 19.78 0.88 -4.82
C LYS A 87 20.27 -0.57 -4.87
N GLU A 88 21.32 -0.83 -4.11
CA GLU A 88 21.90 -2.17 -4.07
C GLU A 88 20.80 -3.23 -4.09
N TYR A 89 19.71 -2.92 -3.39
CA TYR A 89 18.58 -3.83 -3.32
C TYR A 89 17.67 -3.66 -4.54
N ILE A 90 17.48 -2.40 -4.93
CA ILE A 90 16.63 -2.10 -6.07
C ILE A 90 17.07 -2.96 -7.27
N SER A 91 18.29 -2.69 -7.73
CA SER A 91 18.83 -3.42 -8.85
C SER A 91 18.49 -4.91 -8.73
N ASN A 92 18.62 -5.41 -7.51
CA ASN A 92 18.34 -6.81 -7.25
C ASN A 92 16.88 -6.95 -6.79
N LYS A 93 15.99 -6.45 -7.63
CA LYS A 93 14.56 -6.51 -7.32
C LYS A 93 13.76 -6.30 -8.61
N ARG A 94 13.97 -5.13 -9.21
CA ARG A 94 13.28 -4.78 -10.44
C ARG A 94 14.07 -5.28 -11.66
N LYS A 95 13.38 -5.35 -12.79
CA LYS A 95 14.01 -5.81 -14.01
C LYS A 95 14.42 -4.59 -14.85
N SER A 96 13.43 -3.81 -15.24
CA SER A 96 13.69 -2.62 -16.03
C SER A 96 12.54 -1.62 -15.86
N GLY A 97 12.76 -0.42 -16.37
CA GLY A 97 11.77 0.63 -16.29
C GLY A 97 12.34 1.97 -16.73
N PRO A 98 13.02 2.65 -15.78
CA PRO A 98 13.62 3.95 -16.06
C PRO A 98 14.89 3.79 -16.89
N SER A 99 15.46 4.93 -17.27
CA SER A 99 16.67 4.92 -18.07
C SER A 99 17.85 5.46 -17.23
N SER A 100 18.46 4.56 -16.49
CA SER A 100 19.60 4.92 -15.65
C SER A 100 20.64 3.80 -15.67
N GLY A 101 21.89 4.22 -15.59
CA GLY A 101 23.00 3.26 -15.59
C GLY A 101 23.37 2.87 -17.02
N GLY A 1 12.54 12.57 11.90
CA GLY A 1 11.64 11.55 12.40
C GLY A 1 11.69 11.47 13.93
N SER A 2 10.95 10.52 14.48
CA SER A 2 10.91 10.34 15.91
C SER A 2 10.31 8.97 16.26
N SER A 3 11.03 8.22 17.08
CA SER A 3 10.58 6.90 17.48
C SER A 3 9.99 6.15 16.28
N GLY A 4 10.87 5.45 15.58
CA GLY A 4 10.45 4.69 14.41
C GLY A 4 10.53 5.55 13.15
N SER A 5 10.78 4.87 12.03
CA SER A 5 10.88 5.56 10.75
C SER A 5 10.41 4.63 9.63
N SER A 6 9.27 4.99 9.06
CA SER A 6 8.70 4.20 7.97
C SER A 6 7.91 5.10 7.02
N GLY A 7 8.61 5.57 5.99
CA GLY A 7 8.00 6.44 5.01
C GLY A 7 6.81 5.75 4.33
N PRO A 8 7.08 5.18 3.13
CA PRO A 8 6.04 4.49 2.38
C PRO A 8 5.73 3.13 3.00
N LYS A 9 4.46 2.78 2.96
CA LYS A 9 4.01 1.50 3.51
C LYS A 9 3.47 0.63 2.38
N LYS A 10 3.38 -0.66 2.67
CA LYS A 10 2.89 -1.61 1.69
C LYS A 10 1.38 -1.42 1.50
N PRO A 11 1.00 -0.97 0.28
CA PRO A 11 -0.39 -0.74 -0.04
C PRO A 11 -1.13 -2.06 -0.26
N PRO A 12 -2.48 -1.94 -0.42
CA PRO A 12 -3.30 -3.12 -0.63
C PRO A 12 -3.15 -3.65 -2.06
N MET A 13 -4.07 -4.52 -2.44
CA MET A 13 -4.04 -5.10 -3.77
C MET A 13 -5.44 -5.10 -4.40
N ASN A 14 -6.31 -5.93 -3.85
CA ASN A 14 -7.67 -6.03 -4.35
C ASN A 14 -8.51 -4.91 -3.74
N GLY A 15 -9.69 -4.73 -4.30
CA GLY A 15 -10.60 -3.71 -3.82
C GLY A 15 -11.02 -3.97 -2.37
N TYR A 16 -11.06 -5.25 -2.03
CA TYR A 16 -11.44 -5.65 -0.68
C TYR A 16 -10.42 -5.16 0.34
N GLN A 17 -9.22 -5.71 0.26
CA GLN A 17 -8.15 -5.34 1.17
C GLN A 17 -8.14 -3.83 1.38
N LYS A 18 -8.57 -3.11 0.34
CA LYS A 18 -8.61 -1.66 0.41
C LYS A 18 -9.75 -1.23 1.33
N PHE A 19 -10.97 -1.54 0.91
CA PHE A 19 -12.14 -1.20 1.68
C PHE A 19 -12.00 -1.64 3.14
N SER A 20 -11.55 -2.88 3.30
CA SER A 20 -11.36 -3.44 4.63
C SER A 20 -10.49 -2.51 5.46
N GLN A 21 -9.33 -2.18 4.90
CA GLN A 21 -8.39 -1.30 5.58
C GLN A 21 -9.10 -0.05 6.10
N GLU A 22 -10.12 0.36 5.35
CA GLU A 22 -10.89 1.53 5.73
C GLU A 22 -11.60 1.29 7.06
N LEU A 23 -12.16 0.10 7.19
CA LEU A 23 -12.86 -0.26 8.41
C LEU A 23 -11.86 -0.47 9.54
N LEU A 24 -10.67 -0.91 9.16
CA LEU A 24 -9.62 -1.15 10.13
C LEU A 24 -9.06 0.18 10.61
N SER A 25 -9.16 1.18 9.75
CA SER A 25 -8.67 2.51 10.07
C SER A 25 -9.82 3.37 10.62
N ASN A 26 -11.03 2.96 10.28
CA ASN A 26 -12.21 3.68 10.73
C ASN A 26 -12.46 3.37 12.21
N GLY A 27 -12.69 2.10 12.49
CA GLY A 27 -12.95 1.65 13.85
C GLY A 27 -14.43 1.39 14.07
N GLU A 28 -15.13 1.11 12.97
CA GLU A 28 -16.55 0.83 13.03
C GLU A 28 -16.79 -0.55 13.65
N LEU A 29 -15.77 -1.37 13.59
CA LEU A 29 -15.86 -2.72 14.15
C LEU A 29 -14.72 -2.93 15.14
N ASN A 30 -14.38 -1.87 15.85
CA ASN A 30 -13.32 -1.93 16.84
C ASN A 30 -13.88 -2.45 18.16
N HIS A 31 -15.16 -2.76 18.14
CA HIS A 31 -15.84 -3.27 19.33
C HIS A 31 -15.54 -4.76 19.48
N LEU A 32 -15.20 -5.38 18.36
CA LEU A 32 -14.91 -6.81 18.36
C LEU A 32 -13.42 -7.01 18.04
N PRO A 33 -12.95 -8.27 18.28
CA PRO A 33 -11.57 -8.61 18.01
C PRO A 33 -11.32 -8.76 16.51
N LEU A 34 -10.05 -8.61 16.14
CA LEU A 34 -9.66 -8.74 14.74
C LEU A 34 -10.46 -9.87 14.10
N LYS A 35 -10.34 -11.05 14.69
CA LYS A 35 -11.04 -12.22 14.19
C LYS A 35 -12.40 -11.80 13.65
N GLU A 36 -13.28 -11.43 14.58
CA GLU A 36 -14.62 -11.02 14.21
C GLU A 36 -14.57 -9.96 13.11
N ARG A 37 -13.76 -8.94 13.35
CA ARG A 37 -13.60 -7.85 12.39
C ARG A 37 -13.55 -8.41 10.97
N MET A 38 -12.47 -9.13 10.68
CA MET A 38 -12.29 -9.72 9.38
C MET A 38 -13.62 -10.26 8.84
N VAL A 39 -14.45 -10.74 9.75
CA VAL A 39 -15.74 -11.29 9.38
C VAL A 39 -16.70 -10.16 9.07
N GLU A 40 -16.93 -9.33 10.08
CA GLU A 40 -17.83 -8.19 9.94
C GLU A 40 -17.51 -7.42 8.66
N ILE A 41 -16.22 -7.35 8.37
CA ILE A 41 -15.76 -6.64 7.19
C ILE A 41 -16.24 -7.38 5.94
N GLY A 42 -15.82 -8.63 5.84
CA GLY A 42 -16.20 -9.46 4.71
C GLY A 42 -17.70 -9.29 4.38
N SER A 43 -18.51 -9.31 5.42
CA SER A 43 -19.94 -9.15 5.27
C SER A 43 -20.25 -7.82 4.57
N ARG A 44 -19.70 -6.76 5.14
CA ARG A 44 -19.92 -5.43 4.59
C ARG A 44 -19.45 -5.38 3.13
N TRP A 45 -18.29 -5.99 2.90
CA TRP A 45 -17.73 -6.02 1.56
C TRP A 45 -18.65 -6.85 0.66
N GLN A 46 -19.27 -7.84 1.29
CA GLN A 46 -20.19 -8.72 0.56
C GLN A 46 -21.55 -8.05 0.41
N ARG A 47 -21.71 -6.92 1.10
CA ARG A 47 -22.96 -6.18 1.05
C ARG A 47 -22.94 -5.20 -0.12
N ILE A 48 -21.94 -4.34 -0.10
CA ILE A 48 -21.80 -3.33 -1.14
C ILE A 48 -22.03 -3.98 -2.51
N SER A 49 -22.18 -3.13 -3.51
CA SER A 49 -22.41 -3.61 -4.86
C SER A 49 -21.10 -3.59 -5.66
N GLN A 50 -21.24 -3.82 -6.96
CA GLN A 50 -20.07 -3.83 -7.84
C GLN A 50 -19.37 -2.48 -7.79
N SER A 51 -20.14 -1.43 -8.03
CA SER A 51 -19.59 -0.08 -8.02
C SER A 51 -18.53 0.04 -6.92
N GLN A 52 -18.96 -0.20 -5.70
CA GLN A 52 -18.06 -0.12 -4.56
C GLN A 52 -16.79 -0.93 -4.83
N LYS A 53 -16.96 -2.25 -4.81
CA LYS A 53 -15.84 -3.15 -5.05
C LYS A 53 -14.95 -2.57 -6.15
N GLU A 54 -15.60 -2.10 -7.21
CA GLU A 54 -14.88 -1.52 -8.33
C GLU A 54 -14.07 -0.30 -7.87
N HIS A 55 -14.78 0.68 -7.33
CA HIS A 55 -14.14 1.89 -6.84
C HIS A 55 -12.89 1.52 -6.04
N TYR A 56 -13.13 0.85 -4.92
CA TYR A 56 -12.02 0.44 -4.06
C TYR A 56 -10.92 -0.24 -4.87
N LYS A 57 -11.32 -1.21 -5.67
CA LYS A 57 -10.39 -1.94 -6.50
C LYS A 57 -9.62 -0.96 -7.39
N LYS A 58 -10.28 0.13 -7.71
CA LYS A 58 -9.68 1.16 -8.56
C LYS A 58 -8.69 1.98 -7.72
N LEU A 59 -9.07 2.23 -6.48
CA LEU A 59 -8.24 2.99 -5.58
C LEU A 59 -7.02 2.15 -5.18
N ALA A 60 -7.29 0.89 -4.86
CA ALA A 60 -6.23 -0.03 -4.47
C ALA A 60 -5.08 0.09 -5.46
N GLU A 61 -5.42 0.32 -6.72
CA GLU A 61 -4.42 0.45 -7.76
C GLU A 61 -3.68 1.78 -7.62
N GLU A 62 -4.41 2.79 -7.18
CA GLU A 62 -3.84 4.11 -6.99
C GLU A 62 -2.85 4.11 -5.82
N GLN A 63 -3.21 3.34 -4.80
CA GLN A 63 -2.37 3.25 -3.61
C GLN A 63 -1.00 2.69 -3.99
N GLN A 64 -1.01 1.57 -4.69
CA GLN A 64 0.23 0.93 -5.12
C GLN A 64 0.97 1.83 -6.10
N ARG A 65 0.21 2.68 -6.78
CA ARG A 65 0.79 3.60 -7.75
C ARG A 65 1.54 4.72 -7.03
N GLN A 66 0.91 5.25 -6.00
CA GLN A 66 1.51 6.32 -5.22
C GLN A 66 2.71 5.81 -4.44
N TYR A 67 2.51 4.67 -3.78
CA TYR A 67 3.59 4.07 -3.00
C TYR A 67 4.82 3.82 -3.87
N LYS A 68 4.57 3.68 -5.16
CA LYS A 68 5.65 3.42 -6.11
C LYS A 68 6.50 4.69 -6.26
N VAL A 69 5.87 5.74 -6.75
CA VAL A 69 6.55 7.01 -6.94
C VAL A 69 7.12 7.49 -5.61
N HIS A 70 6.30 7.37 -4.57
CA HIS A 70 6.71 7.78 -3.25
C HIS A 70 8.16 7.34 -3.00
N LEU A 71 8.38 6.04 -3.16
CA LEU A 71 9.71 5.49 -2.96
C LEU A 71 10.75 6.37 -3.66
N ASP A 72 10.46 6.65 -4.92
CA ASP A 72 11.36 7.49 -5.71
C ASP A 72 11.58 8.82 -5.00
N LEU A 73 10.49 9.37 -4.48
CA LEU A 73 10.54 10.63 -3.78
C LEU A 73 11.37 10.46 -2.49
N TRP A 74 11.17 9.32 -1.86
CA TRP A 74 11.88 9.02 -0.62
C TRP A 74 13.37 8.88 -0.96
N VAL A 75 13.63 8.46 -2.18
CA VAL A 75 15.00 8.28 -2.64
C VAL A 75 15.65 9.65 -2.83
N LYS A 76 14.85 10.57 -3.35
CA LYS A 76 15.34 11.92 -3.59
C LYS A 76 15.71 12.57 -2.25
N SER A 77 15.25 11.94 -1.18
CA SER A 77 15.52 12.44 0.16
C SER A 77 16.62 11.60 0.82
N LEU A 78 17.24 10.76 0.02
CA LEU A 78 18.30 9.90 0.51
C LEU A 78 19.65 10.57 0.25
N SER A 79 20.54 10.45 1.22
CA SER A 79 21.86 11.03 1.10
C SER A 79 22.63 10.36 -0.05
N PRO A 80 23.90 10.82 -0.23
CA PRO A 80 24.73 10.28 -1.29
C PRO A 80 25.26 8.89 -0.92
N GLN A 81 25.14 8.58 0.36
CA GLN A 81 25.59 7.28 0.85
C GLN A 81 24.43 6.28 0.87
N ASP A 82 23.34 6.72 1.49
CA ASP A 82 22.15 5.88 1.59
C ASP A 82 21.71 5.46 0.18
N ARG A 83 21.50 6.47 -0.66
CA ARG A 83 21.07 6.23 -2.03
C ARG A 83 22.06 5.28 -2.73
N ALA A 84 23.34 5.52 -2.48
CA ALA A 84 24.39 4.71 -3.07
C ALA A 84 24.07 3.23 -2.84
N ALA A 85 23.87 2.89 -1.58
CA ALA A 85 23.56 1.52 -1.22
C ALA A 85 22.27 1.09 -1.93
N TYR A 86 21.18 1.72 -1.54
CA TYR A 86 19.89 1.41 -2.12
C TYR A 86 20.01 1.12 -3.62
N LYS A 87 20.67 2.05 -4.31
CA LYS A 87 20.86 1.91 -5.75
C LYS A 87 21.52 0.55 -6.03
N GLU A 88 22.54 0.26 -5.25
CA GLU A 88 23.26 -1.00 -5.41
C GLU A 88 22.28 -2.16 -5.61
N TYR A 89 21.19 -2.09 -4.88
CA TYR A 89 20.17 -3.12 -4.96
C TYR A 89 19.25 -2.89 -6.16
N ILE A 90 18.91 -1.62 -6.37
CA ILE A 90 18.05 -1.25 -7.49
C ILE A 90 18.57 -1.89 -8.77
N SER A 91 19.74 -1.44 -9.18
CA SER A 91 20.37 -1.96 -10.39
C SER A 91 20.21 -3.48 -10.45
N ASN A 92 20.41 -4.10 -9.29
CA ASN A 92 20.30 -5.55 -9.21
C ASN A 92 18.86 -5.92 -8.83
N LYS A 93 17.94 -5.51 -9.68
CA LYS A 93 16.53 -5.78 -9.46
C LYS A 93 15.75 -5.55 -10.74
N ARG A 94 15.82 -4.31 -11.21
CA ARG A 94 15.12 -3.94 -12.43
C ARG A 94 15.94 -2.91 -13.23
N LYS A 95 15.50 -2.67 -14.45
CA LYS A 95 16.18 -1.71 -15.31
C LYS A 95 15.65 -0.31 -15.03
N SER A 96 16.56 0.64 -14.99
CA SER A 96 16.19 2.03 -14.74
C SER A 96 16.63 2.91 -15.91
N GLY A 97 15.99 4.06 -16.02
CA GLY A 97 16.30 5.00 -17.08
C GLY A 97 17.03 6.23 -16.53
N PRO A 98 17.93 6.79 -17.40
CA PRO A 98 18.69 7.97 -17.01
C PRO A 98 17.82 9.22 -17.04
N SER A 99 17.48 9.70 -15.85
CA SER A 99 16.66 10.89 -15.72
C SER A 99 16.91 11.56 -14.37
N SER A 100 16.61 12.85 -14.31
CA SER A 100 16.79 13.60 -13.09
C SER A 100 15.81 14.77 -13.05
N GLY A 101 14.79 14.62 -12.24
CA GLY A 101 13.77 15.65 -12.09
C GLY A 101 12.47 15.24 -12.78
N GLY A 1 3.60 15.38 12.18
CA GLY A 1 4.58 16.28 11.62
C GLY A 1 6.00 15.83 11.98
N SER A 2 6.33 14.63 11.53
CA SER A 2 7.64 14.07 11.79
C SER A 2 7.94 12.96 10.78
N SER A 3 9.21 12.89 10.38
CA SER A 3 9.64 11.88 9.43
C SER A 3 10.81 11.08 10.01
N GLY A 4 10.98 9.88 9.47
CA GLY A 4 12.06 9.01 9.92
C GLY A 4 11.60 7.56 10.02
N SER A 5 12.54 6.65 9.86
CA SER A 5 12.24 5.24 9.93
C SER A 5 11.54 4.78 8.65
N SER A 6 10.31 5.25 8.48
CA SER A 6 9.53 4.91 7.31
C SER A 6 8.62 6.08 6.92
N GLY A 7 8.73 6.47 5.66
CA GLY A 7 7.93 7.58 5.15
C GLY A 7 6.60 7.09 4.61
N PRO A 8 6.66 6.45 3.40
CA PRO A 8 5.46 5.93 2.77
C PRO A 8 5.00 4.65 3.45
N LYS A 9 3.76 4.26 3.15
CA LYS A 9 3.19 3.06 3.73
C LYS A 9 2.72 2.13 2.60
N LYS A 10 2.67 0.85 2.91
CA LYS A 10 2.25 -0.15 1.94
C LYS A 10 0.74 0.00 1.69
N PRO A 11 0.40 0.38 0.43
CA PRO A 11 -0.99 0.56 0.06
C PRO A 11 -1.69 -0.79 -0.12
N PRO A 12 -3.03 -0.71 -0.33
CA PRO A 12 -3.83 -1.92 -0.51
C PRO A 12 -3.60 -2.52 -1.91
N MET A 13 -4.42 -3.50 -2.22
CA MET A 13 -4.33 -4.17 -3.52
C MET A 13 -5.64 -4.88 -3.86
N ASN A 14 -5.94 -4.90 -5.15
CA ASN A 14 -7.16 -5.54 -5.63
C ASN A 14 -8.34 -4.60 -5.44
N GLY A 15 -8.64 -4.32 -4.18
CA GLY A 15 -9.75 -3.43 -3.85
C GLY A 15 -10.36 -3.80 -2.50
N TYR A 16 -10.37 -5.09 -2.22
CA TYR A 16 -10.92 -5.59 -0.97
C TYR A 16 -10.17 -5.02 0.22
N GLN A 17 -8.85 -5.02 0.11
CA GLN A 17 -8.00 -4.52 1.17
C GLN A 17 -8.20 -3.01 1.33
N LYS A 18 -8.61 -2.38 0.25
CA LYS A 18 -8.85 -0.95 0.26
C LYS A 18 -10.04 -0.63 1.16
N PHE A 19 -11.17 -1.26 0.83
CA PHE A 19 -12.39 -1.05 1.59
C PHE A 19 -12.19 -1.47 3.05
N SER A 20 -11.48 -2.58 3.23
CA SER A 20 -11.22 -3.09 4.56
C SER A 20 -10.56 -2.01 5.42
N GLN A 21 -9.40 -1.56 4.95
CA GLN A 21 -8.65 -0.53 5.65
C GLN A 21 -9.60 0.57 6.16
N GLU A 22 -10.63 0.83 5.36
CA GLU A 22 -11.61 1.84 5.71
C GLU A 22 -12.33 1.44 7.01
N LEU A 23 -12.69 0.17 7.08
CA LEU A 23 -13.39 -0.33 8.24
C LEU A 23 -12.43 -0.36 9.44
N LEU A 24 -11.15 -0.47 9.11
CA LEU A 24 -10.13 -0.51 10.15
C LEU A 24 -9.87 0.91 10.66
N SER A 25 -10.11 1.87 9.78
CA SER A 25 -9.90 3.26 10.12
C SER A 25 -11.23 3.89 10.57
N ASN A 26 -12.31 3.25 10.17
CA ASN A 26 -13.64 3.73 10.53
C ASN A 26 -13.94 3.36 11.98
N GLY A 27 -13.92 2.07 12.25
CA GLY A 27 -14.19 1.58 13.60
C GLY A 27 -15.63 1.06 13.72
N GLU A 28 -16.15 0.59 12.59
CA GLU A 28 -17.50 0.08 12.56
C GLU A 28 -17.55 -1.32 13.19
N LEU A 29 -16.37 -1.92 13.30
CA LEU A 29 -16.27 -3.25 13.88
C LEU A 29 -15.19 -3.24 14.96
N ASN A 30 -15.19 -2.16 15.74
CA ASN A 30 -14.23 -2.02 16.82
C ASN A 30 -14.84 -2.55 18.12
N HIS A 31 -16.05 -3.08 17.99
CA HIS A 31 -16.75 -3.63 19.14
C HIS A 31 -16.29 -5.07 19.37
N LEU A 32 -15.81 -5.69 18.30
CA LEU A 32 -15.35 -7.06 18.38
C LEU A 32 -13.83 -7.08 18.26
N PRO A 33 -13.25 -8.29 18.48
CA PRO A 33 -11.80 -8.46 18.41
C PRO A 33 -11.32 -8.46 16.96
N LEU A 34 -10.07 -8.06 16.78
CA LEU A 34 -9.48 -8.00 15.46
C LEU A 34 -9.87 -9.26 14.67
N LYS A 35 -9.54 -10.40 15.26
CA LYS A 35 -9.85 -11.67 14.63
C LYS A 35 -11.24 -11.60 13.99
N GLU A 36 -12.15 -10.95 14.69
CA GLU A 36 -13.51 -10.79 14.20
C GLU A 36 -13.56 -9.70 13.13
N ARG A 37 -12.96 -8.57 13.45
CA ARG A 37 -12.93 -7.45 12.53
C ARG A 37 -12.74 -7.94 11.09
N MET A 38 -11.59 -8.55 10.86
CA MET A 38 -11.27 -9.07 9.55
C MET A 38 -12.45 -9.86 8.96
N VAL A 39 -12.71 -11.01 9.57
CA VAL A 39 -13.80 -11.86 9.13
C VAL A 39 -15.05 -11.01 8.92
N GLU A 40 -15.35 -10.20 9.92
CA GLU A 40 -16.51 -9.32 9.84
C GLU A 40 -16.48 -8.50 8.54
N ILE A 41 -15.29 -8.05 8.21
CA ILE A 41 -15.11 -7.24 7.00
C ILE A 41 -15.45 -8.10 5.78
N GLY A 42 -14.70 -9.18 5.62
CA GLY A 42 -14.92 -10.07 4.50
C GLY A 42 -16.41 -10.21 4.18
N SER A 43 -17.22 -10.10 5.23
CA SER A 43 -18.65 -10.20 5.07
C SER A 43 -19.20 -8.94 4.40
N ARG A 44 -18.88 -7.80 5.00
CA ARG A 44 -19.34 -6.53 4.48
C ARG A 44 -18.90 -6.36 3.02
N TRP A 45 -17.68 -6.80 2.74
CA TRP A 45 -17.14 -6.71 1.40
C TRP A 45 -18.01 -7.57 0.48
N GLN A 46 -18.56 -8.63 1.06
CA GLN A 46 -19.41 -9.53 0.31
C GLN A 46 -20.83 -8.96 0.20
N ARG A 47 -21.04 -7.87 0.93
CA ARG A 47 -22.34 -7.21 0.92
C ARG A 47 -22.38 -6.11 -0.14
N ILE A 48 -21.30 -5.34 -0.17
CA ILE A 48 -21.20 -4.25 -1.13
C ILE A 48 -21.53 -4.76 -2.53
N SER A 49 -21.46 -3.86 -3.49
CA SER A 49 -21.75 -4.20 -4.87
C SER A 49 -20.52 -3.97 -5.74
N GLN A 50 -20.67 -4.26 -7.02
CA GLN A 50 -19.58 -4.08 -7.96
C GLN A 50 -19.03 -2.66 -7.87
N SER A 51 -19.92 -1.69 -8.00
CA SER A 51 -19.53 -0.29 -7.92
C SER A 51 -18.45 -0.11 -6.84
N GLN A 52 -18.70 -0.71 -5.69
CA GLN A 52 -17.77 -0.61 -4.58
C GLN A 52 -16.47 -1.35 -4.92
N LYS A 53 -16.60 -2.66 -5.12
CA LYS A 53 -15.44 -3.47 -5.45
C LYS A 53 -14.62 -2.78 -6.54
N GLU A 54 -15.33 -2.29 -7.54
CA GLU A 54 -14.69 -1.61 -8.65
C GLU A 54 -14.00 -0.34 -8.17
N HIS A 55 -14.79 0.56 -7.61
CA HIS A 55 -14.27 1.81 -7.09
C HIS A 55 -13.05 1.54 -6.21
N TYR A 56 -13.32 0.84 -5.11
CA TYR A 56 -12.26 0.51 -4.17
C TYR A 56 -11.06 -0.12 -4.89
N LYS A 57 -11.36 -0.98 -5.83
CA LYS A 57 -10.31 -1.65 -6.61
C LYS A 57 -9.50 -0.59 -7.37
N LYS A 58 -10.23 0.32 -7.99
CA LYS A 58 -9.60 1.39 -8.75
C LYS A 58 -8.70 2.21 -7.82
N LEU A 59 -9.29 2.65 -6.72
CA LEU A 59 -8.57 3.45 -5.75
C LEU A 59 -7.24 2.76 -5.42
N ALA A 60 -7.35 1.49 -5.04
CA ALA A 60 -6.17 0.72 -4.69
C ALA A 60 -5.08 0.98 -5.72
N GLU A 61 -5.49 1.05 -6.97
CA GLU A 61 -4.54 1.30 -8.05
C GLU A 61 -3.89 2.67 -7.90
N GLU A 62 -4.73 3.64 -7.53
CA GLU A 62 -4.24 5.00 -7.32
C GLU A 62 -3.39 5.09 -6.06
N GLN A 63 -3.88 4.44 -5.02
CA GLN A 63 -3.17 4.43 -3.74
C GLN A 63 -1.75 3.89 -3.92
N GLN A 64 -1.65 2.82 -4.68
CA GLN A 64 -0.36 2.19 -4.94
C GLN A 64 0.49 3.09 -5.84
N ARG A 65 -0.18 3.66 -6.84
CA ARG A 65 0.50 4.54 -7.79
C ARG A 65 1.31 5.60 -7.03
N GLN A 66 0.69 6.19 -6.03
CA GLN A 66 1.33 7.21 -5.22
C GLN A 66 2.60 6.64 -4.58
N TYR A 67 2.42 5.52 -3.88
CA TYR A 67 3.53 4.87 -3.21
C TYR A 67 4.69 4.64 -4.18
N LYS A 68 4.42 3.87 -5.22
CA LYS A 68 5.42 3.56 -6.22
C LYS A 68 6.25 4.82 -6.50
N VAL A 69 5.60 5.96 -6.34
CA VAL A 69 6.27 7.23 -6.58
C VAL A 69 6.94 7.70 -5.28
N HIS A 70 6.10 7.99 -4.30
CA HIS A 70 6.60 8.45 -3.01
C HIS A 70 7.85 7.66 -2.63
N LEU A 71 7.81 6.37 -2.91
CA LEU A 71 8.95 5.50 -2.61
C LEU A 71 10.18 6.02 -3.33
N ASP A 72 10.03 6.22 -4.64
CA ASP A 72 11.14 6.72 -5.45
C ASP A 72 11.58 8.08 -4.92
N LEU A 73 10.59 8.90 -4.59
CA LEU A 73 10.87 10.23 -4.07
C LEU A 73 11.71 10.12 -2.79
N TRP A 74 11.38 9.11 -2.00
CA TRP A 74 12.08 8.88 -0.75
C TRP A 74 13.54 8.57 -1.08
N VAL A 75 13.74 8.02 -2.27
CA VAL A 75 15.08 7.66 -2.72
C VAL A 75 15.78 8.92 -3.26
N LYS A 76 14.97 9.81 -3.81
CA LYS A 76 15.49 11.05 -4.36
C LYS A 76 15.95 11.95 -3.22
N SER A 77 15.70 11.50 -2.00
CA SER A 77 16.07 12.26 -0.82
C SER A 77 17.14 11.50 -0.03
N LEU A 78 17.37 10.26 -0.45
CA LEU A 78 18.35 9.43 0.21
C LEU A 78 19.76 9.90 -0.17
N SER A 79 20.57 10.12 0.85
CA SER A 79 21.94 10.57 0.64
C SER A 79 22.60 9.72 -0.45
N PRO A 80 23.86 10.14 -0.81
CA PRO A 80 24.61 9.42 -1.84
C PRO A 80 25.15 8.10 -1.30
N GLN A 81 25.02 7.93 0.00
CA GLN A 81 25.50 6.72 0.65
C GLN A 81 24.36 5.70 0.77
N ASP A 82 23.29 6.13 1.41
CA ASP A 82 22.13 5.27 1.60
C ASP A 82 21.63 4.79 0.23
N ARG A 83 21.27 5.75 -0.60
CA ARG A 83 20.79 5.45 -1.93
C ARG A 83 21.71 4.44 -2.62
N ALA A 84 23.00 4.78 -2.61
CA ALA A 84 23.99 3.93 -3.24
C ALA A 84 23.73 2.47 -2.85
N ALA A 85 23.39 2.27 -1.58
CA ALA A 85 23.10 0.94 -1.08
C ALA A 85 21.77 0.47 -1.65
N TYR A 86 20.71 1.18 -1.25
CA TYR A 86 19.38 0.84 -1.71
C TYR A 86 19.39 0.38 -3.17
N LYS A 87 20.07 1.17 -4.00
CA LYS A 87 20.16 0.86 -5.41
C LYS A 87 20.72 -0.55 -5.59
N GLU A 88 21.81 -0.81 -4.87
CA GLU A 88 22.45 -2.11 -4.93
C GLU A 88 21.41 -3.21 -5.02
N TYR A 89 20.33 -3.04 -4.26
CA TYR A 89 19.26 -4.01 -4.24
C TYR A 89 18.32 -3.81 -5.44
N ILE A 90 18.08 -2.55 -5.76
CA ILE A 90 17.21 -2.21 -6.87
C ILE A 90 17.71 -2.90 -8.13
N SER A 91 18.91 -2.54 -8.54
CA SER A 91 19.51 -3.12 -9.73
C SER A 91 19.33 -4.64 -9.71
N ASN A 92 19.85 -5.26 -8.67
CA ASN A 92 19.74 -6.70 -8.53
C ASN A 92 18.35 -7.15 -8.95
N LYS A 93 17.35 -6.53 -8.34
CA LYS A 93 15.97 -6.87 -8.64
C LYS A 93 15.52 -6.09 -9.89
N ARG A 94 14.23 -6.15 -10.15
CA ARG A 94 13.67 -5.46 -11.29
C ARG A 94 14.50 -5.74 -12.54
N LYS A 95 14.13 -5.06 -13.63
CA LYS A 95 14.84 -5.22 -14.89
C LYS A 95 14.73 -6.68 -15.34
N SER A 96 14.73 -6.86 -16.65
CA SER A 96 14.64 -8.19 -17.23
C SER A 96 14.77 -8.11 -18.76
N GLY A 97 15.98 -8.35 -19.22
CA GLY A 97 16.25 -8.31 -20.65
C GLY A 97 17.47 -9.16 -21.00
N PRO A 98 17.73 -9.28 -22.33
CA PRO A 98 18.86 -10.06 -22.80
C PRO A 98 20.17 -9.31 -22.59
N SER A 99 20.22 -8.10 -23.12
CA SER A 99 21.41 -7.27 -22.98
C SER A 99 21.15 -6.14 -21.98
N SER A 100 22.19 -5.81 -21.23
CA SER A 100 22.09 -4.75 -20.23
C SER A 100 23.10 -3.64 -20.54
N GLY A 101 22.85 -2.48 -19.96
CA GLY A 101 23.71 -1.33 -20.17
C GLY A 101 23.49 -0.28 -19.08
N GLY A 1 -4.43 7.64 17.72
CA GLY A 1 -3.02 7.98 17.79
C GLY A 1 -2.32 7.72 16.45
N SER A 2 -1.64 8.75 15.97
CA SER A 2 -0.93 8.64 14.70
C SER A 2 0.19 9.69 14.65
N SER A 3 1.07 9.51 13.69
CA SER A 3 2.19 10.43 13.51
C SER A 3 3.00 10.03 12.29
N GLY A 4 2.87 10.83 11.24
CA GLY A 4 3.60 10.56 10.00
C GLY A 4 4.84 11.45 9.90
N SER A 5 5.51 11.35 8.76
CA SER A 5 6.71 12.14 8.51
C SER A 5 7.31 11.77 7.16
N SER A 6 7.60 10.48 7.01
CA SER A 6 8.18 9.99 5.78
C SER A 6 8.07 8.45 5.72
N GLY A 7 8.43 7.91 4.57
CA GLY A 7 8.37 6.47 4.37
C GLY A 7 7.00 6.04 3.86
N PRO A 8 7.03 5.32 2.70
CA PRO A 8 5.80 4.84 2.10
C PRO A 8 5.24 3.64 2.87
N LYS A 9 3.95 3.41 2.68
CA LYS A 9 3.28 2.31 3.35
C LYS A 9 2.71 1.34 2.29
N LYS A 10 3.22 0.12 2.32
CA LYS A 10 2.78 -0.89 1.38
C LYS A 10 1.26 -0.79 1.20
N PRO A 11 0.85 -0.44 -0.05
CA PRO A 11 -0.57 -0.30 -0.36
C PRO A 11 -1.23 -1.67 -0.48
N PRO A 12 -2.59 -1.63 -0.62
CA PRO A 12 -3.36 -2.87 -0.74
C PRO A 12 -3.20 -3.47 -2.14
N MET A 13 -4.08 -4.41 -2.44
CA MET A 13 -4.04 -5.08 -3.73
C MET A 13 -5.41 -5.00 -4.42
N ASN A 14 -6.35 -5.78 -3.89
CA ASN A 14 -7.69 -5.82 -4.44
C ASN A 14 -8.53 -4.70 -3.80
N GLY A 15 -9.76 -4.59 -4.26
CA GLY A 15 -10.68 -3.59 -3.74
C GLY A 15 -11.07 -3.90 -2.30
N TYR A 16 -11.15 -5.19 -2.00
CA TYR A 16 -11.53 -5.63 -0.67
C TYR A 16 -10.49 -5.17 0.36
N GLN A 17 -9.30 -5.72 0.25
CA GLN A 17 -8.22 -5.38 1.15
C GLN A 17 -8.19 -3.87 1.39
N LYS A 18 -8.60 -3.13 0.36
CA LYS A 18 -8.62 -1.69 0.44
C LYS A 18 -9.71 -1.24 1.42
N PHE A 19 -10.94 -1.61 1.09
CA PHE A 19 -12.07 -1.25 1.93
C PHE A 19 -11.86 -1.73 3.37
N SER A 20 -11.41 -2.97 3.49
CA SER A 20 -11.17 -3.56 4.79
C SER A 20 -10.28 -2.64 5.62
N GLN A 21 -9.10 -2.36 5.07
CA GLN A 21 -8.14 -1.50 5.75
C GLN A 21 -8.85 -0.25 6.30
N GLU A 22 -9.84 0.19 5.54
CA GLU A 22 -10.60 1.38 5.93
C GLU A 22 -11.33 1.11 7.25
N LEU A 23 -11.93 -0.07 7.33
CA LEU A 23 -12.67 -0.45 8.53
C LEU A 23 -11.69 -0.66 9.68
N LEU A 24 -10.47 -1.04 9.33
CA LEU A 24 -9.44 -1.28 10.32
C LEU A 24 -8.90 0.06 10.82
N SER A 25 -8.98 1.05 9.94
CA SER A 25 -8.50 2.39 10.27
C SER A 25 -9.66 3.24 10.78
N ASN A 26 -10.86 2.83 10.41
CA ASN A 26 -12.06 3.56 10.81
C ASN A 26 -12.36 3.24 12.29
N GLY A 27 -12.62 1.97 12.55
CA GLY A 27 -12.93 1.52 13.89
C GLY A 27 -14.43 1.31 14.06
N GLU A 28 -15.08 1.00 12.96
CA GLU A 28 -16.53 0.77 12.98
C GLU A 28 -16.83 -0.57 13.67
N LEU A 29 -15.82 -1.42 13.71
CA LEU A 29 -15.97 -2.73 14.32
C LEU A 29 -14.87 -2.92 15.36
N ASN A 30 -14.56 -1.85 16.08
CA ASN A 30 -13.53 -1.90 17.10
C ASN A 30 -14.14 -2.42 18.40
N HIS A 31 -15.42 -2.75 18.34
CA HIS A 31 -16.12 -3.25 19.50
C HIS A 31 -15.79 -4.74 19.69
N LEU A 32 -15.45 -5.39 18.59
CA LEU A 32 -15.12 -6.79 18.62
C LEU A 32 -13.63 -6.96 18.33
N PRO A 33 -13.14 -8.22 18.54
CA PRO A 33 -11.74 -8.52 18.30
C PRO A 33 -11.44 -8.63 16.81
N LEU A 34 -10.17 -8.54 16.48
CA LEU A 34 -9.75 -8.64 15.09
C LEU A 34 -10.51 -9.76 14.40
N LYS A 35 -10.41 -10.95 14.97
CA LYS A 35 -11.08 -12.11 14.42
C LYS A 35 -12.44 -11.67 13.85
N GLU A 36 -13.33 -11.29 14.74
CA GLU A 36 -14.66 -10.85 14.34
C GLU A 36 -14.56 -9.77 13.27
N ARG A 37 -13.77 -8.74 13.59
CA ARG A 37 -13.59 -7.64 12.66
C ARG A 37 -13.51 -8.16 11.23
N MET A 38 -12.47 -8.94 10.97
CA MET A 38 -12.26 -9.51 9.65
C MET A 38 -13.56 -10.09 9.09
N VAL A 39 -14.00 -11.17 9.71
CA VAL A 39 -15.22 -11.84 9.29
C VAL A 39 -16.32 -10.80 9.10
N GLU A 40 -16.45 -9.92 10.10
CA GLU A 40 -17.46 -8.88 10.07
C GLU A 40 -17.27 -8.02 8.81
N ILE A 41 -16.02 -7.73 8.50
CA ILE A 41 -15.70 -6.92 7.34
C ILE A 41 -16.23 -7.61 6.09
N GLY A 42 -15.80 -8.85 5.91
CA GLY A 42 -16.21 -9.63 4.75
C GLY A 42 -17.71 -9.44 4.48
N SER A 43 -18.48 -9.36 5.55
CA SER A 43 -19.91 -9.17 5.43
C SER A 43 -20.21 -7.81 4.81
N ARG A 44 -19.63 -6.78 5.39
CA ARG A 44 -19.83 -5.43 4.91
C ARG A 44 -19.42 -5.32 3.44
N TRP A 45 -18.31 -5.99 3.12
CA TRP A 45 -17.81 -5.98 1.76
C TRP A 45 -18.77 -6.79 0.89
N GLN A 46 -19.37 -7.79 1.50
CA GLN A 46 -20.31 -8.64 0.80
C GLN A 46 -21.64 -7.92 0.61
N ARG A 47 -21.79 -6.82 1.34
CA ARG A 47 -23.01 -6.02 1.26
C ARG A 47 -22.94 -5.06 0.08
N ILE A 48 -21.91 -4.22 0.11
CA ILE A 48 -21.71 -3.24 -0.94
C ILE A 48 -21.96 -3.90 -2.29
N SER A 49 -22.13 -3.06 -3.31
CA SER A 49 -22.38 -3.54 -4.65
C SER A 49 -21.08 -3.53 -5.46
N GLN A 50 -21.21 -3.76 -6.76
CA GLN A 50 -20.07 -3.78 -7.65
C GLN A 50 -19.33 -2.43 -7.59
N SER A 51 -20.08 -1.38 -7.87
CA SER A 51 -19.51 -0.04 -7.86
C SER A 51 -18.42 0.05 -6.78
N GLN A 52 -18.80 -0.34 -5.57
CA GLN A 52 -17.86 -0.31 -4.45
C GLN A 52 -16.59 -1.09 -4.80
N LYS A 53 -16.78 -2.36 -5.13
CA LYS A 53 -15.67 -3.20 -5.48
C LYS A 53 -14.79 -2.51 -6.54
N GLU A 54 -15.47 -1.91 -7.50
CA GLU A 54 -14.78 -1.20 -8.57
C GLU A 54 -14.02 0.01 -8.00
N HIS A 55 -14.78 0.86 -7.31
CA HIS A 55 -14.19 2.05 -6.72
C HIS A 55 -12.92 1.68 -5.96
N TYR A 56 -13.11 0.93 -4.88
CA TYR A 56 -12.00 0.50 -4.06
C TYR A 56 -10.91 -0.17 -4.90
N LYS A 57 -11.31 -1.24 -5.58
CA LYS A 57 -10.40 -1.97 -6.43
C LYS A 57 -9.61 -0.99 -7.29
N LYS A 58 -10.31 0.02 -7.77
CA LYS A 58 -9.70 1.03 -8.61
C LYS A 58 -8.67 1.82 -7.79
N LEU A 59 -9.16 2.41 -6.71
CA LEU A 59 -8.31 3.20 -5.83
C LEU A 59 -7.03 2.42 -5.55
N ALA A 60 -7.19 1.15 -5.21
CA ALA A 60 -6.07 0.29 -4.91
C ALA A 60 -5.01 0.47 -6.00
N GLU A 61 -5.47 0.45 -7.24
CA GLU A 61 -4.58 0.60 -8.38
C GLU A 61 -3.85 1.94 -8.30
N GLU A 62 -4.54 2.93 -7.75
CA GLU A 62 -3.97 4.25 -7.60
C GLU A 62 -2.95 4.28 -6.46
N GLN A 63 -3.32 3.65 -5.36
CA GLN A 63 -2.46 3.58 -4.20
C GLN A 63 -1.10 2.97 -4.58
N GLN A 64 -1.16 1.91 -5.36
CA GLN A 64 0.04 1.22 -5.80
C GLN A 64 0.75 2.05 -6.87
N ARG A 65 0.02 3.01 -7.43
CA ARG A 65 0.58 3.87 -8.46
C ARG A 65 1.40 5.00 -7.82
N GLN A 66 0.90 5.48 -6.69
CA GLN A 66 1.57 6.55 -5.99
C GLN A 66 2.79 6.01 -5.22
N TYR A 67 2.57 4.89 -4.56
CA TYR A 67 3.63 4.26 -3.79
C TYR A 67 4.88 4.05 -4.65
N LYS A 68 4.67 4.07 -5.96
CA LYS A 68 5.76 3.89 -6.90
C LYS A 68 6.64 5.14 -6.89
N VAL A 69 6.00 6.28 -7.12
CA VAL A 69 6.72 7.55 -7.15
C VAL A 69 7.24 7.86 -5.75
N HIS A 70 6.36 7.69 -4.76
CA HIS A 70 6.73 7.95 -3.38
C HIS A 70 8.15 7.44 -3.12
N LEU A 71 8.35 6.17 -3.43
CA LEU A 71 9.65 5.55 -3.23
C LEU A 71 10.74 6.44 -3.83
N ASP A 72 10.50 6.85 -5.07
CA ASP A 72 11.45 7.71 -5.76
C ASP A 72 11.66 9.00 -4.95
N LEU A 73 10.55 9.55 -4.48
CA LEU A 73 10.59 10.77 -3.69
C LEU A 73 11.34 10.50 -2.38
N TRP A 74 11.14 9.30 -1.86
CA TRP A 74 11.78 8.90 -0.62
C TRP A 74 13.27 8.72 -0.90
N VAL A 75 13.57 8.37 -2.14
CA VAL A 75 14.94 8.17 -2.54
C VAL A 75 15.66 9.52 -2.63
N LYS A 76 15.02 10.45 -3.33
CA LYS A 76 15.57 11.78 -3.50
C LYS A 76 16.00 12.32 -2.12
N SER A 77 15.36 11.80 -1.10
CA SER A 77 15.66 12.22 0.26
C SER A 77 16.82 11.38 0.83
N LEU A 78 16.81 10.11 0.45
CA LEU A 78 17.84 9.20 0.91
C LEU A 78 19.22 9.87 0.80
N SER A 79 19.93 9.88 1.91
CA SER A 79 21.25 10.50 1.96
C SER A 79 22.13 9.91 0.85
N PRO A 80 23.38 10.43 0.77
CA PRO A 80 24.33 9.97 -0.22
C PRO A 80 24.90 8.60 0.16
N GLN A 81 24.71 8.24 1.42
CA GLN A 81 25.19 6.97 1.92
C GLN A 81 24.10 5.91 1.81
N ASP A 82 22.87 6.32 2.10
CA ASP A 82 21.73 5.42 2.05
C ASP A 82 21.42 5.09 0.58
N ARG A 83 21.24 6.14 -0.21
CA ARG A 83 20.94 5.97 -1.62
C ARG A 83 22.02 5.12 -2.29
N ALA A 84 23.25 5.37 -1.89
CA ALA A 84 24.37 4.63 -2.45
C ALA A 84 24.15 3.13 -2.24
N ALA A 85 23.42 2.82 -1.19
CA ALA A 85 23.13 1.44 -0.87
C ALA A 85 21.86 1.00 -1.61
N TYR A 86 20.77 1.68 -1.29
CA TYR A 86 19.49 1.38 -1.92
C TYR A 86 19.68 1.02 -3.41
N LYS A 87 20.46 1.85 -4.07
CA LYS A 87 20.74 1.64 -5.49
C LYS A 87 21.31 0.24 -5.70
N GLU A 88 22.31 -0.08 -4.88
CA GLU A 88 22.96 -1.38 -4.95
C GLU A 88 21.92 -2.47 -5.20
N TYR A 89 20.77 -2.31 -4.57
CA TYR A 89 19.69 -3.27 -4.72
C TYR A 89 18.89 -3.01 -5.99
N ILE A 90 18.70 -1.73 -6.28
CA ILE A 90 17.96 -1.33 -7.46
C ILE A 90 18.60 -1.94 -8.70
N SER A 91 19.86 -1.60 -8.89
CA SER A 91 20.61 -2.11 -10.04
C SER A 91 20.31 -3.60 -10.23
N ASN A 92 20.67 -4.37 -9.22
CA ASN A 92 20.45 -5.81 -9.27
C ASN A 92 19.07 -6.09 -9.85
N LYS A 93 18.07 -5.48 -9.24
CA LYS A 93 16.70 -5.66 -9.68
C LYS A 93 16.39 -4.64 -10.79
N ARG A 94 15.11 -4.53 -11.11
CA ARG A 94 14.67 -3.60 -12.14
C ARG A 94 15.12 -4.10 -13.52
N LYS A 95 14.63 -3.41 -14.54
CA LYS A 95 14.97 -3.77 -15.91
C LYS A 95 14.93 -2.51 -16.78
N SER A 96 16.10 -1.87 -16.88
CA SER A 96 16.22 -0.67 -17.68
C SER A 96 17.11 -0.92 -18.89
N GLY A 97 17.20 0.08 -19.76
CA GLY A 97 18.02 -0.03 -20.94
C GLY A 97 18.24 1.34 -21.58
N PRO A 98 19.38 1.45 -22.33
CA PRO A 98 19.72 2.70 -22.98
C PRO A 98 18.85 2.93 -24.21
N SER A 99 18.85 4.18 -24.67
CA SER A 99 18.06 4.54 -25.83
C SER A 99 18.21 6.03 -26.12
N SER A 100 18.22 6.36 -27.40
CA SER A 100 18.35 7.75 -27.82
C SER A 100 16.98 8.42 -27.86
N GLY A 101 16.81 9.41 -27.00
CA GLY A 101 15.55 10.13 -26.93
C GLY A 101 14.77 9.76 -25.68
N GLY A 1 -2.45 10.52 7.88
CA GLY A 1 -1.57 10.88 6.77
C GLY A 1 -0.49 9.82 6.56
N SER A 2 0.75 10.28 6.60
CA SER A 2 1.88 9.39 6.42
C SER A 2 2.52 9.06 7.76
N SER A 3 2.82 7.78 7.95
CA SER A 3 3.43 7.33 9.19
C SER A 3 4.65 8.20 9.52
N GLY A 4 4.46 9.07 10.51
CA GLY A 4 5.54 9.96 10.93
C GLY A 4 5.76 11.06 9.90
N SER A 5 6.42 10.70 8.82
CA SER A 5 6.70 11.64 7.75
C SER A 5 7.06 10.90 6.47
N SER A 6 8.12 10.10 6.55
CA SER A 6 8.58 9.33 5.40
C SER A 6 8.29 7.85 5.63
N GLY A 7 8.56 7.07 4.59
CA GLY A 7 8.33 5.64 4.66
C GLY A 7 6.95 5.27 4.12
N PRO A 8 6.96 4.62 2.92
CA PRO A 8 5.72 4.21 2.29
C PRO A 8 5.12 2.98 2.98
N LYS A 9 3.80 3.01 3.13
CA LYS A 9 3.11 1.91 3.77
C LYS A 9 2.51 1.00 2.70
N LYS A 10 3.03 -0.23 2.66
CA LYS A 10 2.57 -1.20 1.69
C LYS A 10 1.05 -1.11 1.57
N PRO A 11 0.60 -0.51 0.44
CA PRO A 11 -0.82 -0.35 0.19
C PRO A 11 -1.46 -1.69 -0.22
N PRO A 12 -2.82 -1.67 -0.31
CA PRO A 12 -3.56 -2.86 -0.69
C PRO A 12 -3.42 -3.14 -2.19
N MET A 13 -3.90 -4.30 -2.59
CA MET A 13 -3.85 -4.70 -3.98
C MET A 13 -5.15 -5.38 -4.42
N ASN A 14 -6.24 -4.87 -3.88
CA ASN A 14 -7.56 -5.41 -4.21
C ASN A 14 -8.64 -4.54 -3.56
N GLY A 15 -9.70 -4.30 -4.32
CA GLY A 15 -10.80 -3.49 -3.83
C GLY A 15 -11.15 -3.85 -2.38
N TYR A 16 -11.29 -5.15 -2.16
CA TYR A 16 -11.63 -5.64 -0.83
C TYR A 16 -10.60 -5.18 0.21
N GLN A 17 -9.37 -5.61 0.00
CA GLN A 17 -8.29 -5.25 0.91
C GLN A 17 -8.30 -3.73 1.16
N LYS A 18 -8.76 -3.01 0.16
CA LYS A 18 -8.83 -1.56 0.26
C LYS A 18 -9.96 -1.16 1.21
N PHE A 19 -11.17 -1.48 0.80
CA PHE A 19 -12.35 -1.17 1.59
C PHE A 19 -12.13 -1.57 3.06
N SER A 20 -11.62 -2.77 3.23
CA SER A 20 -11.36 -3.28 4.57
C SER A 20 -10.53 -2.28 5.37
N GLN A 21 -9.35 -1.97 4.84
CA GLN A 21 -8.47 -1.03 5.49
C GLN A 21 -9.25 0.18 5.99
N GLU A 22 -10.28 0.53 5.24
CA GLU A 22 -11.12 1.67 5.58
C GLU A 22 -11.83 1.41 6.92
N LEU A 23 -12.33 0.20 7.06
CA LEU A 23 -13.03 -0.19 8.28
C LEU A 23 -12.02 -0.29 9.43
N LEU A 24 -10.78 -0.57 9.07
CA LEU A 24 -9.72 -0.69 10.06
C LEU A 24 -9.25 0.71 10.46
N SER A 25 -9.41 1.64 9.55
CA SER A 25 -9.00 3.02 9.80
C SER A 25 -10.21 3.83 10.28
N ASN A 26 -11.39 3.33 9.97
CA ASN A 26 -12.62 3.99 10.37
C ASN A 26 -12.86 3.76 11.86
N GLY A 27 -12.97 2.49 12.21
CA GLY A 27 -13.20 2.12 13.60
C GLY A 27 -14.67 1.75 13.82
N GLU A 28 -15.30 1.29 12.75
CA GLU A 28 -16.70 0.90 12.82
C GLU A 28 -16.85 -0.46 13.53
N LEU A 29 -15.75 -1.19 13.54
CA LEU A 29 -15.73 -2.50 14.18
C LEU A 29 -14.59 -2.54 15.21
N ASN A 30 -14.42 -1.44 15.90
CA ASN A 30 -13.39 -1.34 16.92
C ASN A 30 -13.97 -1.71 18.29
N HIS A 31 -15.10 -2.40 18.25
CA HIS A 31 -15.77 -2.81 19.46
C HIS A 31 -15.55 -4.31 19.69
N LEU A 32 -15.20 -4.99 18.60
CA LEU A 32 -14.97 -6.42 18.68
C LEU A 32 -13.49 -6.71 18.36
N PRO A 33 -13.10 -7.99 18.59
CA PRO A 33 -11.72 -8.39 18.33
C PRO A 33 -11.47 -8.55 16.84
N LEU A 34 -10.19 -8.55 16.47
CA LEU A 34 -9.80 -8.68 15.08
C LEU A 34 -10.55 -9.85 14.46
N LYS A 35 -10.36 -11.03 15.05
CA LYS A 35 -11.01 -12.23 14.57
C LYS A 35 -12.44 -11.89 14.13
N GLU A 36 -13.02 -10.92 14.81
CA GLU A 36 -14.38 -10.49 14.51
C GLU A 36 -14.35 -9.38 13.46
N ARG A 37 -13.45 -8.43 13.65
CA ARG A 37 -13.32 -7.32 12.74
C ARG A 37 -13.29 -7.82 11.29
N MET A 38 -12.23 -8.53 10.97
CA MET A 38 -12.07 -9.08 9.63
C MET A 38 -13.37 -9.72 9.14
N VAL A 39 -13.72 -10.83 9.77
CA VAL A 39 -14.93 -11.54 9.41
C VAL A 39 -16.06 -10.54 9.18
N GLU A 40 -16.28 -9.71 10.18
CA GLU A 40 -17.32 -8.69 10.10
C GLU A 40 -17.20 -7.90 8.79
N ILE A 41 -15.96 -7.60 8.45
CA ILE A 41 -15.69 -6.85 7.24
C ILE A 41 -16.12 -7.67 6.02
N GLY A 42 -15.51 -8.84 5.89
CA GLY A 42 -15.83 -9.73 4.78
C GLY A 42 -17.32 -9.71 4.48
N SER A 43 -18.10 -9.50 5.53
CA SER A 43 -19.55 -9.46 5.40
C SER A 43 -19.98 -8.16 4.70
N ARG A 44 -19.49 -7.05 5.25
CA ARG A 44 -19.81 -5.74 4.69
C ARG A 44 -19.40 -5.68 3.22
N TRP A 45 -18.23 -6.25 2.94
CA TRP A 45 -17.70 -6.25 1.59
C TRP A 45 -18.69 -7.02 0.70
N GLN A 46 -19.35 -7.99 1.32
CA GLN A 46 -20.32 -8.81 0.61
C GLN A 46 -21.63 -8.05 0.41
N ARG A 47 -21.77 -6.98 1.19
CA ARG A 47 -22.97 -6.16 1.12
C ARG A 47 -22.88 -5.20 -0.06
N ILE A 48 -21.77 -4.46 -0.11
CA ILE A 48 -21.55 -3.51 -1.18
C ILE A 48 -21.93 -4.15 -2.52
N SER A 49 -22.01 -3.31 -3.53
CA SER A 49 -22.36 -3.77 -4.86
C SER A 49 -21.15 -3.66 -5.79
N GLN A 50 -21.31 -4.18 -7.00
CA GLN A 50 -20.25 -4.14 -7.99
C GLN A 50 -19.62 -2.76 -8.02
N SER A 51 -20.44 -1.76 -8.31
CA SER A 51 -19.98 -0.39 -8.39
C SER A 51 -18.94 -0.13 -7.29
N GLN A 52 -19.22 -0.69 -6.12
CA GLN A 52 -18.33 -0.53 -4.98
C GLN A 52 -17.05 -1.35 -5.19
N LYS A 53 -17.21 -2.66 -5.08
CA LYS A 53 -16.07 -3.55 -5.25
C LYS A 53 -15.20 -3.06 -6.39
N GLU A 54 -15.86 -2.56 -7.43
CA GLU A 54 -15.15 -2.03 -8.59
C GLU A 54 -14.35 -0.79 -8.22
N HIS A 55 -15.06 0.18 -7.65
CA HIS A 55 -14.43 1.42 -7.24
C HIS A 55 -13.19 1.12 -6.40
N TYR A 56 -13.43 0.58 -5.22
CA TYR A 56 -12.34 0.24 -4.32
C TYR A 56 -11.21 -0.45 -5.06
N LYS A 57 -11.59 -1.38 -5.93
CA LYS A 57 -10.62 -2.13 -6.72
C LYS A 57 -9.71 -1.14 -7.47
N LYS A 58 -10.27 0.01 -7.78
CA LYS A 58 -9.54 1.04 -8.49
C LYS A 58 -8.68 1.82 -7.49
N LEU A 59 -9.30 2.16 -6.36
CA LEU A 59 -8.60 2.90 -5.33
C LEU A 59 -7.25 2.23 -5.03
N ALA A 60 -7.33 0.99 -4.61
CA ALA A 60 -6.13 0.24 -4.29
C ALA A 60 -5.03 0.58 -5.30
N GLU A 61 -5.43 0.60 -6.57
CA GLU A 61 -4.50 0.90 -7.65
C GLU A 61 -3.83 2.25 -7.38
N GLU A 62 -4.65 3.26 -7.10
CA GLU A 62 -4.14 4.59 -6.84
C GLU A 62 -3.07 4.53 -5.75
N GLN A 63 -3.47 4.04 -4.59
CA GLN A 63 -2.56 3.92 -3.46
C GLN A 63 -1.20 3.38 -3.93
N GLN A 64 -1.27 2.32 -4.72
CA GLN A 64 -0.07 1.69 -5.22
C GLN A 64 0.64 2.63 -6.21
N ARG A 65 -0.17 3.37 -6.96
CA ARG A 65 0.37 4.31 -7.93
C ARG A 65 1.21 5.37 -7.23
N GLN A 66 0.72 5.81 -6.08
CA GLN A 66 1.42 6.82 -5.31
C GLN A 66 2.64 6.22 -4.62
N TYR A 67 2.43 5.06 -4.02
CA TYR A 67 3.51 4.37 -3.33
C TYR A 67 4.71 4.15 -4.25
N LYS A 68 4.44 4.24 -5.54
CA LYS A 68 5.49 4.05 -6.54
C LYS A 68 6.44 5.23 -6.49
N VAL A 69 5.88 6.42 -6.62
CA VAL A 69 6.68 7.64 -6.59
C VAL A 69 7.27 7.82 -5.19
N HIS A 70 6.44 7.57 -4.19
CA HIS A 70 6.87 7.72 -2.81
C HIS A 70 8.23 7.03 -2.63
N LEU A 71 8.28 5.78 -3.05
CA LEU A 71 9.51 5.00 -2.95
C LEU A 71 10.68 5.84 -3.48
N ASP A 72 10.41 6.54 -4.56
CA ASP A 72 11.43 7.39 -5.18
C ASP A 72 11.66 8.62 -4.31
N LEU A 73 10.56 9.12 -3.75
CA LEU A 73 10.64 10.31 -2.90
C LEU A 73 11.47 9.98 -1.66
N TRP A 74 11.32 8.75 -1.19
CA TRP A 74 12.05 8.29 -0.01
C TRP A 74 13.54 8.20 -0.38
N VAL A 75 13.78 7.93 -1.66
CA VAL A 75 15.14 7.80 -2.15
C VAL A 75 15.78 9.20 -2.20
N LYS A 76 15.05 10.13 -2.79
CA LYS A 76 15.53 11.50 -2.91
C LYS A 76 15.99 11.99 -1.55
N SER A 77 15.45 11.36 -0.51
CA SER A 77 15.79 11.74 0.85
C SER A 77 17.00 10.95 1.32
N LEU A 78 17.12 9.73 0.81
CA LEU A 78 18.24 8.88 1.16
C LEU A 78 19.55 9.65 1.00
N SER A 79 20.41 9.51 1.99
CA SER A 79 21.70 10.19 1.97
C SER A 79 22.55 9.66 0.82
N PRO A 80 23.77 10.24 0.69
CA PRO A 80 24.68 9.83 -0.36
C PRO A 80 25.33 8.47 -0.05
N GLN A 81 25.16 8.06 1.20
CA GLN A 81 25.71 6.79 1.64
C GLN A 81 24.66 5.69 1.52
N ASP A 82 23.44 6.02 1.93
CA ASP A 82 22.35 5.08 1.88
C ASP A 82 21.98 4.81 0.42
N ARG A 83 21.64 5.90 -0.28
CA ARG A 83 21.27 5.80 -1.68
C ARG A 83 22.32 5.01 -2.46
N ALA A 84 23.57 5.19 -2.05
CA ALA A 84 24.67 4.51 -2.70
C ALA A 84 24.43 3.01 -2.64
N ALA A 85 23.79 2.58 -1.57
CA ALA A 85 23.50 1.17 -1.37
C ALA A 85 22.24 0.80 -2.17
N TYR A 86 21.14 1.44 -1.82
CA TYR A 86 19.87 1.19 -2.50
C TYR A 86 20.09 1.02 -4.00
N LYS A 87 20.83 1.95 -4.57
CA LYS A 87 21.11 1.91 -6.00
C LYS A 87 21.86 0.62 -6.34
N GLU A 88 22.84 0.30 -5.49
CA GLU A 88 23.63 -0.90 -5.68
C GLU A 88 22.73 -2.09 -5.98
N TYR A 89 21.57 -2.10 -5.33
CA TYR A 89 20.61 -3.18 -5.51
C TYR A 89 19.82 -2.98 -6.81
N ILE A 90 19.55 -1.72 -7.13
CA ILE A 90 18.81 -1.38 -8.33
C ILE A 90 19.49 -2.02 -9.54
N SER A 91 20.75 -1.66 -9.73
CA SER A 91 21.52 -2.20 -10.84
C SER A 91 21.19 -3.67 -11.05
N ASN A 92 21.18 -4.41 -9.95
CA ASN A 92 20.88 -5.82 -10.00
C ASN A 92 19.40 -6.04 -9.67
N LYS A 93 18.55 -5.47 -10.50
CA LYS A 93 17.12 -5.59 -10.31
C LYS A 93 16.39 -4.96 -11.49
N ARG A 94 16.58 -3.65 -11.64
CA ARG A 94 15.96 -2.92 -12.72
C ARG A 94 16.81 -3.00 -13.99
N LYS A 95 16.20 -2.62 -15.10
CA LYS A 95 16.90 -2.64 -16.38
C LYS A 95 17.72 -1.36 -16.54
N SER A 96 18.88 -1.52 -17.13
CA SER A 96 19.77 -0.38 -17.35
C SER A 96 20.67 -0.65 -18.56
N GLY A 97 20.74 0.34 -19.44
CA GLY A 97 21.56 0.22 -20.63
C GLY A 97 20.86 0.81 -21.85
N PRO A 98 21.55 0.75 -23.01
CA PRO A 98 21.00 1.27 -24.25
C PRO A 98 19.93 0.34 -24.81
N SER A 99 18.67 0.78 -24.68
CA SER A 99 17.56 -0.01 -25.16
C SER A 99 16.59 0.89 -25.94
N SER A 100 16.09 1.90 -25.26
CA SER A 100 15.16 2.83 -25.87
C SER A 100 15.87 4.17 -26.15
N GLY A 101 15.27 4.93 -27.05
CA GLY A 101 15.82 6.22 -27.42
C GLY A 101 15.70 6.46 -28.93
N GLY A 1 16.71 8.75 18.76
CA GLY A 1 15.66 8.61 17.77
C GLY A 1 14.35 8.17 18.42
N SER A 2 13.24 8.48 17.75
CA SER A 2 11.94 8.12 18.25
C SER A 2 10.90 8.20 17.13
N SER A 3 10.76 9.39 16.56
CA SER A 3 9.82 9.60 15.48
C SER A 3 10.49 9.29 14.14
N GLY A 4 9.71 8.69 13.25
CA GLY A 4 10.22 8.34 11.94
C GLY A 4 10.63 6.87 11.88
N SER A 5 9.97 6.14 10.99
CA SER A 5 10.26 4.72 10.82
C SER A 5 10.49 4.40 9.35
N SER A 6 9.47 4.67 8.55
CA SER A 6 9.55 4.42 7.12
C SER A 6 8.77 5.49 6.36
N GLY A 7 8.91 5.45 5.04
CA GLY A 7 8.23 6.41 4.18
C GLY A 7 6.88 5.86 3.71
N PRO A 8 6.94 5.05 2.62
CA PRO A 8 5.74 4.45 2.06
C PRO A 8 5.23 3.30 2.94
N LYS A 9 3.98 2.94 2.73
CA LYS A 9 3.36 1.88 3.49
C LYS A 9 2.74 0.87 2.52
N LYS A 10 2.96 -0.41 2.82
CA LYS A 10 2.43 -1.47 1.99
C LYS A 10 0.95 -1.18 1.69
N PRO A 11 0.70 -0.75 0.43
CA PRO A 11 -0.65 -0.45 0.01
C PRO A 11 -1.47 -1.72 -0.24
N PRO A 12 -2.79 -1.53 -0.47
CA PRO A 12 -3.68 -2.65 -0.71
C PRO A 12 -3.47 -3.23 -2.12
N MET A 13 -4.36 -4.13 -2.49
CA MET A 13 -4.29 -4.76 -3.80
C MET A 13 -5.67 -4.80 -4.46
N ASN A 14 -6.56 -5.56 -3.85
CA ASN A 14 -7.92 -5.70 -4.36
C ASN A 14 -8.81 -4.64 -3.72
N GLY A 15 -10.04 -4.58 -4.21
CA GLY A 15 -11.01 -3.62 -3.68
C GLY A 15 -11.38 -3.96 -2.24
N TYR A 16 -11.41 -5.26 -1.96
CA TYR A 16 -11.76 -5.73 -0.63
C TYR A 16 -10.77 -5.19 0.41
N GLN A 17 -9.52 -5.58 0.25
CA GLN A 17 -8.47 -5.15 1.16
C GLN A 17 -8.55 -3.64 1.39
N LYS A 18 -9.03 -2.95 0.37
CA LYS A 18 -9.17 -1.50 0.44
C LYS A 18 -10.29 -1.15 1.42
N PHE A 19 -11.49 -1.60 1.08
CA PHE A 19 -12.66 -1.33 1.91
C PHE A 19 -12.38 -1.73 3.36
N SER A 20 -11.77 -2.88 3.53
CA SER A 20 -11.45 -3.39 4.85
C SER A 20 -10.64 -2.34 5.62
N GLN A 21 -9.47 -2.03 5.09
CA GLN A 21 -8.60 -1.05 5.71
C GLN A 21 -9.41 0.16 6.19
N GLU A 22 -10.48 0.44 5.46
CA GLU A 22 -11.34 1.57 5.81
C GLU A 22 -12.07 1.28 7.11
N LEU A 23 -12.57 0.06 7.22
CA LEU A 23 -13.29 -0.35 8.41
C LEU A 23 -12.32 -0.52 9.57
N LEU A 24 -11.08 -0.85 9.22
CA LEU A 24 -10.05 -1.04 10.23
C LEU A 24 -9.57 0.33 10.72
N SER A 25 -9.71 1.32 9.85
CA SER A 25 -9.29 2.67 10.19
C SER A 25 -10.50 3.47 10.68
N ASN A 26 -11.68 2.99 10.32
CA ASN A 26 -12.92 3.65 10.73
C ASN A 26 -13.19 3.33 12.20
N GLY A 27 -13.34 2.04 12.48
CA GLY A 27 -13.62 1.60 13.84
C GLY A 27 -15.11 1.30 14.03
N GLU A 28 -15.74 0.90 12.94
CA GLU A 28 -17.16 0.58 12.98
C GLU A 28 -17.38 -0.77 13.66
N LEU A 29 -16.39 -1.65 13.51
CA LEU A 29 -16.47 -2.96 14.11
C LEU A 29 -15.40 -3.10 15.20
N ASN A 30 -15.24 -2.01 15.94
CA ASN A 30 -14.26 -1.99 17.02
C ASN A 30 -14.90 -2.49 18.31
N HIS A 31 -16.18 -2.86 18.19
CA HIS A 31 -16.92 -3.36 19.34
C HIS A 31 -16.61 -4.84 19.54
N LEU A 32 -16.21 -5.49 18.46
CA LEU A 32 -15.89 -6.90 18.50
C LEU A 32 -14.37 -7.08 18.32
N PRO A 33 -13.91 -8.33 18.53
CA PRO A 33 -12.50 -8.65 18.40
C PRO A 33 -12.09 -8.72 16.93
N LEU A 34 -10.78 -8.70 16.70
CA LEU A 34 -10.25 -8.76 15.35
C LEU A 34 -10.86 -9.97 14.63
N LYS A 35 -10.67 -11.14 15.23
CA LYS A 35 -11.19 -12.36 14.66
C LYS A 35 -12.60 -12.11 14.11
N GLU A 36 -13.28 -11.17 14.72
CA GLU A 36 -14.62 -10.82 14.31
C GLU A 36 -14.58 -9.72 13.25
N ARG A 37 -13.85 -8.66 13.57
CA ARG A 37 -13.73 -7.54 12.65
C ARG A 37 -13.62 -8.03 11.21
N MET A 38 -12.54 -8.75 10.94
CA MET A 38 -12.31 -9.30 9.62
C MET A 38 -13.58 -9.96 9.06
N VAL A 39 -13.92 -11.09 9.67
CA VAL A 39 -15.10 -11.82 9.24
C VAL A 39 -16.27 -10.84 9.05
N GLU A 40 -16.47 -10.00 10.04
CA GLU A 40 -17.53 -9.01 10.00
C GLU A 40 -17.43 -8.19 8.71
N ILE A 41 -16.21 -7.80 8.38
CA ILE A 41 -15.96 -7.02 7.19
C ILE A 41 -16.45 -7.78 5.96
N GLY A 42 -15.86 -8.96 5.78
CA GLY A 42 -16.24 -9.80 4.65
C GLY A 42 -17.73 -9.71 4.36
N SER A 43 -18.50 -9.53 5.43
CA SER A 43 -19.94 -9.42 5.30
C SER A 43 -20.32 -8.08 4.68
N ARG A 44 -19.81 -7.02 5.30
CA ARG A 44 -20.09 -5.67 4.81
C ARG A 44 -19.60 -5.51 3.38
N TRP A 45 -18.54 -6.24 3.06
CA TRP A 45 -17.96 -6.20 1.73
C TRP A 45 -18.94 -6.88 0.77
N GLN A 46 -19.62 -7.88 1.28
CA GLN A 46 -20.59 -8.62 0.48
C GLN A 46 -21.92 -7.88 0.43
N ARG A 47 -21.96 -6.75 1.14
CA ARG A 47 -23.16 -5.94 1.18
C ARG A 47 -23.13 -4.89 0.06
N ILE A 48 -22.05 -4.13 0.02
CA ILE A 48 -21.89 -3.10 -0.98
C ILE A 48 -22.22 -3.69 -2.36
N SER A 49 -22.21 -2.81 -3.36
CA SER A 49 -22.51 -3.22 -4.72
C SER A 49 -21.23 -3.23 -5.55
N GLN A 50 -21.40 -3.47 -6.84
CA GLN A 50 -20.27 -3.51 -7.75
C GLN A 50 -19.47 -2.21 -7.66
N SER A 51 -20.19 -1.10 -7.80
CA SER A 51 -19.56 0.21 -7.73
C SER A 51 -18.44 0.20 -6.70
N GLN A 52 -18.83 0.01 -5.44
CA GLN A 52 -17.87 -0.02 -4.35
C GLN A 52 -16.67 -0.90 -4.72
N LYS A 53 -16.93 -2.21 -4.75
CA LYS A 53 -15.89 -3.16 -5.09
C LYS A 53 -15.04 -2.60 -6.22
N GLU A 54 -15.71 -2.05 -7.21
CA GLU A 54 -15.02 -1.48 -8.36
C GLU A 54 -14.12 -0.33 -7.91
N HIS A 55 -14.76 0.71 -7.38
CA HIS A 55 -14.03 1.87 -6.91
C HIS A 55 -12.80 1.43 -6.13
N TYR A 56 -13.05 0.82 -4.98
CA TYR A 56 -11.98 0.34 -4.13
C TYR A 56 -10.94 -0.43 -4.95
N LYS A 57 -11.44 -1.23 -5.88
CA LYS A 57 -10.57 -2.03 -6.73
C LYS A 57 -9.70 -1.10 -7.58
N LYS A 58 -10.21 0.11 -7.79
CA LYS A 58 -9.49 1.09 -8.58
C LYS A 58 -8.49 1.83 -7.68
N LEU A 59 -8.99 2.26 -6.52
CA LEU A 59 -8.16 2.97 -5.58
C LEU A 59 -6.89 2.17 -5.31
N ALA A 60 -7.09 0.92 -4.94
CA ALA A 60 -5.97 0.03 -4.65
C ALA A 60 -4.88 0.24 -5.71
N GLU A 61 -5.32 0.37 -6.96
CA GLU A 61 -4.40 0.57 -8.06
C GLU A 61 -3.67 1.91 -7.90
N GLU A 62 -4.44 2.92 -7.51
CA GLU A 62 -3.87 4.25 -7.33
C GLU A 62 -2.89 4.26 -6.16
N GLN A 63 -3.29 3.59 -5.09
CA GLN A 63 -2.46 3.50 -3.90
C GLN A 63 -1.08 2.93 -4.26
N GLN A 64 -1.11 1.85 -5.02
CA GLN A 64 0.12 1.19 -5.43
C GLN A 64 0.86 2.06 -6.45
N ARG A 65 0.09 2.91 -7.12
CA ARG A 65 0.67 3.79 -8.13
C ARG A 65 1.48 4.90 -7.46
N GLN A 66 0.95 5.40 -6.35
CA GLN A 66 1.61 6.46 -5.61
C GLN A 66 2.82 5.90 -4.85
N TYR A 67 2.60 4.77 -4.20
CA TYR A 67 3.65 4.13 -3.43
C TYR A 67 4.90 3.91 -4.29
N LYS A 68 4.68 3.92 -5.60
CA LYS A 68 5.77 3.72 -6.54
C LYS A 68 6.68 4.95 -6.52
N VAL A 69 6.09 6.10 -6.78
CA VAL A 69 6.84 7.34 -6.79
C VAL A 69 7.35 7.64 -5.38
N HIS A 70 6.49 7.38 -4.40
CA HIS A 70 6.84 7.61 -3.02
C HIS A 70 8.21 7.00 -2.73
N LEU A 71 8.41 5.79 -3.25
CA LEU A 71 9.68 5.09 -3.05
C LEU A 71 10.82 5.95 -3.61
N ASP A 72 10.55 6.57 -4.74
CA ASP A 72 11.55 7.42 -5.39
C ASP A 72 11.72 8.71 -4.56
N LEU A 73 10.60 9.21 -4.06
CA LEU A 73 10.61 10.42 -3.27
C LEU A 73 11.47 10.20 -2.01
N TRP A 74 11.41 8.97 -1.51
CA TRP A 74 12.18 8.62 -0.33
C TRP A 74 13.65 8.55 -0.72
N VAL A 75 13.88 8.22 -1.98
CA VAL A 75 15.23 8.11 -2.51
C VAL A 75 15.81 9.50 -2.69
N LYS A 76 14.99 10.40 -3.23
CA LYS A 76 15.40 11.76 -3.47
C LYS A 76 15.89 12.38 -2.16
N SER A 77 15.48 11.76 -1.06
CA SER A 77 15.86 12.23 0.26
C SER A 77 17.08 11.46 0.76
N LEU A 78 17.26 10.26 0.22
CA LEU A 78 18.38 9.42 0.59
C LEU A 78 19.69 10.17 0.34
N SER A 79 20.50 10.27 1.39
CA SER A 79 21.77 10.95 1.29
C SER A 79 22.59 10.37 0.14
N PRO A 80 23.80 10.95 -0.06
CA PRO A 80 24.70 10.50 -1.11
C PRO A 80 25.37 9.17 -0.73
N GLN A 81 25.28 8.85 0.54
CA GLN A 81 25.86 7.61 1.05
C GLN A 81 24.82 6.50 1.06
N ASP A 82 23.60 6.87 1.40
CA ASP A 82 22.51 5.91 1.46
C ASP A 82 22.11 5.52 0.04
N ARG A 83 21.80 6.53 -0.76
CA ARG A 83 21.41 6.30 -2.15
C ARG A 83 22.48 5.46 -2.86
N ALA A 84 23.72 5.74 -2.55
CA ALA A 84 24.83 5.03 -3.16
C ALA A 84 24.66 3.53 -2.91
N ALA A 85 24.01 3.21 -1.80
CA ALA A 85 23.78 1.83 -1.44
C ALA A 85 22.51 1.34 -2.14
N TYR A 86 21.40 1.98 -1.83
CA TYR A 86 20.12 1.63 -2.41
C TYR A 86 20.28 1.24 -3.88
N LYS A 87 21.04 2.07 -4.59
CA LYS A 87 21.29 1.82 -6.01
C LYS A 87 21.98 0.48 -6.18
N GLU A 88 23.01 0.27 -5.38
CA GLU A 88 23.77 -0.97 -5.43
C GLU A 88 22.83 -2.16 -5.63
N TYR A 89 21.68 -2.09 -4.95
CA TYR A 89 20.70 -3.15 -5.05
C TYR A 89 19.91 -3.04 -6.36
N ILE A 90 19.61 -1.81 -6.73
CA ILE A 90 18.86 -1.55 -7.95
C ILE A 90 19.52 -2.30 -9.11
N SER A 91 20.73 -1.86 -9.43
CA SER A 91 21.49 -2.46 -10.52
C SER A 91 21.40 -3.99 -10.42
N ASN A 92 21.86 -4.51 -9.30
CA ASN A 92 21.84 -5.95 -9.08
C ASN A 92 20.47 -6.51 -9.49
N LYS A 93 19.43 -5.85 -9.00
CA LYS A 93 18.07 -6.26 -9.31
C LYS A 93 17.89 -6.29 -10.83
N ARG A 94 18.17 -5.16 -11.45
CA ARG A 94 18.04 -5.04 -12.90
C ARG A 94 18.59 -6.29 -13.59
N LYS A 95 19.78 -6.68 -13.15
CA LYS A 95 20.43 -7.86 -13.72
C LYS A 95 21.60 -8.27 -12.83
N SER A 96 22.67 -7.48 -12.91
CA SER A 96 23.86 -7.75 -12.12
C SER A 96 24.57 -6.43 -11.79
N GLY A 97 25.37 -6.49 -10.73
CA GLY A 97 26.12 -5.32 -10.30
C GLY A 97 27.17 -5.68 -9.25
N PRO A 98 28.37 -6.04 -9.76
CA PRO A 98 29.47 -6.42 -8.88
C PRO A 98 30.08 -5.19 -8.19
N SER A 99 30.95 -5.46 -7.23
CA SER A 99 31.61 -4.38 -6.51
C SER A 99 31.98 -3.25 -7.46
N SER A 100 31.33 -2.12 -7.28
CA SER A 100 31.58 -0.96 -8.11
C SER A 100 31.67 -1.38 -9.58
N GLY A 101 30.51 -1.54 -10.19
CA GLY A 101 30.44 -1.93 -11.58
C GLY A 101 29.36 -1.15 -12.33
N GLY A 1 -4.31 8.46 19.64
CA GLY A 1 -2.98 8.04 19.22
C GLY A 1 -3.01 7.47 17.80
N SER A 2 -1.86 7.55 17.15
CA SER A 2 -1.73 7.06 15.78
C SER A 2 -0.59 6.06 15.69
N SER A 3 0.62 6.57 15.93
CA SER A 3 1.80 5.74 15.88
C SER A 3 1.99 5.17 14.48
N GLY A 4 2.78 5.90 13.69
CA GLY A 4 3.05 5.47 12.32
C GLY A 4 4.51 5.73 11.94
N SER A 5 4.77 6.91 11.42
CA SER A 5 6.11 7.29 11.02
C SER A 5 6.65 6.27 10.01
N SER A 6 6.38 6.56 8.73
CA SER A 6 6.84 5.69 7.66
C SER A 6 6.38 6.25 6.31
N GLY A 7 7.21 6.02 5.30
CA GLY A 7 6.90 6.49 3.97
C GLY A 7 5.60 5.86 3.45
N PRO A 8 5.73 5.12 2.33
CA PRO A 8 4.58 4.47 1.72
C PRO A 8 4.16 3.24 2.53
N LYS A 9 2.87 2.93 2.47
CA LYS A 9 2.33 1.79 3.19
C LYS A 9 1.70 0.82 2.19
N LYS A 10 1.98 -0.46 2.41
CA LYS A 10 1.46 -1.49 1.54
C LYS A 10 0.00 -1.17 1.18
N PRO A 11 -0.17 -0.61 -0.04
CA PRO A 11 -1.50 -0.24 -0.52
C PRO A 11 -2.30 -1.48 -0.92
N PRO A 12 -3.60 -1.25 -1.25
CA PRO A 12 -4.47 -2.33 -1.66
C PRO A 12 -4.16 -2.78 -3.09
N MET A 13 -4.44 -4.05 -3.36
CA MET A 13 -4.20 -4.61 -4.66
C MET A 13 -5.30 -5.61 -5.05
N ASN A 14 -6.51 -5.08 -5.18
CA ASN A 14 -7.65 -5.92 -5.55
C ASN A 14 -8.93 -5.09 -5.42
N GLY A 15 -9.11 -4.51 -4.25
CA GLY A 15 -10.28 -3.69 -3.99
C GLY A 15 -10.86 -4.01 -2.61
N TYR A 16 -10.89 -5.30 -2.28
CA TYR A 16 -11.42 -5.73 -1.00
C TYR A 16 -10.51 -5.29 0.15
N GLN A 17 -9.22 -5.39 -0.09
CA GLN A 17 -8.23 -5.01 0.90
C GLN A 17 -8.28 -3.50 1.14
N LYS A 18 -8.74 -2.79 0.12
CA LYS A 18 -8.83 -1.34 0.20
C LYS A 18 -9.90 -0.96 1.23
N PHE A 19 -11.12 -1.39 0.93
CA PHE A 19 -12.24 -1.10 1.82
C PHE A 19 -11.96 -1.58 3.24
N SER A 20 -11.32 -2.74 3.33
CA SER A 20 -10.99 -3.31 4.62
C SER A 20 -10.10 -2.33 5.41
N GLN A 21 -9.00 -1.96 4.79
CA GLN A 21 -8.07 -1.03 5.43
C GLN A 21 -8.81 0.19 5.97
N GLU A 22 -9.88 0.54 5.28
CA GLU A 22 -10.69 1.68 5.69
C GLU A 22 -11.38 1.39 7.03
N LEU A 23 -11.86 0.17 7.16
CA LEU A 23 -12.53 -0.24 8.38
C LEU A 23 -11.51 -0.40 9.50
N LEU A 24 -10.28 -0.68 9.09
CA LEU A 24 -9.19 -0.85 10.04
C LEU A 24 -8.71 0.51 10.52
N SER A 25 -8.89 1.50 9.66
CA SER A 25 -8.47 2.86 9.97
C SER A 25 -9.66 3.65 10.53
N ASN A 26 -10.85 3.15 10.24
CA ASN A 26 -12.06 3.80 10.70
C ASN A 26 -12.27 3.48 12.19
N GLY A 27 -12.40 2.19 12.47
CA GLY A 27 -12.61 1.74 13.83
C GLY A 27 -14.08 1.42 14.09
N GLU A 28 -14.76 1.03 13.03
CA GLU A 28 -16.18 0.69 13.12
C GLU A 28 -16.35 -0.67 13.79
N LEU A 29 -15.29 -1.47 13.70
CA LEU A 29 -15.32 -2.80 14.29
C LEU A 29 -14.14 -2.94 15.27
N ASN A 30 -13.88 -1.87 15.99
CA ASN A 30 -12.79 -1.86 16.95
C ASN A 30 -13.29 -2.42 18.29
N HIS A 31 -14.56 -2.81 18.29
CA HIS A 31 -15.17 -3.37 19.49
C HIS A 31 -14.77 -4.84 19.64
N LEU A 32 -14.40 -5.44 18.51
CA LEU A 32 -14.00 -6.83 18.51
C LEU A 32 -12.52 -6.92 18.13
N PRO A 33 -11.95 -8.15 18.30
CA PRO A 33 -10.56 -8.38 17.99
C PRO A 33 -10.34 -8.47 16.47
N LEU A 34 -9.08 -8.39 16.07
CA LEU A 34 -8.74 -8.45 14.67
C LEU A 34 -9.51 -9.60 14.01
N LYS A 35 -9.33 -10.79 14.57
CA LYS A 35 -10.00 -11.97 14.06
C LYS A 35 -11.40 -11.58 13.55
N GLU A 36 -12.25 -11.24 14.51
CA GLU A 36 -13.62 -10.85 14.19
C GLU A 36 -13.61 -9.74 13.12
N ARG A 37 -12.87 -8.69 13.42
CA ARG A 37 -12.77 -7.56 12.50
C ARG A 37 -12.74 -8.05 11.05
N MET A 38 -11.70 -8.81 10.74
CA MET A 38 -11.54 -9.35 9.40
C MET A 38 -12.84 -9.98 8.90
N VAL A 39 -13.22 -11.09 9.53
CA VAL A 39 -14.43 -11.79 9.16
C VAL A 39 -15.58 -10.78 9.05
N GLU A 40 -15.68 -9.94 10.07
CA GLU A 40 -16.73 -8.93 10.11
C GLU A 40 -16.66 -8.06 8.85
N ILE A 41 -15.44 -7.74 8.46
CA ILE A 41 -15.23 -6.90 7.28
C ILE A 41 -15.79 -7.63 6.05
N GLY A 42 -15.27 -8.84 5.84
CA GLY A 42 -15.71 -9.64 4.71
C GLY A 42 -17.23 -9.55 4.51
N SER A 43 -17.93 -9.56 5.63
CA SER A 43 -19.38 -9.48 5.61
C SER A 43 -19.82 -8.14 5.00
N ARG A 44 -19.25 -7.07 5.54
CA ARG A 44 -19.58 -5.74 5.06
C ARG A 44 -19.25 -5.60 3.58
N TRP A 45 -18.06 -6.09 3.22
CA TRP A 45 -17.62 -6.03 1.84
C TRP A 45 -18.64 -6.80 0.99
N GLN A 46 -19.27 -7.78 1.61
CA GLN A 46 -20.26 -8.60 0.93
C GLN A 46 -21.57 -7.83 0.80
N ARG A 47 -21.66 -6.74 1.54
CA ARG A 47 -22.86 -5.91 1.53
C ARG A 47 -22.76 -4.85 0.43
N ILE A 48 -21.65 -4.13 0.45
CA ILE A 48 -21.42 -3.08 -0.53
C ILE A 48 -21.88 -3.57 -1.90
N SER A 49 -22.11 -2.62 -2.79
CA SER A 49 -22.55 -2.94 -4.14
C SER A 49 -21.35 -2.91 -5.10
N GLN A 50 -21.57 -3.49 -6.28
CA GLN A 50 -20.53 -3.55 -7.29
C GLN A 50 -19.77 -2.21 -7.35
N SER A 51 -20.53 -1.15 -7.54
CA SER A 51 -19.96 0.18 -7.62
C SER A 51 -18.83 0.32 -6.59
N GLN A 52 -19.11 -0.15 -5.38
CA GLN A 52 -18.13 -0.09 -4.31
C GLN A 52 -16.88 -0.88 -4.69
N LYS A 53 -17.03 -2.20 -4.67
CA LYS A 53 -15.92 -3.09 -5.00
C LYS A 53 -15.18 -2.53 -6.22
N GLU A 54 -15.96 -2.00 -7.16
CA GLU A 54 -15.39 -1.44 -8.37
C GLU A 54 -14.47 -0.27 -8.03
N HIS A 55 -15.03 0.71 -7.34
CA HIS A 55 -14.28 1.89 -6.95
C HIS A 55 -13.01 1.45 -6.22
N TYR A 56 -13.21 0.88 -5.04
CA TYR A 56 -12.10 0.41 -4.23
C TYR A 56 -11.08 -0.35 -5.09
N LYS A 57 -11.60 -1.04 -6.09
CA LYS A 57 -10.75 -1.82 -6.98
C LYS A 57 -9.93 -0.86 -7.84
N LYS A 58 -10.51 0.29 -8.14
CA LYS A 58 -9.85 1.29 -8.95
C LYS A 58 -8.81 2.03 -8.09
N LEU A 59 -9.22 2.37 -6.89
CA LEU A 59 -8.34 3.08 -5.97
C LEU A 59 -7.02 2.31 -5.85
N ALA A 60 -7.15 1.01 -5.61
CA ALA A 60 -5.98 0.17 -5.47
C ALA A 60 -4.98 0.49 -6.59
N GLU A 61 -5.53 0.68 -7.78
CA GLU A 61 -4.70 0.99 -8.94
C GLU A 61 -4.01 2.34 -8.75
N GLU A 62 -4.75 3.27 -8.17
CA GLU A 62 -4.23 4.61 -7.92
C GLU A 62 -3.26 4.58 -6.74
N GLN A 63 -3.66 3.85 -5.70
CA GLN A 63 -2.84 3.75 -4.51
C GLN A 63 -1.49 3.13 -4.85
N GLN A 64 -1.54 2.03 -5.58
CA GLN A 64 -0.33 1.33 -5.98
C GLN A 64 0.46 2.17 -6.99
N ARG A 65 -0.24 3.11 -7.61
CA ARG A 65 0.37 3.98 -8.59
C ARG A 65 1.22 5.05 -7.89
N GLN A 66 0.65 5.64 -6.86
CA GLN A 66 1.33 6.67 -6.10
C GLN A 66 2.47 6.05 -5.29
N TYR A 67 2.16 4.94 -4.63
CA TYR A 67 3.14 4.25 -3.82
C TYR A 67 4.42 3.98 -4.61
N LYS A 68 4.27 3.96 -5.93
CA LYS A 68 5.39 3.72 -6.80
C LYS A 68 6.36 4.90 -6.74
N VAL A 69 5.82 6.07 -7.09
CA VAL A 69 6.62 7.29 -7.08
C VAL A 69 7.07 7.58 -5.65
N HIS A 70 6.16 7.37 -4.72
CA HIS A 70 6.45 7.61 -3.31
C HIS A 70 7.81 6.99 -2.96
N LEU A 71 7.96 5.72 -3.31
CA LEU A 71 9.20 5.01 -3.05
C LEU A 71 10.38 5.84 -3.54
N ASP A 72 10.20 6.43 -4.72
CA ASP A 72 11.24 7.25 -5.32
C ASP A 72 11.40 8.53 -4.48
N LEU A 73 10.26 9.06 -4.03
CA LEU A 73 10.27 10.27 -3.24
C LEU A 73 11.05 10.03 -1.95
N TRP A 74 10.83 8.85 -1.37
CA TRP A 74 11.50 8.48 -0.15
C TRP A 74 13.00 8.33 -0.44
N VAL A 75 13.28 8.03 -1.70
CA VAL A 75 14.66 7.85 -2.13
C VAL A 75 15.32 9.22 -2.31
N LYS A 76 14.54 10.13 -2.88
CA LYS A 76 15.03 11.48 -3.13
C LYS A 76 15.49 12.10 -1.80
N SER A 77 14.99 11.52 -0.72
CA SER A 77 15.34 12.01 0.61
C SER A 77 16.50 11.19 1.18
N LEU A 78 16.58 9.94 0.74
CA LEU A 78 17.63 9.05 1.20
C LEU A 78 18.99 9.76 1.05
N SER A 79 19.70 9.82 2.15
CA SER A 79 21.01 10.46 2.17
C SER A 79 21.90 9.85 1.08
N PRO A 80 23.13 10.41 0.98
CA PRO A 80 24.08 9.92 -0.02
C PRO A 80 24.68 8.58 0.40
N GLN A 81 24.50 8.25 1.67
CA GLN A 81 25.01 7.01 2.20
C GLN A 81 23.93 5.91 2.13
N ASP A 82 22.71 6.33 2.42
CA ASP A 82 21.58 5.40 2.39
C ASP A 82 21.29 5.00 0.94
N ARG A 83 21.06 6.02 0.12
CA ARG A 83 20.77 5.79 -1.29
C ARG A 83 21.86 4.92 -1.91
N ALA A 84 23.09 5.19 -1.53
CA ALA A 84 24.22 4.44 -2.05
C ALA A 84 24.00 2.95 -1.80
N ALA A 85 23.20 2.66 -0.78
CA ALA A 85 22.90 1.29 -0.42
C ALA A 85 21.64 0.84 -1.17
N TYR A 86 20.54 1.54 -0.89
CA TYR A 86 19.28 1.23 -1.52
C TYR A 86 19.48 0.86 -3.00
N LYS A 87 20.29 1.66 -3.68
CA LYS A 87 20.57 1.44 -5.08
C LYS A 87 21.17 0.04 -5.26
N GLU A 88 22.12 -0.26 -4.39
CA GLU A 88 22.78 -1.56 -4.45
C GLU A 88 21.77 -2.67 -4.71
N TYR A 89 20.60 -2.51 -4.09
CA TYR A 89 19.54 -3.50 -4.25
C TYR A 89 18.78 -3.27 -5.56
N ILE A 90 18.64 -2.01 -5.92
CA ILE A 90 17.94 -1.65 -7.15
C ILE A 90 18.54 -2.43 -8.31
N SER A 91 19.81 -2.15 -8.58
CA SER A 91 20.51 -2.82 -9.67
C SER A 91 20.17 -4.30 -9.67
N ASN A 92 20.42 -4.93 -8.53
CA ASN A 92 20.15 -6.35 -8.37
C ASN A 92 18.72 -6.64 -8.81
N LYS A 93 17.79 -5.87 -8.25
CA LYS A 93 16.39 -6.02 -8.56
C LYS A 93 16.06 -5.26 -9.84
N ARG A 94 14.77 -5.15 -10.11
CA ARG A 94 14.31 -4.45 -11.30
C ARG A 94 15.23 -4.75 -12.48
N LYS A 95 14.90 -5.82 -13.20
CA LYS A 95 15.68 -6.22 -14.35
C LYS A 95 15.93 -5.00 -15.25
N SER A 96 17.20 -4.61 -15.31
CA SER A 96 17.58 -3.46 -16.12
C SER A 96 17.06 -3.64 -17.56
N GLY A 97 16.98 -2.52 -18.26
CA GLY A 97 16.50 -2.52 -19.63
C GLY A 97 17.25 -1.49 -20.48
N PRO A 98 16.77 -1.35 -21.75
CA PRO A 98 17.38 -0.40 -22.67
C PRO A 98 16.98 1.03 -22.32
N SER A 99 17.50 1.97 -23.10
CA SER A 99 17.20 3.38 -22.88
C SER A 99 17.44 4.16 -24.17
N SER A 100 16.95 5.39 -24.18
CA SER A 100 17.10 6.25 -25.33
C SER A 100 18.26 7.23 -25.11
N GLY A 101 18.60 7.93 -26.18
CA GLY A 101 19.69 8.90 -26.12
C GLY A 101 20.40 9.01 -27.48
N GLY A 1 2.30 13.14 12.56
CA GLY A 1 2.06 11.82 13.12
C GLY A 1 2.90 11.60 14.38
N SER A 2 2.76 10.40 14.94
CA SER A 2 3.51 10.05 16.13
C SER A 2 4.86 9.47 15.76
N SER A 3 5.83 10.35 15.57
CA SER A 3 7.17 9.93 15.21
C SER A 3 7.17 9.35 13.79
N GLY A 4 7.84 10.07 12.90
CA GLY A 4 7.92 9.63 11.51
C GLY A 4 9.23 8.90 11.24
N SER A 5 9.25 8.15 10.15
CA SER A 5 10.44 7.40 9.77
C SER A 5 10.27 6.84 8.35
N SER A 6 9.23 6.02 8.20
CA SER A 6 8.96 5.42 6.91
C SER A 6 8.33 6.46 5.97
N GLY A 7 8.57 6.25 4.68
CA GLY A 7 8.03 7.15 3.67
C GLY A 7 6.69 6.65 3.14
N PRO A 8 6.77 5.67 2.20
CA PRO A 8 5.57 5.10 1.61
C PRO A 8 4.87 4.15 2.58
N LYS A 9 3.56 4.10 2.47
CA LYS A 9 2.77 3.23 3.34
C LYS A 9 2.16 2.10 2.51
N LYS A 10 2.46 0.88 2.93
CA LYS A 10 1.95 -0.29 2.24
C LYS A 10 0.50 -0.04 1.81
N PRO A 11 0.31 0.10 0.47
CA PRO A 11 -1.02 0.34 -0.07
C PRO A 11 -1.86 -0.94 -0.06
N PRO A 12 -3.17 -0.77 -0.35
CA PRO A 12 -4.08 -1.90 -0.37
C PRO A 12 -3.88 -2.74 -1.64
N MET A 13 -4.77 -3.71 -1.80
CA MET A 13 -4.70 -4.60 -2.96
C MET A 13 -6.09 -5.11 -3.35
N ASN A 14 -6.22 -5.46 -4.62
CA ASN A 14 -7.48 -5.97 -5.12
C ASN A 14 -8.56 -4.88 -4.96
N GLY A 15 -9.09 -4.81 -3.75
CA GLY A 15 -10.13 -3.83 -3.44
C GLY A 15 -10.78 -4.12 -2.08
N TYR A 16 -10.80 -5.40 -1.73
CA TYR A 16 -11.39 -5.82 -0.48
C TYR A 16 -10.54 -5.32 0.71
N GLN A 17 -9.23 -5.36 0.52
CA GLN A 17 -8.31 -4.92 1.56
C GLN A 17 -8.48 -3.42 1.80
N LYS A 18 -8.86 -2.72 0.74
CA LYS A 18 -9.05 -1.28 0.83
C LYS A 18 -10.21 -0.98 1.77
N PHE A 19 -11.39 -1.44 1.38
CA PHE A 19 -12.59 -1.23 2.17
C PHE A 19 -12.37 -1.71 3.61
N SER A 20 -11.77 -2.89 3.73
CA SER A 20 -11.50 -3.46 5.03
C SER A 20 -10.72 -2.47 5.90
N GLN A 21 -9.53 -2.14 5.43
CA GLN A 21 -8.68 -1.21 6.15
C GLN A 21 -9.50 -0.03 6.67
N GLU A 22 -10.50 0.34 5.89
CA GLU A 22 -11.37 1.44 6.26
C GLU A 22 -12.16 1.10 7.52
N LEU A 23 -12.68 -0.12 7.54
CA LEU A 23 -13.46 -0.58 8.68
C LEU A 23 -12.54 -0.77 9.88
N LEU A 24 -11.28 -1.05 9.57
CA LEU A 24 -10.28 -1.27 10.61
C LEU A 24 -9.83 0.09 11.17
N SER A 25 -9.92 1.10 10.31
CA SER A 25 -9.53 2.45 10.70
C SER A 25 -10.75 3.23 11.16
N ASN A 26 -11.92 2.75 10.76
CA ASN A 26 -13.17 3.40 11.13
C ASN A 26 -13.52 3.03 12.57
N GLY A 27 -13.72 1.74 12.79
CA GLY A 27 -14.07 1.25 14.11
C GLY A 27 -15.56 0.93 14.20
N GLU A 28 -16.14 0.61 13.06
CA GLU A 28 -17.56 0.29 12.99
C GLU A 28 -17.81 -1.11 13.58
N LEU A 29 -16.73 -1.87 13.69
CA LEU A 29 -16.82 -3.22 14.22
C LEU A 29 -15.80 -3.39 15.36
N ASN A 30 -15.67 -2.33 16.15
CA ASN A 30 -14.74 -2.35 17.26
C ASN A 30 -15.44 -2.90 18.50
N HIS A 31 -16.70 -3.23 18.32
CA HIS A 31 -17.50 -3.77 19.42
C HIS A 31 -17.17 -5.26 19.60
N LEU A 32 -16.70 -5.87 18.51
CA LEU A 32 -16.35 -7.27 18.54
C LEU A 32 -14.83 -7.41 18.44
N PRO A 33 -14.35 -8.67 18.65
CA PRO A 33 -12.92 -8.95 18.59
C PRO A 33 -12.44 -8.98 17.14
N LEU A 34 -11.17 -8.64 16.98
CA LEU A 34 -10.57 -8.62 15.65
C LEU A 34 -11.06 -9.83 14.86
N LYS A 35 -10.83 -11.00 15.44
CA LYS A 35 -11.23 -12.25 14.79
C LYS A 35 -12.59 -12.05 14.12
N GLU A 36 -13.47 -11.35 14.83
CA GLU A 36 -14.80 -11.08 14.32
C GLU A 36 -14.76 -9.98 13.27
N ARG A 37 -14.08 -8.89 13.62
CA ARG A 37 -13.96 -7.75 12.72
C ARG A 37 -13.78 -8.24 11.28
N MET A 38 -12.67 -8.95 11.07
CA MET A 38 -12.38 -9.47 9.74
C MET A 38 -13.61 -10.15 9.13
N VAL A 39 -13.98 -11.28 9.72
CA VAL A 39 -15.13 -12.03 9.24
C VAL A 39 -16.30 -11.07 9.02
N GLU A 40 -16.54 -10.24 10.03
CA GLU A 40 -17.62 -9.27 9.96
C GLU A 40 -17.50 -8.43 8.70
N ILE A 41 -16.27 -8.00 8.42
CA ILE A 41 -16.00 -7.19 7.25
C ILE A 41 -16.44 -7.93 6.00
N GLY A 42 -15.85 -9.10 5.81
CA GLY A 42 -16.18 -9.92 4.65
C GLY A 42 -17.67 -9.84 4.32
N SER A 43 -18.47 -9.68 5.37
CA SER A 43 -19.91 -9.60 5.21
C SER A 43 -20.27 -8.24 4.60
N ARG A 44 -19.79 -7.18 5.23
CA ARG A 44 -20.06 -5.83 4.76
C ARG A 44 -19.52 -5.65 3.35
N TRP A 45 -18.45 -6.36 3.05
CA TRP A 45 -17.82 -6.28 1.75
C TRP A 45 -18.76 -6.95 0.73
N GLN A 46 -19.46 -7.98 1.22
CA GLN A 46 -20.39 -8.70 0.37
C GLN A 46 -21.74 -7.99 0.33
N ARG A 47 -21.82 -6.90 1.06
CA ARG A 47 -23.04 -6.11 1.12
C ARG A 47 -23.03 -5.04 0.02
N ILE A 48 -21.95 -4.29 -0.02
CA ILE A 48 -21.80 -3.23 -1.01
C ILE A 48 -22.10 -3.80 -2.39
N SER A 49 -22.01 -2.93 -3.39
CA SER A 49 -22.27 -3.32 -4.76
C SER A 49 -20.98 -3.24 -5.58
N GLN A 50 -21.12 -3.48 -6.87
CA GLN A 50 -19.98 -3.45 -7.78
C GLN A 50 -19.27 -2.10 -7.67
N SER A 51 -20.06 -1.04 -7.77
CA SER A 51 -19.51 0.31 -7.68
C SER A 51 -18.39 0.35 -6.65
N GLN A 52 -18.73 -0.02 -5.42
CA GLN A 52 -17.76 -0.02 -4.34
C GLN A 52 -16.53 -0.83 -4.74
N LYS A 53 -16.71 -2.14 -4.79
CA LYS A 53 -15.62 -3.04 -5.15
C LYS A 53 -14.81 -2.41 -6.28
N GLU A 54 -15.53 -1.82 -7.23
CA GLU A 54 -14.89 -1.18 -8.37
C GLU A 54 -13.96 -0.05 -7.89
N HIS A 55 -14.54 0.86 -7.12
CA HIS A 55 -13.79 1.99 -6.60
C HIS A 55 -12.62 1.48 -5.75
N TYR A 56 -12.97 0.85 -4.63
CA TYR A 56 -11.98 0.31 -3.73
C TYR A 56 -10.87 -0.41 -4.50
N LYS A 57 -11.23 -0.88 -5.68
CA LYS A 57 -10.29 -1.60 -6.52
C LYS A 57 -9.54 -0.59 -7.41
N LYS A 58 -10.32 0.29 -8.02
CA LYS A 58 -9.75 1.31 -8.89
C LYS A 58 -8.81 2.20 -8.09
N LEU A 59 -9.13 2.33 -6.81
CA LEU A 59 -8.32 3.16 -5.92
C LEU A 59 -7.01 2.43 -5.60
N ALA A 60 -7.14 1.15 -5.30
CA ALA A 60 -5.98 0.34 -4.99
C ALA A 60 -4.91 0.54 -6.06
N GLU A 61 -5.37 0.67 -7.30
CA GLU A 61 -4.47 0.87 -8.41
C GLU A 61 -3.78 2.23 -8.30
N GLU A 62 -4.52 3.20 -7.78
CA GLU A 62 -4.00 4.54 -7.62
C GLU A 62 -2.97 4.57 -6.49
N GLN A 63 -3.28 3.83 -5.43
CA GLN A 63 -2.39 3.76 -4.28
C GLN A 63 -1.05 3.12 -4.68
N GLN A 64 -1.15 2.02 -5.40
CA GLN A 64 0.04 1.32 -5.85
C GLN A 64 0.74 2.10 -6.95
N ARG A 65 0.01 3.06 -7.52
CA ARG A 65 0.56 3.88 -8.57
C ARG A 65 1.40 5.02 -7.99
N GLN A 66 0.94 5.54 -6.86
CA GLN A 66 1.63 6.62 -6.20
C GLN A 66 2.81 6.07 -5.39
N TYR A 67 2.56 4.97 -4.69
CA TYR A 67 3.58 4.34 -3.89
C TYR A 67 4.82 4.03 -4.73
N LYS A 68 4.62 3.99 -6.03
CA LYS A 68 5.71 3.70 -6.95
C LYS A 68 6.67 4.90 -6.97
N VAL A 69 6.12 6.06 -7.24
CA VAL A 69 6.90 7.28 -7.31
C VAL A 69 7.42 7.61 -5.90
N HIS A 70 6.54 7.43 -4.92
CA HIS A 70 6.90 7.71 -3.54
C HIS A 70 8.24 7.05 -3.21
N LEU A 71 8.37 5.82 -3.64
CA LEU A 71 9.60 5.06 -3.40
C LEU A 71 10.79 5.84 -3.97
N ASP A 72 10.56 6.42 -5.13
CA ASP A 72 11.60 7.20 -5.81
C ASP A 72 11.80 8.51 -5.06
N LEU A 73 10.70 9.10 -4.63
CA LEU A 73 10.74 10.36 -3.90
C LEU A 73 11.58 10.17 -2.63
N TRP A 74 11.43 9.00 -2.03
CA TRP A 74 12.17 8.68 -0.81
C TRP A 74 13.65 8.58 -1.17
N VAL A 75 13.90 8.12 -2.39
CA VAL A 75 15.26 7.97 -2.86
C VAL A 75 15.87 9.35 -3.14
N LYS A 76 15.08 10.18 -3.81
CA LYS A 76 15.52 11.52 -4.13
C LYS A 76 15.95 12.24 -2.85
N SER A 77 15.48 11.71 -1.72
CA SER A 77 15.80 12.29 -0.44
C SER A 77 16.99 11.55 0.19
N LEU A 78 17.16 10.31 -0.24
CA LEU A 78 18.25 9.49 0.26
C LEU A 78 19.58 10.21 0.01
N SER A 79 20.34 10.35 1.08
CA SER A 79 21.64 11.02 0.99
C SER A 79 22.47 10.38 -0.12
N PRO A 80 23.71 10.92 -0.30
CA PRO A 80 24.61 10.42 -1.31
C PRO A 80 25.22 9.09 -0.88
N GLN A 81 25.14 8.82 0.41
CA GLN A 81 25.69 7.60 0.97
C GLN A 81 24.61 6.50 1.00
N ASP A 82 23.47 6.86 1.56
CA ASP A 82 22.35 5.92 1.66
C ASP A 82 22.00 5.42 0.26
N ARG A 83 21.72 6.36 -0.63
CA ARG A 83 21.36 6.02 -1.99
C ARG A 83 22.44 5.14 -2.62
N ALA A 84 23.68 5.48 -2.33
CA ALA A 84 24.81 4.73 -2.85
C ALA A 84 24.63 3.25 -2.53
N ALA A 85 23.91 2.99 -1.45
CA ALA A 85 23.65 1.64 -1.02
C ALA A 85 22.40 1.11 -1.73
N TYR A 86 21.35 1.93 -1.68
CA TYR A 86 20.10 1.56 -2.32
C TYR A 86 20.31 1.19 -3.79
N LYS A 87 20.83 2.13 -4.54
CA LYS A 87 21.09 1.92 -5.95
C LYS A 87 22.00 0.71 -6.12
N GLU A 88 22.97 0.61 -5.22
CA GLU A 88 23.92 -0.49 -5.26
C GLU A 88 23.18 -1.83 -5.31
N TYR A 89 22.03 -1.85 -4.64
CA TYR A 89 21.22 -3.05 -4.59
C TYR A 89 20.26 -3.12 -5.78
N ILE A 90 19.89 -1.93 -6.26
CA ILE A 90 18.99 -1.84 -7.40
C ILE A 90 19.65 -2.48 -8.63
N SER A 91 20.71 -1.84 -9.07
CA SER A 91 21.44 -2.33 -10.24
C SER A 91 21.58 -3.86 -10.17
N ASN A 92 21.80 -4.34 -8.95
CA ASN A 92 21.94 -5.78 -8.75
C ASN A 92 20.59 -6.37 -8.35
N LYS A 93 19.63 -6.21 -9.24
CA LYS A 93 18.28 -6.71 -8.99
C LYS A 93 17.54 -6.85 -10.33
N ARG A 94 17.41 -5.72 -11.00
CA ARG A 94 16.72 -5.71 -12.28
C ARG A 94 17.64 -6.23 -13.39
N LYS A 95 18.82 -5.64 -13.46
CA LYS A 95 19.80 -6.03 -14.45
C LYS A 95 19.23 -5.77 -15.86
N SER A 96 19.57 -4.61 -16.39
CA SER A 96 19.10 -4.23 -17.71
C SER A 96 20.23 -3.53 -18.48
N GLY A 97 19.96 -3.25 -19.75
CA GLY A 97 20.93 -2.60 -20.60
C GLY A 97 20.45 -1.19 -20.99
N PRO A 98 20.96 -0.18 -20.23
CA PRO A 98 20.59 1.20 -20.48
C PRO A 98 21.30 1.74 -21.72
N SER A 99 21.00 2.99 -22.05
CA SER A 99 21.60 3.63 -23.21
C SER A 99 21.07 2.99 -24.49
N SER A 100 20.36 3.81 -25.26
CA SER A 100 19.78 3.34 -26.51
C SER A 100 19.02 4.48 -27.20
N GLY A 101 19.68 5.04 -28.21
CA GLY A 101 19.07 6.14 -28.95
C GLY A 101 17.58 5.92 -29.15
N GLY A 1 1.32 3.38 21.41
CA GLY A 1 1.94 3.68 20.14
C GLY A 1 1.28 2.89 19.00
N SER A 2 1.88 3.00 17.83
CA SER A 2 1.36 2.31 16.67
C SER A 2 2.40 2.32 15.55
N SER A 3 2.77 3.53 15.14
CA SER A 3 3.76 3.68 14.08
C SER A 3 4.19 5.15 13.98
N GLY A 4 5.30 5.36 13.28
CA GLY A 4 5.82 6.70 13.11
C GLY A 4 7.07 6.70 12.22
N SER A 5 7.23 7.78 11.47
CA SER A 5 8.37 7.90 10.58
C SER A 5 8.34 6.79 9.53
N SER A 6 8.07 7.19 8.29
CA SER A 6 8.00 6.24 7.19
C SER A 6 7.46 6.93 5.94
N GLY A 7 8.26 6.87 4.88
CA GLY A 7 7.88 7.48 3.62
C GLY A 7 6.62 6.84 3.05
N PRO A 8 6.83 5.83 2.17
CA PRO A 8 5.72 5.12 1.56
C PRO A 8 5.07 4.15 2.55
N LYS A 9 3.76 4.00 2.40
CA LYS A 9 3.01 3.10 3.27
C LYS A 9 2.40 1.97 2.44
N LYS A 10 2.56 0.76 2.95
CA LYS A 10 2.03 -0.41 2.27
C LYS A 10 0.57 -0.17 1.89
N PRO A 11 0.35 0.04 0.56
CA PRO A 11 -1.00 0.29 0.07
C PRO A 11 -1.82 -1.00 0.04
N PRO A 12 -3.14 -0.84 -0.26
CA PRO A 12 -4.04 -1.98 -0.32
C PRO A 12 -3.80 -2.80 -1.60
N MET A 13 -4.61 -3.83 -1.75
CA MET A 13 -4.50 -4.69 -2.92
C MET A 13 -5.84 -5.39 -3.21
N ASN A 14 -6.16 -5.48 -4.50
CA ASN A 14 -7.38 -6.11 -4.92
C ASN A 14 -8.53 -5.10 -4.81
N GLY A 15 -8.79 -4.68 -3.57
CA GLY A 15 -9.85 -3.72 -3.32
C GLY A 15 -10.55 -4.02 -1.99
N TYR A 16 -10.62 -5.31 -1.68
CA TYR A 16 -11.26 -5.74 -0.45
C TYR A 16 -10.46 -5.27 0.79
N GLN A 17 -9.14 -5.34 0.65
CA GLN A 17 -8.26 -4.93 1.73
C GLN A 17 -8.36 -3.42 1.96
N LYS A 18 -8.76 -2.72 0.90
CA LYS A 18 -8.91 -1.28 0.97
C LYS A 18 -10.09 -0.94 1.88
N PHE A 19 -11.25 -1.41 1.48
CA PHE A 19 -12.46 -1.15 2.25
C PHE A 19 -12.33 -1.68 3.68
N SER A 20 -11.74 -2.88 3.78
CA SER A 20 -11.55 -3.50 5.07
C SER A 20 -10.79 -2.55 6.01
N GLN A 21 -9.57 -2.24 5.61
CA GLN A 21 -8.73 -1.35 6.40
C GLN A 21 -9.55 -0.15 6.90
N GLU A 22 -10.48 0.27 6.07
CA GLU A 22 -11.34 1.40 6.41
C GLU A 22 -12.19 1.06 7.64
N LEU A 23 -12.72 -0.14 7.63
CA LEU A 23 -13.55 -0.60 8.75
C LEU A 23 -12.67 -0.81 9.98
N LEU A 24 -11.39 -1.02 9.72
CA LEU A 24 -10.43 -1.25 10.79
C LEU A 24 -10.02 0.10 11.39
N SER A 25 -10.06 1.12 10.54
CA SER A 25 -9.70 2.45 10.97
C SER A 25 -10.94 3.24 11.37
N ASN A 26 -12.08 2.76 10.91
CA ASN A 26 -13.35 3.40 11.21
C ASN A 26 -13.78 3.03 12.63
N GLY A 27 -13.97 1.72 12.83
CA GLY A 27 -14.38 1.22 14.13
C GLY A 27 -15.88 0.91 14.16
N GLU A 28 -16.41 0.61 12.98
CA GLU A 28 -17.82 0.30 12.85
C GLU A 28 -18.11 -1.09 13.42
N LEU A 29 -17.05 -1.88 13.55
CA LEU A 29 -17.17 -3.22 14.06
C LEU A 29 -16.19 -3.41 15.22
N ASN A 30 -16.04 -2.35 16.00
CA ASN A 30 -15.13 -2.37 17.14
C ASN A 30 -15.87 -2.91 18.36
N HIS A 31 -17.16 -3.19 18.16
CA HIS A 31 -17.99 -3.70 19.24
C HIS A 31 -17.69 -5.18 19.46
N LEU A 32 -17.20 -5.82 18.40
CA LEU A 32 -16.87 -7.23 18.47
C LEU A 32 -15.34 -7.39 18.40
N PRO A 33 -14.89 -8.65 18.66
CA PRO A 33 -13.46 -8.95 18.64
C PRO A 33 -12.95 -9.02 17.20
N LEU A 34 -11.65 -8.81 17.07
CA LEU A 34 -11.01 -8.85 15.76
C LEU A 34 -11.54 -10.05 14.97
N LYS A 35 -11.37 -11.22 15.57
CA LYS A 35 -11.83 -12.45 14.95
C LYS A 35 -13.18 -12.20 14.26
N GLU A 36 -13.98 -11.35 14.90
CA GLU A 36 -15.29 -11.02 14.37
C GLU A 36 -15.17 -9.92 13.30
N ARG A 37 -14.47 -8.87 13.68
CA ARG A 37 -14.28 -7.74 12.79
C ARG A 37 -14.08 -8.23 11.34
N MET A 38 -12.99 -8.96 11.16
CA MET A 38 -12.67 -9.50 9.84
C MET A 38 -13.91 -10.14 9.20
N VAL A 39 -14.32 -11.26 9.78
CA VAL A 39 -15.47 -11.98 9.27
C VAL A 39 -16.61 -10.99 9.01
N GLU A 40 -16.85 -10.15 10.01
CA GLU A 40 -17.90 -9.15 9.91
C GLU A 40 -17.72 -8.31 8.65
N ILE A 41 -16.46 -7.96 8.39
CA ILE A 41 -16.13 -7.16 7.22
C ILE A 41 -16.53 -7.91 5.96
N GLY A 42 -15.93 -9.09 5.79
CA GLY A 42 -16.22 -9.91 4.63
C GLY A 42 -17.69 -9.82 4.24
N SER A 43 -18.54 -9.63 5.25
CA SER A 43 -19.97 -9.52 5.02
C SER A 43 -20.30 -8.17 4.39
N ARG A 44 -19.84 -7.12 5.05
CA ARG A 44 -20.08 -5.76 4.56
C ARG A 44 -19.53 -5.62 3.14
N TRP A 45 -18.40 -6.26 2.91
CA TRP A 45 -17.76 -6.20 1.61
C TRP A 45 -18.67 -6.90 0.60
N GLN A 46 -19.36 -7.92 1.08
CA GLN A 46 -20.26 -8.68 0.24
C GLN A 46 -21.63 -7.98 0.16
N ARG A 47 -21.76 -6.92 0.94
CA ARG A 47 -23.00 -6.16 0.97
C ARG A 47 -22.98 -5.08 -0.12
N ILE A 48 -21.90 -4.31 -0.13
CA ILE A 48 -21.75 -3.24 -1.10
C ILE A 48 -22.05 -3.79 -2.50
N SER A 49 -22.03 -2.89 -3.47
CA SER A 49 -22.30 -3.27 -4.84
C SER A 49 -21.00 -3.28 -5.65
N GLN A 50 -21.14 -3.42 -6.96
CA GLN A 50 -19.99 -3.45 -7.84
C GLN A 50 -19.20 -2.14 -7.72
N SER A 51 -19.93 -1.03 -7.88
CA SER A 51 -19.31 0.28 -7.79
C SER A 51 -18.22 0.28 -6.71
N GLN A 52 -18.63 -0.07 -5.50
CA GLN A 52 -17.70 -0.11 -4.38
C GLN A 52 -16.49 -0.97 -4.73
N LYS A 53 -16.73 -2.28 -4.78
CA LYS A 53 -15.67 -3.22 -5.10
C LYS A 53 -14.80 -2.65 -6.21
N GLU A 54 -15.46 -2.01 -7.18
CA GLU A 54 -14.76 -1.41 -8.30
C GLU A 54 -13.83 -0.30 -7.82
N HIS A 55 -14.43 0.71 -7.20
CA HIS A 55 -13.66 1.84 -6.69
C HIS A 55 -12.50 1.32 -5.83
N TYR A 56 -12.87 0.76 -4.68
CA TYR A 56 -11.88 0.22 -3.77
C TYR A 56 -10.78 -0.53 -4.52
N LYS A 57 -11.16 -1.05 -5.68
CA LYS A 57 -10.22 -1.79 -6.50
C LYS A 57 -9.40 -0.81 -7.35
N LYS A 58 -10.11 0.14 -7.93
CA LYS A 58 -9.47 1.15 -8.76
C LYS A 58 -8.51 1.98 -7.91
N LEU A 59 -8.96 2.29 -6.71
CA LEU A 59 -8.16 3.08 -5.79
C LEU A 59 -6.85 2.34 -5.49
N ALA A 60 -7.00 1.05 -5.21
CA ALA A 60 -5.84 0.22 -4.90
C ALA A 60 -4.79 0.41 -5.99
N GLU A 61 -5.24 0.44 -7.23
CA GLU A 61 -4.36 0.62 -8.36
C GLU A 61 -3.64 1.97 -8.27
N GLU A 62 -4.39 2.95 -7.79
CA GLU A 62 -3.84 4.30 -7.64
C GLU A 62 -2.84 4.35 -6.48
N GLN A 63 -3.23 3.73 -5.39
CA GLN A 63 -2.38 3.69 -4.20
C GLN A 63 -1.03 3.06 -4.55
N GLN A 64 -1.09 2.02 -5.36
CA GLN A 64 0.11 1.32 -5.76
C GLN A 64 0.84 2.10 -6.86
N ARG A 65 0.11 3.05 -7.44
CA ARG A 65 0.68 3.87 -8.50
C ARG A 65 1.52 5.00 -7.90
N GLN A 66 1.05 5.52 -6.78
CA GLN A 66 1.74 6.60 -6.11
C GLN A 66 2.93 6.06 -5.31
N TYR A 67 2.68 4.94 -4.64
CA TYR A 67 3.72 4.31 -3.83
C TYR A 67 4.97 4.05 -4.67
N LYS A 68 4.77 4.00 -5.97
CA LYS A 68 5.88 3.76 -6.89
C LYS A 68 6.80 4.98 -6.89
N VAL A 69 6.20 6.14 -7.12
CA VAL A 69 6.96 7.38 -7.15
C VAL A 69 7.44 7.72 -5.73
N HIS A 70 6.56 7.49 -4.77
CA HIS A 70 6.89 7.76 -3.38
C HIS A 70 8.24 7.14 -3.04
N LEU A 71 8.47 5.96 -3.59
CA LEU A 71 9.72 5.25 -3.35
C LEU A 71 10.88 6.07 -3.93
N ASP A 72 10.62 6.66 -5.09
CA ASP A 72 11.62 7.45 -5.76
C ASP A 72 11.83 8.76 -4.98
N LEU A 73 10.72 9.40 -4.65
CA LEU A 73 10.78 10.65 -3.90
C LEU A 73 11.59 10.44 -2.63
N TRP A 74 11.47 9.25 -2.07
CA TRP A 74 12.20 8.91 -0.85
C TRP A 74 13.68 8.82 -1.20
N VAL A 75 13.95 8.33 -2.39
CA VAL A 75 15.32 8.20 -2.86
C VAL A 75 15.93 9.58 -3.07
N LYS A 76 15.09 10.50 -3.53
CA LYS A 76 15.53 11.86 -3.79
C LYS A 76 15.88 12.53 -2.46
N SER A 77 15.45 11.91 -1.38
CA SER A 77 15.71 12.43 -0.05
C SER A 77 16.85 11.65 0.60
N LEU A 78 17.47 10.78 -0.20
CA LEU A 78 18.57 9.97 0.28
C LEU A 78 19.89 10.69 0.02
N SER A 79 20.84 10.48 0.91
CA SER A 79 22.15 11.11 0.78
C SER A 79 22.93 10.44 -0.35
N PRO A 80 24.18 10.94 -0.55
CA PRO A 80 25.05 10.40 -1.58
C PRO A 80 25.63 9.05 -1.17
N GLN A 81 25.52 8.77 0.11
CA GLN A 81 26.03 7.51 0.65
C GLN A 81 24.91 6.47 0.69
N ASP A 82 23.80 6.85 1.31
CA ASP A 82 22.66 5.95 1.42
C ASP A 82 22.26 5.47 0.03
N ARG A 83 21.97 6.44 -0.83
CA ARG A 83 21.58 6.14 -2.20
C ARG A 83 22.60 5.24 -2.86
N ALA A 84 23.87 5.60 -2.69
CA ALA A 84 24.96 4.82 -3.27
C ALA A 84 24.70 3.34 -3.04
N ALA A 85 24.42 3.00 -1.78
CA ALA A 85 24.17 1.62 -1.43
C ALA A 85 22.87 1.15 -2.10
N TYR A 86 21.78 1.82 -1.74
CA TYR A 86 20.48 1.49 -2.30
C TYR A 86 20.58 1.23 -3.80
N LYS A 87 21.22 2.16 -4.49
CA LYS A 87 21.38 2.04 -5.93
C LYS A 87 22.10 0.73 -6.25
N GLU A 88 23.03 0.37 -5.37
CA GLU A 88 23.79 -0.86 -5.55
C GLU A 88 22.84 -2.04 -5.74
N TYR A 89 21.72 -1.98 -5.04
CA TYR A 89 20.72 -3.04 -5.11
C TYR A 89 19.79 -2.83 -6.31
N ILE A 90 19.46 -1.57 -6.55
CA ILE A 90 18.59 -1.22 -7.66
C ILE A 90 19.11 -1.85 -8.94
N SER A 91 20.30 -1.41 -9.34
CA SER A 91 20.92 -1.92 -10.54
C SER A 91 20.92 -3.45 -10.53
N ASN A 92 21.48 -4.00 -9.47
CA ASN A 92 21.54 -5.45 -9.32
C ASN A 92 20.21 -6.06 -9.79
N LYS A 93 19.14 -5.59 -9.19
CA LYS A 93 17.81 -6.07 -9.53
C LYS A 93 17.52 -5.77 -11.01
N ARG A 94 17.60 -4.48 -11.33
CA ARG A 94 17.35 -4.04 -12.70
C ARG A 94 18.30 -4.75 -13.66
N LYS A 95 17.97 -4.65 -14.94
CA LYS A 95 18.78 -5.27 -15.97
C LYS A 95 19.50 -4.18 -16.78
N SER A 96 18.71 -3.38 -17.47
CA SER A 96 19.25 -2.30 -18.28
C SER A 96 18.20 -1.20 -18.45
N GLY A 97 18.66 -0.07 -18.98
CA GLY A 97 17.77 1.06 -19.20
C GLY A 97 18.45 2.37 -18.79
N PRO A 98 19.25 2.93 -19.74
CA PRO A 98 19.95 4.16 -19.49
C PRO A 98 18.99 5.37 -19.53
N SER A 99 18.28 5.48 -20.65
CA SER A 99 17.34 6.55 -20.83
C SER A 99 15.92 5.99 -20.96
N SER A 100 14.96 6.90 -20.93
CA SER A 100 13.56 6.51 -21.06
C SER A 100 13.05 6.82 -22.46
N GLY A 101 13.14 8.09 -22.83
CA GLY A 101 12.69 8.53 -24.14
C GLY A 101 11.87 9.81 -24.04
N GLY A 1 -2.02 2.85 20.57
CA GLY A 1 -0.74 3.39 20.19
C GLY A 1 -0.88 4.33 18.99
N SER A 2 0.04 5.29 18.91
CA SER A 2 0.03 6.24 17.82
C SER A 2 1.47 6.56 17.39
N SER A 3 2.09 5.57 16.78
CA SER A 3 3.47 5.74 16.32
C SER A 3 3.57 5.34 14.85
N GLY A 4 4.70 5.69 14.25
CA GLY A 4 4.94 5.38 12.85
C GLY A 4 6.39 5.69 12.45
N SER A 5 6.91 4.86 11.56
CA SER A 5 8.27 5.04 11.09
C SER A 5 8.46 4.31 9.77
N SER A 6 8.56 5.10 8.70
CA SER A 6 8.75 4.54 7.37
C SER A 6 8.66 5.65 6.33
N GLY A 7 9.25 5.38 5.16
CA GLY A 7 9.24 6.35 4.07
C GLY A 7 7.89 6.36 3.37
N PRO A 8 7.75 5.44 2.37
CA PRO A 8 6.52 5.33 1.61
C PRO A 8 5.43 4.66 2.43
N LYS A 9 4.21 5.20 2.30
CA LYS A 9 3.08 4.66 3.03
C LYS A 9 2.95 3.17 2.72
N LYS A 10 1.90 2.56 3.28
CA LYS A 10 1.66 1.15 3.08
C LYS A 10 0.19 0.93 2.73
N PRO A 11 -0.16 1.21 1.45
CA PRO A 11 -1.52 1.06 0.97
C PRO A 11 -1.86 -0.43 0.79
N PRO A 12 -3.16 -0.67 0.47
CA PRO A 12 -3.63 -2.03 0.27
C PRO A 12 -3.17 -2.57 -1.09
N MET A 13 -3.84 -3.63 -1.52
CA MET A 13 -3.50 -4.25 -2.80
C MET A 13 -4.75 -4.40 -3.68
N ASN A 14 -5.72 -5.13 -3.15
CA ASN A 14 -6.96 -5.36 -3.87
C ASN A 14 -8.02 -4.37 -3.38
N GLY A 15 -9.22 -4.51 -3.92
CA GLY A 15 -10.32 -3.65 -3.55
C GLY A 15 -10.83 -3.98 -2.14
N TYR A 16 -10.78 -5.26 -1.81
CA TYR A 16 -11.21 -5.72 -0.51
C TYR A 16 -10.39 -5.08 0.61
N GLN A 17 -9.11 -5.42 0.62
CA GLN A 17 -8.20 -4.89 1.62
C GLN A 17 -8.38 -3.38 1.75
N LYS A 18 -8.77 -2.75 0.65
CA LYS A 18 -9.00 -1.32 0.64
C LYS A 18 -10.22 -0.98 1.49
N PHE A 19 -11.35 -1.54 1.06
CA PHE A 19 -12.60 -1.31 1.77
C PHE A 19 -12.48 -1.68 3.25
N SER A 20 -11.86 -2.82 3.48
CA SER A 20 -11.66 -3.30 4.85
C SER A 20 -10.94 -2.24 5.67
N GLN A 21 -9.77 -1.85 5.19
CA GLN A 21 -8.97 -0.85 5.87
C GLN A 21 -9.86 0.31 6.33
N GLU A 22 -10.85 0.60 5.51
CA GLU A 22 -11.77 1.68 5.81
C GLU A 22 -12.57 1.38 7.08
N LEU A 23 -13.02 0.15 7.17
CA LEU A 23 -13.79 -0.29 8.33
C LEU A 23 -12.87 -0.36 9.54
N LEU A 24 -11.58 -0.54 9.27
CA LEU A 24 -10.60 -0.61 10.33
C LEU A 24 -10.25 0.80 10.80
N SER A 25 -10.39 1.75 9.89
CA SER A 25 -10.10 3.15 10.20
C SER A 25 -11.38 3.88 10.59
N ASN A 26 -12.50 3.29 10.19
CA ASN A 26 -13.80 3.88 10.49
C ASN A 26 -14.16 3.58 11.94
N GLY A 27 -14.30 2.29 12.23
CA GLY A 27 -14.64 1.85 13.57
C GLY A 27 -16.11 1.46 13.66
N GLU A 28 -16.66 1.05 12.52
CA GLU A 28 -18.05 0.65 12.46
C GLU A 28 -18.25 -0.70 13.14
N LEU A 29 -17.14 -1.40 13.34
CA LEU A 29 -17.17 -2.70 13.98
C LEU A 29 -16.15 -2.73 15.12
N ASN A 30 -16.04 -1.60 15.80
CA ASN A 30 -15.11 -1.48 16.91
C ASN A 30 -15.77 -2.01 18.18
N HIS A 31 -17.00 -2.47 18.02
CA HIS A 31 -17.75 -3.02 19.14
C HIS A 31 -17.27 -4.45 19.43
N LEU A 32 -16.69 -5.05 18.41
CA LEU A 32 -16.19 -6.41 18.55
C LEU A 32 -14.66 -6.41 18.39
N PRO A 33 -14.06 -7.59 18.70
CA PRO A 33 -12.61 -7.73 18.61
C PRO A 33 -12.17 -7.85 17.15
N LEU A 34 -10.89 -7.62 16.93
CA LEU A 34 -10.32 -7.70 15.59
C LEU A 34 -10.87 -8.95 14.89
N LYS A 35 -10.67 -10.08 15.54
CA LYS A 35 -11.13 -11.35 14.99
C LYS A 35 -12.47 -11.13 14.28
N GLU A 36 -13.48 -10.80 15.08
CA GLU A 36 -14.81 -10.55 14.55
C GLU A 36 -14.75 -9.51 13.43
N ARG A 37 -14.16 -8.37 13.75
CA ARG A 37 -14.03 -7.29 12.79
C ARG A 37 -13.74 -7.85 11.40
N MET A 38 -12.61 -8.52 11.29
CA MET A 38 -12.21 -9.11 10.02
C MET A 38 -13.37 -9.88 9.38
N VAL A 39 -13.73 -10.99 10.02
CA VAL A 39 -14.82 -11.82 9.53
C VAL A 39 -16.01 -10.93 9.20
N GLU A 40 -16.34 -10.05 10.13
CA GLU A 40 -17.46 -9.14 9.95
C GLU A 40 -17.29 -8.34 8.66
N ILE A 41 -16.04 -7.97 8.39
CA ILE A 41 -15.73 -7.20 7.20
C ILE A 41 -16.01 -8.05 5.96
N GLY A 42 -15.37 -9.23 5.93
CA GLY A 42 -15.54 -10.14 4.81
C GLY A 42 -17.01 -10.24 4.40
N SER A 43 -17.88 -10.11 5.39
CA SER A 43 -19.31 -10.18 5.15
C SER A 43 -19.77 -8.93 4.41
N ARG A 44 -19.45 -7.78 4.99
CA ARG A 44 -19.84 -6.51 4.41
C ARG A 44 -19.34 -6.42 2.96
N TRP A 45 -18.09 -6.84 2.78
CA TRP A 45 -17.48 -6.80 1.47
C TRP A 45 -18.28 -7.74 0.55
N GLN A 46 -18.88 -8.74 1.17
CA GLN A 46 -19.67 -9.71 0.43
C GLN A 46 -21.08 -9.16 0.16
N ARG A 47 -21.34 -8.00 0.75
CA ARG A 47 -22.63 -7.36 0.59
C ARG A 47 -22.58 -6.35 -0.56
N ILE A 48 -21.53 -5.55 -0.56
CA ILE A 48 -21.35 -4.55 -1.59
C ILE A 48 -21.53 -5.19 -2.96
N SER A 49 -21.45 -4.36 -3.99
CA SER A 49 -21.61 -4.83 -5.35
C SER A 49 -20.32 -4.62 -6.13
N GLN A 50 -20.39 -4.92 -7.42
CA GLN A 50 -19.23 -4.78 -8.30
C GLN A 50 -18.70 -3.34 -8.23
N SER A 51 -19.60 -2.40 -8.47
CA SER A 51 -19.24 -0.99 -8.44
C SER A 51 -18.25 -0.72 -7.31
N GLN A 52 -18.59 -1.27 -6.15
CA GLN A 52 -17.75 -1.09 -4.97
C GLN A 52 -16.41 -1.80 -5.18
N LYS A 53 -16.48 -3.11 -5.40
CA LYS A 53 -15.28 -3.90 -5.61
C LYS A 53 -14.41 -3.22 -6.66
N GLU A 54 -15.05 -2.77 -7.73
CA GLU A 54 -14.35 -2.10 -8.81
C GLU A 54 -13.74 -0.79 -8.32
N HIS A 55 -14.62 0.09 -7.85
CA HIS A 55 -14.18 1.38 -7.35
C HIS A 55 -13.02 1.19 -6.38
N TYR A 56 -13.33 0.55 -5.26
CA TYR A 56 -12.33 0.29 -4.23
C TYR A 56 -11.05 -0.26 -4.86
N LYS A 57 -11.21 -1.34 -5.62
CA LYS A 57 -10.07 -1.96 -6.28
C LYS A 57 -9.29 -0.91 -7.05
N LYS A 58 -10.02 -0.06 -7.74
CA LYS A 58 -9.40 1.00 -8.53
C LYS A 58 -8.61 1.93 -7.61
N LEU A 59 -9.32 2.44 -6.60
CA LEU A 59 -8.70 3.34 -5.64
C LEU A 59 -7.34 2.78 -5.24
N ALA A 60 -7.35 1.53 -4.79
CA ALA A 60 -6.12 0.86 -4.37
C ALA A 60 -5.01 1.19 -5.36
N GLU A 61 -5.33 1.02 -6.64
CA GLU A 61 -4.36 1.29 -7.69
C GLU A 61 -3.84 2.72 -7.58
N GLU A 62 -4.75 3.63 -7.26
CA GLU A 62 -4.38 5.03 -7.11
C GLU A 62 -3.52 5.23 -5.86
N GLN A 63 -3.84 4.47 -4.83
CA GLN A 63 -3.12 4.55 -3.58
C GLN A 63 -1.64 4.17 -3.80
N GLN A 64 -1.45 3.02 -4.45
CA GLN A 64 -0.12 2.53 -4.72
C GLN A 64 0.58 3.43 -5.73
N ARG A 65 -0.22 4.00 -6.62
CA ARG A 65 0.31 4.89 -7.65
C ARG A 65 1.23 5.93 -7.02
N GLN A 66 0.78 6.48 -5.91
CA GLN A 66 1.54 7.50 -5.20
C GLN A 66 2.73 6.85 -4.49
N TYR A 67 2.45 5.75 -3.82
CA TYR A 67 3.48 5.03 -3.09
C TYR A 67 4.66 4.68 -4.00
N LYS A 68 4.37 4.60 -5.29
CA LYS A 68 5.39 4.28 -6.27
C LYS A 68 6.46 5.39 -6.27
N VAL A 69 6.00 6.62 -6.44
CA VAL A 69 6.89 7.76 -6.46
C VAL A 69 7.49 7.95 -5.06
N HIS A 70 6.63 7.79 -4.06
CA HIS A 70 7.07 7.94 -2.68
C HIS A 70 8.36 7.16 -2.46
N LEU A 71 8.42 6.00 -3.08
CA LEU A 71 9.58 5.13 -2.96
C LEU A 71 10.81 5.87 -3.50
N ASP A 72 10.59 6.65 -4.54
CA ASP A 72 11.67 7.42 -5.15
C ASP A 72 11.98 8.63 -4.27
N LEU A 73 10.93 9.23 -3.73
CA LEU A 73 11.09 10.39 -2.89
C LEU A 73 11.91 10.01 -1.66
N TRP A 74 11.76 8.75 -1.24
CA TRP A 74 12.49 8.26 -0.08
C TRP A 74 13.96 8.11 -0.47
N VAL A 75 14.17 7.80 -1.74
CA VAL A 75 15.52 7.64 -2.24
C VAL A 75 16.23 8.99 -2.25
N LYS A 76 15.55 9.97 -2.83
CA LYS A 76 16.11 11.31 -2.91
C LYS A 76 16.56 11.75 -1.52
N SER A 77 15.98 11.12 -0.51
CA SER A 77 16.32 11.44 0.87
C SER A 77 17.52 10.61 1.31
N LEU A 78 17.63 9.41 0.76
CA LEU A 78 18.72 8.51 1.09
C LEU A 78 20.05 9.26 0.94
N SER A 79 20.94 8.98 1.87
CA SER A 79 22.25 9.62 1.85
C SER A 79 23.06 9.14 0.64
N PRO A 80 24.29 9.68 0.52
CA PRO A 80 25.17 9.32 -0.58
C PRO A 80 25.76 7.92 -0.39
N GLN A 81 25.65 7.44 0.84
CA GLN A 81 26.16 6.13 1.18
C GLN A 81 25.06 5.07 1.05
N ASP A 82 23.88 5.43 1.52
CA ASP A 82 22.74 4.54 1.47
C ASP A 82 22.32 4.35 0.00
N ARG A 83 22.03 5.47 -0.64
CA ARG A 83 21.61 5.45 -2.03
C ARG A 83 22.62 4.66 -2.88
N ALA A 84 23.89 4.88 -2.57
CA ALA A 84 24.96 4.20 -3.29
C ALA A 84 24.73 2.69 -3.23
N ALA A 85 24.06 2.27 -2.19
CA ALA A 85 23.77 0.86 -1.99
C ALA A 85 22.45 0.52 -2.68
N TYR A 86 21.38 1.17 -2.22
CA TYR A 86 20.06 0.95 -2.78
C TYR A 86 20.14 0.78 -4.30
N LYS A 87 20.87 1.68 -4.94
CA LYS A 87 21.03 1.64 -6.38
C LYS A 87 21.71 0.32 -6.78
N GLU A 88 22.74 -0.02 -6.03
CA GLU A 88 23.48 -1.25 -6.30
C GLU A 88 22.50 -2.39 -6.61
N TYR A 89 21.39 -2.38 -5.89
CA TYR A 89 20.37 -3.41 -6.09
C TYR A 89 19.48 -3.08 -7.29
N ILE A 90 19.27 -1.79 -7.50
CA ILE A 90 18.44 -1.34 -8.60
C ILE A 90 19.04 -1.83 -9.92
N SER A 91 20.23 -1.31 -10.22
CA SER A 91 20.91 -1.68 -11.44
C SER A 91 20.78 -3.19 -11.68
N ASN A 92 21.22 -3.96 -10.68
CA ASN A 92 21.15 -5.40 -10.78
C ASN A 92 19.75 -5.82 -11.23
N LYS A 93 18.75 -5.28 -10.54
CA LYS A 93 17.37 -5.58 -10.86
C LYS A 93 16.89 -4.63 -11.95
N ARG A 94 15.57 -4.63 -12.16
CA ARG A 94 14.98 -3.78 -13.18
C ARG A 94 15.85 -3.74 -14.43
N LYS A 95 15.60 -4.69 -15.32
CA LYS A 95 16.34 -4.77 -16.56
C LYS A 95 15.82 -3.74 -17.55
N SER A 96 16.70 -2.84 -17.96
CA SER A 96 16.34 -1.79 -18.90
C SER A 96 17.58 -1.25 -19.59
N GLY A 97 17.36 -0.41 -20.60
CA GLY A 97 18.45 0.18 -21.34
C GLY A 97 18.56 1.68 -21.04
N PRO A 98 19.46 2.36 -21.81
CA PRO A 98 19.67 3.77 -21.64
C PRO A 98 18.52 4.58 -22.23
N SER A 99 18.64 5.90 -22.13
CA SER A 99 17.62 6.79 -22.66
C SER A 99 18.19 8.19 -22.84
N SER A 100 17.35 9.08 -23.35
CA SER A 100 17.76 10.45 -23.59
C SER A 100 18.98 10.48 -24.50
N GLY A 101 19.30 11.68 -24.98
CA GLY A 101 20.43 11.86 -25.86
C GLY A 101 20.15 12.95 -26.90
N GLY A 1 16.94 0.04 19.47
CA GLY A 1 15.93 -1.00 19.44
C GLY A 1 14.73 -0.58 18.60
N SER A 2 14.39 -1.43 17.64
CA SER A 2 13.26 -1.16 16.76
C SER A 2 13.42 0.22 16.12
N SER A 3 13.88 0.21 14.87
CA SER A 3 14.08 1.44 14.14
C SER A 3 12.73 2.03 13.72
N GLY A 4 12.62 3.35 13.86
CA GLY A 4 11.40 4.03 13.49
C GLY A 4 11.55 4.74 12.15
N SER A 5 11.31 4.00 11.09
CA SER A 5 11.41 4.55 9.75
C SER A 5 10.62 3.68 8.76
N SER A 6 9.42 4.14 8.45
CA SER A 6 8.56 3.42 7.53
C SER A 6 7.92 4.40 6.54
N GLY A 7 8.52 4.49 5.37
CA GLY A 7 8.02 5.37 4.33
C GLY A 7 6.77 4.79 3.67
N PRO A 8 6.99 4.15 2.49
CA PRO A 8 5.89 3.55 1.75
C PRO A 8 5.42 2.26 2.43
N LYS A 9 4.12 2.20 2.68
CA LYS A 9 3.53 1.02 3.32
C LYS A 9 2.96 0.11 2.24
N LYS A 10 2.80 -1.16 2.61
CA LYS A 10 2.25 -2.14 1.68
C LYS A 10 0.78 -1.81 1.41
N PRO A 11 0.50 -1.42 0.13
CA PRO A 11 -0.85 -1.07 -0.26
C PRO A 11 -1.70 -2.33 -0.44
N PRO A 12 -3.03 -2.11 -0.65
CA PRO A 12 -3.95 -3.20 -0.84
C PRO A 12 -3.80 -3.84 -2.21
N MET A 13 -4.60 -4.86 -2.46
CA MET A 13 -4.56 -5.57 -3.73
C MET A 13 -5.92 -5.52 -4.42
N ASN A 14 -6.92 -6.05 -3.74
CA ASN A 14 -8.26 -6.09 -4.26
C ASN A 14 -9.08 -4.95 -3.66
N GLY A 15 -10.33 -4.86 -4.08
CA GLY A 15 -11.22 -3.82 -3.57
C GLY A 15 -11.64 -4.11 -2.13
N TYR A 16 -11.96 -5.38 -1.89
CA TYR A 16 -12.37 -5.79 -0.56
C TYR A 16 -11.29 -5.50 0.47
N GLN A 17 -10.08 -5.94 0.17
CA GLN A 17 -8.96 -5.73 1.06
C GLN A 17 -8.79 -4.24 1.37
N LYS A 18 -9.20 -3.43 0.41
CA LYS A 18 -9.11 -1.99 0.57
C LYS A 18 -10.11 -1.53 1.64
N PHE A 19 -11.39 -1.64 1.29
CA PHE A 19 -12.46 -1.26 2.19
C PHE A 19 -12.19 -1.78 3.60
N SER A 20 -11.75 -3.03 3.66
CA SER A 20 -11.46 -3.66 4.93
C SER A 20 -10.48 -2.80 5.74
N GLN A 21 -9.40 -2.41 5.06
CA GLN A 21 -8.38 -1.59 5.71
C GLN A 21 -9.01 -0.33 6.29
N GLU A 22 -10.03 0.16 5.60
CA GLU A 22 -10.73 1.36 6.03
C GLU A 22 -11.42 1.12 7.38
N LEU A 23 -12.04 -0.05 7.48
CA LEU A 23 -12.74 -0.42 8.70
C LEU A 23 -11.72 -0.70 9.81
N LEU A 24 -10.56 -1.18 9.38
CA LEU A 24 -9.49 -1.51 10.32
C LEU A 24 -8.86 -0.20 10.82
N SER A 25 -8.94 0.82 9.99
CA SER A 25 -8.38 2.12 10.33
C SER A 25 -9.47 3.01 10.93
N ASN A 26 -10.71 2.67 10.62
CA ASN A 26 -11.85 3.42 11.11
C ASN A 26 -12.09 3.09 12.59
N GLY A 27 -12.35 1.81 12.83
CA GLY A 27 -12.60 1.35 14.19
C GLY A 27 -14.10 1.13 14.43
N GLU A 28 -14.81 0.88 13.34
CA GLU A 28 -16.24 0.65 13.43
C GLU A 28 -16.53 -0.77 13.93
N LEU A 29 -15.47 -1.56 13.99
CA LEU A 29 -15.60 -2.93 14.45
C LEU A 29 -14.47 -3.24 15.44
N ASN A 30 -14.18 -2.25 16.28
CA ASN A 30 -13.14 -2.41 17.27
C ASN A 30 -13.73 -2.99 18.56
N HIS A 31 -15.01 -3.33 18.47
CA HIS A 31 -15.71 -3.89 19.61
C HIS A 31 -15.49 -5.40 19.65
N LEU A 32 -15.28 -5.97 18.48
CA LEU A 32 -15.06 -7.40 18.36
C LEU A 32 -13.61 -7.65 17.94
N PRO A 33 -13.16 -8.92 18.15
CA PRO A 33 -11.80 -9.30 17.80
C PRO A 33 -11.67 -9.47 16.28
N LEU A 34 -10.42 -9.45 15.83
CA LEU A 34 -10.14 -9.60 14.41
C LEU A 34 -10.96 -10.77 13.85
N LYS A 35 -10.76 -11.93 14.45
CA LYS A 35 -11.48 -13.12 14.02
C LYS A 35 -12.92 -12.75 13.69
N GLU A 36 -13.42 -11.73 14.38
CA GLU A 36 -14.77 -11.26 14.17
C GLU A 36 -14.79 -10.11 13.16
N ARG A 37 -13.84 -9.20 13.32
CA ARG A 37 -13.74 -8.06 12.42
C ARG A 37 -13.79 -8.52 10.96
N MET A 38 -12.90 -9.44 10.63
CA MET A 38 -12.83 -9.97 9.29
C MET A 38 -14.19 -10.53 8.85
N VAL A 39 -15.05 -10.74 9.82
CA VAL A 39 -16.38 -11.26 9.55
C VAL A 39 -17.35 -10.09 9.33
N GLU A 40 -17.45 -9.26 10.35
CA GLU A 40 -18.33 -8.11 10.29
C GLU A 40 -18.08 -7.32 9.00
N ILE A 41 -16.81 -7.25 8.62
CA ILE A 41 -16.43 -6.53 7.42
C ILE A 41 -17.08 -7.20 6.20
N GLY A 42 -16.75 -8.47 6.02
CA GLY A 42 -17.30 -9.24 4.93
C GLY A 42 -18.77 -8.90 4.69
N SER A 43 -19.46 -8.62 5.78
CA SER A 43 -20.87 -8.27 5.71
C SER A 43 -21.04 -6.87 5.11
N ARG A 44 -20.38 -5.91 5.74
CA ARG A 44 -20.45 -4.54 5.27
C ARG A 44 -20.03 -4.45 3.80
N TRP A 45 -19.05 -5.26 3.44
CA TRP A 45 -18.55 -5.29 2.08
C TRP A 45 -19.68 -5.81 1.18
N GLN A 46 -20.47 -6.72 1.74
CA GLN A 46 -21.57 -7.30 1.01
C GLN A 46 -22.71 -6.29 0.86
N ARG A 47 -22.61 -5.21 1.64
CA ARG A 47 -23.62 -4.17 1.60
C ARG A 47 -23.35 -3.21 0.44
N ILE A 48 -22.18 -2.60 0.49
CA ILE A 48 -21.79 -1.66 -0.56
C ILE A 48 -22.24 -2.19 -1.92
N SER A 49 -22.32 -1.28 -2.87
CA SER A 49 -22.74 -1.66 -4.22
C SER A 49 -21.50 -1.93 -5.07
N GLN A 50 -21.75 -2.19 -6.36
CA GLN A 50 -20.68 -2.47 -7.29
C GLN A 50 -19.68 -1.31 -7.31
N SER A 51 -20.19 -0.13 -7.56
CA SER A 51 -19.36 1.06 -7.61
C SER A 51 -18.27 0.99 -6.53
N GLN A 52 -18.71 0.98 -5.29
CA GLN A 52 -17.79 0.91 -4.17
C GLN A 52 -16.75 -0.19 -4.41
N LYS A 53 -17.21 -1.42 -4.31
CA LYS A 53 -16.33 -2.57 -4.51
C LYS A 53 -15.41 -2.30 -5.71
N GLU A 54 -15.99 -1.69 -6.73
CA GLU A 54 -15.24 -1.36 -7.92
C GLU A 54 -14.15 -0.34 -7.61
N HIS A 55 -14.57 0.78 -7.04
CA HIS A 55 -13.64 1.83 -6.69
C HIS A 55 -12.52 1.26 -5.82
N TYR A 56 -12.90 0.88 -4.60
CA TYR A 56 -11.94 0.31 -3.67
C TYR A 56 -10.93 -0.60 -4.40
N LYS A 57 -11.40 -1.20 -5.48
CA LYS A 57 -10.56 -2.08 -6.26
C LYS A 57 -9.71 -1.25 -7.22
N LYS A 58 -10.37 -0.34 -7.92
CA LYS A 58 -9.69 0.52 -8.88
C LYS A 58 -8.60 1.32 -8.14
N LEU A 59 -8.90 1.66 -6.90
CA LEU A 59 -7.96 2.42 -6.09
C LEU A 59 -6.74 1.56 -5.80
N ALA A 60 -6.99 0.31 -5.44
CA ALA A 60 -5.91 -0.62 -5.13
C ALA A 60 -4.87 -0.57 -6.25
N GLU A 61 -5.36 -0.32 -7.45
CA GLU A 61 -4.49 -0.25 -8.61
C GLU A 61 -3.67 1.05 -8.59
N GLU A 62 -4.29 2.08 -8.05
CA GLU A 62 -3.64 3.38 -7.95
C GLU A 62 -2.64 3.39 -6.80
N GLN A 63 -3.08 2.84 -5.68
CA GLN A 63 -2.24 2.77 -4.49
C GLN A 63 -0.88 2.15 -4.84
N GLN A 64 -0.94 1.12 -5.66
CA GLN A 64 0.27 0.43 -6.08
C GLN A 64 1.03 1.26 -7.13
N ARG A 65 0.29 2.16 -7.76
CA ARG A 65 0.87 3.03 -8.78
C ARG A 65 1.66 4.15 -8.13
N GLN A 66 1.12 4.67 -7.03
CA GLN A 66 1.76 5.75 -6.31
C GLN A 66 2.93 5.21 -5.48
N TYR A 67 2.68 4.10 -4.81
CA TYR A 67 3.70 3.48 -3.99
C TYR A 67 5.01 3.32 -4.76
N LYS A 68 4.88 3.26 -6.08
CA LYS A 68 6.04 3.11 -6.93
C LYS A 68 6.89 4.39 -6.86
N VAL A 69 6.23 5.51 -7.07
CA VAL A 69 6.91 6.79 -7.02
C VAL A 69 7.33 7.10 -5.58
N HIS A 70 6.44 6.78 -4.66
CA HIS A 70 6.71 7.01 -3.25
C HIS A 70 8.08 6.43 -2.89
N LEU A 71 8.37 5.28 -3.48
CA LEU A 71 9.64 4.62 -3.22
C LEU A 71 10.78 5.49 -3.74
N ASP A 72 10.51 6.16 -4.85
CA ASP A 72 11.51 7.03 -5.46
C ASP A 72 11.58 8.34 -4.67
N LEU A 73 10.42 8.76 -4.18
CA LEU A 73 10.33 10.00 -3.42
C LEU A 73 11.12 9.83 -2.12
N TRP A 74 11.10 8.61 -1.60
CA TRP A 74 11.80 8.32 -0.36
C TRP A 74 13.31 8.38 -0.64
N VAL A 75 13.64 8.07 -1.89
CA VAL A 75 15.04 8.08 -2.31
C VAL A 75 15.53 9.53 -2.40
N LYS A 76 14.66 10.38 -2.94
CA LYS A 76 14.99 11.78 -3.08
C LYS A 76 15.36 12.37 -1.72
N SER A 77 14.91 11.69 -0.68
CA SER A 77 15.18 12.13 0.68
C SER A 77 16.45 11.45 1.20
N LEU A 78 16.71 10.26 0.67
CA LEU A 78 17.88 9.51 1.08
C LEU A 78 19.12 10.40 0.94
N SER A 79 19.86 10.51 2.05
CA SER A 79 21.05 11.32 2.07
C SER A 79 22.00 10.89 0.95
N PRO A 80 23.15 11.60 0.85
CA PRO A 80 24.14 11.30 -0.18
C PRO A 80 24.92 10.03 0.17
N GLN A 81 24.78 9.62 1.42
CA GLN A 81 25.47 8.42 1.88
C GLN A 81 24.55 7.20 1.75
N ASP A 82 23.29 7.41 2.09
CA ASP A 82 22.32 6.34 2.02
C ASP A 82 22.02 6.02 0.55
N ARG A 83 21.63 7.05 -0.19
CA ARG A 83 21.32 6.90 -1.60
C ARG A 83 22.48 6.22 -2.32
N ALA A 84 23.68 6.58 -1.89
CA ALA A 84 24.88 6.01 -2.51
C ALA A 84 24.83 4.49 -2.40
N ALA A 85 24.20 4.01 -1.33
CA ALA A 85 24.08 2.58 -1.11
C ALA A 85 22.89 2.05 -1.91
N TYR A 86 21.71 2.54 -1.56
CA TYR A 86 20.50 2.13 -2.23
C TYR A 86 20.74 1.95 -3.74
N LYS A 87 21.41 2.94 -4.31
CA LYS A 87 21.71 2.90 -5.74
C LYS A 87 22.53 1.65 -6.05
N GLU A 88 23.56 1.44 -5.23
CA GLU A 88 24.42 0.29 -5.41
C GLU A 88 23.60 -0.95 -5.78
N TYR A 89 22.45 -1.06 -5.14
CA TYR A 89 21.57 -2.19 -5.39
C TYR A 89 20.78 -2.00 -6.69
N ILE A 90 20.41 -0.75 -6.93
CA ILE A 90 19.66 -0.42 -8.13
C ILE A 90 20.43 -0.90 -9.37
N SER A 91 21.59 -0.30 -9.57
CA SER A 91 22.44 -0.66 -10.71
C SER A 91 22.62 -2.18 -10.75
N ASN A 92 23.12 -2.72 -9.66
CA ASN A 92 23.35 -4.15 -9.57
C ASN A 92 22.18 -4.89 -10.21
N LYS A 93 20.99 -4.60 -9.70
CA LYS A 93 19.79 -5.23 -10.21
C LYS A 93 19.60 -4.85 -11.68
N ARG A 94 19.50 -3.55 -11.91
CA ARG A 94 19.32 -3.05 -13.26
C ARG A 94 20.18 -3.84 -14.24
N LYS A 95 21.48 -3.81 -14.00
CA LYS A 95 22.42 -4.52 -14.85
C LYS A 95 23.00 -5.71 -14.08
N SER A 96 22.60 -6.90 -14.50
CA SER A 96 23.07 -8.11 -13.86
C SER A 96 24.11 -8.80 -14.75
N GLY A 97 25.36 -8.52 -14.46
CA GLY A 97 26.46 -9.10 -15.22
C GLY A 97 27.07 -8.08 -16.18
N PRO A 98 28.19 -7.46 -15.71
CA PRO A 98 28.87 -6.45 -16.51
C PRO A 98 29.67 -7.11 -17.64
N SER A 99 29.28 -6.78 -18.87
CA SER A 99 29.95 -7.32 -20.04
C SER A 99 30.83 -6.25 -20.69
N SER A 100 30.19 -5.16 -21.07
CA SER A 100 30.89 -4.06 -21.70
C SER A 100 31.49 -3.13 -20.64
N GLY A 101 32.44 -2.32 -21.07
CA GLY A 101 33.10 -1.39 -20.17
C GLY A 101 34.33 -2.03 -19.53
N GLY A 1 -3.49 4.64 20.41
CA GLY A 1 -2.04 4.47 20.29
C GLY A 1 -1.54 5.01 18.95
N SER A 2 -0.23 5.17 18.87
CA SER A 2 0.39 5.67 17.65
C SER A 2 1.85 5.23 17.59
N SER A 3 2.26 4.77 16.41
CA SER A 3 3.62 4.33 16.21
C SER A 3 3.85 3.99 14.74
N GLY A 4 4.72 4.78 14.11
CA GLY A 4 5.03 4.58 12.70
C GLY A 4 5.82 5.75 12.14
N SER A 5 6.59 5.47 11.10
CA SER A 5 7.40 6.50 10.46
C SER A 5 8.14 5.91 9.26
N SER A 6 7.75 6.37 8.08
CA SER A 6 8.37 5.90 6.86
C SER A 6 7.74 6.60 5.65
N GLY A 7 8.58 6.84 4.65
CA GLY A 7 8.12 7.51 3.44
C GLY A 7 6.80 6.92 2.96
N PRO A 8 6.91 5.85 2.11
CA PRO A 8 5.74 5.20 1.57
C PRO A 8 5.06 4.32 2.64
N LYS A 9 3.76 4.18 2.50
CA LYS A 9 2.98 3.38 3.42
C LYS A 9 2.44 2.14 2.70
N LYS A 10 2.88 0.99 3.16
CA LYS A 10 2.44 -0.27 2.57
C LYS A 10 0.94 -0.21 2.30
N PRO A 11 0.60 0.02 1.00
CA PRO A 11 -0.79 0.10 0.59
C PRO A 11 -1.44 -1.28 0.56
N PRO A 12 -2.78 -1.29 0.33
CA PRO A 12 -3.53 -2.53 0.27
C PRO A 12 -3.26 -3.26 -1.05
N MET A 13 -3.97 -4.37 -1.23
CA MET A 13 -3.82 -5.17 -2.42
C MET A 13 -5.08 -5.09 -3.29
N ASN A 14 -6.17 -5.60 -2.75
CA ASN A 14 -7.43 -5.60 -3.46
C ASN A 14 -8.38 -4.59 -2.80
N GLY A 15 -9.21 -3.98 -3.63
CA GLY A 15 -10.17 -3.01 -3.14
C GLY A 15 -10.79 -3.46 -1.82
N TYR A 16 -10.86 -4.76 -1.64
CA TYR A 16 -11.42 -5.33 -0.43
C TYR A 16 -10.62 -4.91 0.80
N GLN A 17 -9.36 -5.34 0.83
CA GLN A 17 -8.49 -5.01 1.94
C GLN A 17 -8.48 -3.50 2.19
N LYS A 18 -8.73 -2.77 1.11
CA LYS A 18 -8.75 -1.31 1.18
C LYS A 18 -9.94 -0.87 2.04
N PHE A 19 -11.13 -1.23 1.57
CA PHE A 19 -12.36 -0.88 2.28
C PHE A 19 -12.34 -1.43 3.70
N SER A 20 -11.99 -2.71 3.80
CA SER A 20 -11.93 -3.37 5.09
C SER A 20 -11.27 -2.46 6.12
N GLN A 21 -10.12 -1.92 5.73
CA GLN A 21 -9.38 -1.03 6.61
C GLN A 21 -10.28 0.10 7.12
N GLU A 22 -11.22 0.48 6.26
CA GLU A 22 -12.15 1.53 6.61
C GLU A 22 -12.98 1.13 7.84
N LEU A 23 -13.56 -0.06 7.76
CA LEU A 23 -14.37 -0.57 8.86
C LEU A 23 -13.53 -0.62 10.13
N LEU A 24 -12.22 -0.56 9.94
CA LEU A 24 -11.30 -0.61 11.06
C LEU A 24 -11.00 0.82 11.51
N SER A 25 -11.25 1.76 10.62
CA SER A 25 -11.00 3.17 10.92
C SER A 25 -12.29 3.83 11.39
N ASN A 26 -13.40 3.34 10.86
CA ASN A 26 -14.70 3.88 11.21
C ASN A 26 -15.18 3.22 12.52
N GLY A 27 -14.45 2.21 12.93
CA GLY A 27 -14.78 1.49 14.16
C GLY A 27 -16.12 0.76 14.01
N GLU A 28 -16.57 0.67 12.77
CA GLU A 28 -17.83 0.00 12.49
C GLU A 28 -17.93 -1.30 13.28
N LEU A 29 -16.80 -1.98 13.40
CA LEU A 29 -16.74 -3.24 14.13
C LEU A 29 -15.51 -3.24 15.03
N ASN A 30 -15.26 -2.10 15.67
CA ASN A 30 -14.13 -1.96 16.56
C ASN A 30 -14.55 -2.36 17.98
N HIS A 31 -15.65 -3.08 18.06
CA HIS A 31 -16.17 -3.53 19.33
C HIS A 31 -15.79 -4.99 19.56
N LEU A 32 -15.43 -5.65 18.47
CA LEU A 32 -15.04 -7.05 18.54
C LEU A 32 -13.59 -7.20 18.09
N PRO A 33 -13.04 -8.42 18.31
CA PRO A 33 -11.66 -8.70 17.94
C PRO A 33 -11.52 -8.87 16.43
N LEU A 34 -10.31 -8.63 15.94
CA LEU A 34 -10.03 -8.75 14.52
C LEU A 34 -10.67 -10.04 14.00
N LYS A 35 -10.31 -11.14 14.63
CA LYS A 35 -10.83 -12.44 14.24
C LYS A 35 -12.33 -12.30 13.91
N GLU A 36 -12.96 -11.36 14.59
CA GLU A 36 -14.38 -11.12 14.38
C GLU A 36 -14.59 -9.99 13.35
N ARG A 37 -13.69 -9.01 13.41
CA ARG A 37 -13.75 -7.89 12.51
C ARG A 37 -13.71 -8.36 11.06
N MET A 38 -12.56 -8.87 10.66
CA MET A 38 -12.37 -9.37 9.31
C MET A 38 -13.60 -10.14 8.84
N VAL A 39 -13.86 -11.25 9.50
CA VAL A 39 -14.99 -12.08 9.16
C VAL A 39 -16.21 -11.20 8.90
N GLU A 40 -16.58 -10.45 9.94
CA GLU A 40 -17.72 -9.55 9.84
C GLU A 40 -17.56 -8.62 8.63
N ILE A 41 -16.35 -8.14 8.45
CA ILE A 41 -16.05 -7.23 7.35
C ILE A 41 -16.40 -7.92 6.03
N GLY A 42 -15.81 -9.11 5.86
CA GLY A 42 -16.05 -9.88 4.65
C GLY A 42 -17.52 -9.82 4.23
N SER A 43 -18.39 -9.86 5.23
CA SER A 43 -19.82 -9.81 4.97
C SER A 43 -20.18 -8.48 4.31
N ARG A 44 -19.61 -7.42 4.85
CA ARG A 44 -19.87 -6.09 4.31
C ARG A 44 -19.41 -6.00 2.85
N TRP A 45 -18.15 -6.38 2.64
CA TRP A 45 -17.57 -6.34 1.31
C TRP A 45 -18.45 -7.20 0.40
N GLN A 46 -19.04 -8.22 0.99
CA GLN A 46 -19.91 -9.12 0.25
C GLN A 46 -21.29 -8.49 0.03
N ARG A 47 -21.59 -7.53 0.90
CA ARG A 47 -22.86 -6.83 0.82
C ARG A 47 -22.83 -5.78 -0.28
N ILE A 48 -21.83 -4.92 -0.21
CA ILE A 48 -21.67 -3.87 -1.19
C ILE A 48 -21.87 -4.44 -2.60
N SER A 49 -21.94 -3.54 -3.56
CA SER A 49 -22.12 -3.94 -4.94
C SER A 49 -20.80 -3.85 -5.70
N GLN A 50 -20.90 -3.93 -7.02
CA GLN A 50 -19.71 -3.87 -7.86
C GLN A 50 -19.15 -2.44 -7.87
N SER A 51 -20.04 -1.49 -8.15
CA SER A 51 -19.64 -0.09 -8.18
C SER A 51 -18.62 0.20 -7.08
N GLN A 52 -19.01 -0.14 -5.86
CA GLN A 52 -18.14 0.07 -4.71
C GLN A 52 -16.81 -0.64 -4.91
N LYS A 53 -16.85 -1.96 -4.85
CA LYS A 53 -15.65 -2.76 -5.03
C LYS A 53 -14.79 -2.15 -6.14
N GLU A 54 -15.46 -1.75 -7.21
CA GLU A 54 -14.78 -1.16 -8.35
C GLU A 54 -13.98 0.06 -7.89
N HIS A 55 -14.65 0.94 -7.16
CA HIS A 55 -14.02 2.15 -6.66
C HIS A 55 -12.80 1.77 -5.82
N TYR A 56 -13.06 1.08 -4.72
CA TYR A 56 -12.01 0.65 -3.83
C TYR A 56 -10.88 -0.03 -4.60
N LYS A 57 -11.23 -1.09 -5.30
CA LYS A 57 -10.26 -1.85 -6.09
C LYS A 57 -9.41 -0.87 -6.89
N LYS A 58 -10.08 0.12 -7.47
CA LYS A 58 -9.41 1.12 -8.28
C LYS A 58 -8.42 1.89 -7.39
N LEU A 59 -8.97 2.49 -6.34
CA LEU A 59 -8.15 3.25 -5.41
C LEU A 59 -6.87 2.47 -5.10
N ALA A 60 -7.06 1.25 -4.63
CA ALA A 60 -5.94 0.40 -4.29
C ALA A 60 -4.84 0.56 -5.34
N GLU A 61 -5.27 0.50 -6.60
CA GLU A 61 -4.34 0.62 -7.71
C GLU A 61 -3.62 1.97 -7.65
N GLU A 62 -4.39 3.01 -7.35
CA GLU A 62 -3.84 4.34 -7.25
C GLU A 62 -2.78 4.41 -6.15
N GLN A 63 -3.05 3.72 -5.05
CA GLN A 63 -2.13 3.68 -3.94
C GLN A 63 -0.79 3.08 -4.37
N GLN A 64 -0.87 1.88 -4.93
CA GLN A 64 0.32 1.19 -5.39
C GLN A 64 1.00 1.99 -6.50
N ARG A 65 0.23 2.87 -7.12
CA ARG A 65 0.73 3.70 -8.19
C ARG A 65 1.61 4.82 -7.63
N GLN A 66 1.15 5.41 -6.54
CA GLN A 66 1.87 6.49 -5.89
C GLN A 66 3.09 5.93 -5.14
N TYR A 67 2.84 4.84 -4.42
CA TYR A 67 3.90 4.21 -3.65
C TYR A 67 5.12 3.91 -4.53
N LYS A 68 4.86 3.84 -5.83
CA LYS A 68 5.93 3.57 -6.78
C LYS A 68 6.86 4.77 -6.86
N VAL A 69 6.28 5.92 -7.19
CA VAL A 69 7.05 7.15 -7.30
C VAL A 69 7.61 7.51 -5.92
N HIS A 70 6.78 7.31 -4.91
CA HIS A 70 7.19 7.62 -3.54
C HIS A 70 8.57 7.03 -3.27
N LEU A 71 8.71 5.75 -3.63
CA LEU A 71 9.98 5.06 -3.43
C LEU A 71 11.11 5.88 -4.06
N ASP A 72 10.82 6.41 -5.24
CA ASP A 72 11.81 7.22 -5.95
C ASP A 72 11.98 8.55 -5.22
N LEU A 73 10.86 9.11 -4.80
CA LEU A 73 10.89 10.39 -4.10
C LEU A 73 11.73 10.25 -2.83
N TRP A 74 11.61 9.09 -2.20
CA TRP A 74 12.36 8.82 -0.98
C TRP A 74 13.84 8.67 -1.36
N VAL A 75 14.07 8.21 -2.57
CA VAL A 75 15.42 8.02 -3.06
C VAL A 75 16.05 9.37 -3.34
N LYS A 76 15.32 10.21 -4.06
CA LYS A 76 15.78 11.53 -4.40
C LYS A 76 16.25 12.25 -3.13
N SER A 77 15.74 11.77 -2.01
CA SER A 77 16.09 12.36 -0.72
C SER A 77 17.31 11.65 -0.14
N LEU A 78 17.42 10.36 -0.46
CA LEU A 78 18.53 9.57 0.02
C LEU A 78 19.85 10.31 -0.25
N SER A 79 20.67 10.37 0.78
CA SER A 79 21.95 11.06 0.66
C SER A 79 22.79 10.40 -0.44
N PRO A 80 24.00 10.98 -0.65
CA PRO A 80 24.91 10.47 -1.67
C PRO A 80 25.57 9.16 -1.21
N GLN A 81 25.46 8.91 0.09
CA GLN A 81 26.04 7.70 0.66
C GLN A 81 24.99 6.58 0.71
N ASP A 82 23.78 6.97 1.09
CA ASP A 82 22.70 6.01 1.18
C ASP A 82 22.32 5.53 -0.23
N ARG A 83 21.97 6.50 -1.07
CA ARG A 83 21.58 6.21 -2.43
C ARG A 83 22.64 5.33 -3.11
N ALA A 84 23.89 5.66 -2.82
CA ALA A 84 25.01 4.92 -3.39
C ALA A 84 24.85 3.44 -3.06
N ALA A 85 24.19 3.17 -1.95
CA ALA A 85 23.96 1.81 -1.50
C ALA A 85 22.68 1.28 -2.16
N TYR A 86 21.59 1.96 -1.86
CA TYR A 86 20.30 1.57 -2.40
C TYR A 86 20.42 1.16 -3.86
N LYS A 87 21.10 2.01 -4.63
CA LYS A 87 21.29 1.75 -6.04
C LYS A 87 22.04 0.42 -6.21
N GLU A 88 23.01 0.21 -5.34
CA GLU A 88 23.81 -1.01 -5.39
C GLU A 88 22.89 -2.23 -5.49
N TYR A 89 21.78 -2.16 -4.79
CA TYR A 89 20.82 -3.26 -4.79
C TYR A 89 19.94 -3.20 -6.04
N ILE A 90 19.69 -1.98 -6.51
CA ILE A 90 18.87 -1.79 -7.69
C ILE A 90 19.50 -2.53 -8.87
N SER A 91 20.68 -2.06 -9.26
CA SER A 91 21.39 -2.67 -10.37
C SER A 91 21.27 -4.19 -10.31
N ASN A 92 21.32 -4.71 -9.09
CA ASN A 92 21.22 -6.14 -8.88
C ASN A 92 19.78 -6.48 -8.50
N LYS A 93 18.89 -6.28 -9.46
CA LYS A 93 17.48 -6.57 -9.25
C LYS A 93 16.76 -6.57 -10.59
N ARG A 94 16.75 -5.41 -11.23
CA ARG A 94 16.09 -5.28 -12.52
C ARG A 94 16.90 -5.99 -13.61
N LYS A 95 18.15 -5.53 -13.76
CA LYS A 95 19.03 -6.11 -14.75
C LYS A 95 20.23 -6.75 -14.05
N SER A 96 21.08 -7.38 -14.84
CA SER A 96 22.26 -8.03 -14.32
C SER A 96 23.39 -7.98 -15.35
N GLY A 97 24.03 -6.83 -15.43
CA GLY A 97 25.12 -6.63 -16.36
C GLY A 97 26.25 -7.63 -16.10
N PRO A 98 26.54 -8.47 -17.12
CA PRO A 98 27.59 -9.46 -17.01
C PRO A 98 28.97 -8.82 -17.12
N SER A 99 29.98 -9.67 -17.06
CA SER A 99 31.35 -9.20 -17.14
C SER A 99 32.25 -10.27 -17.77
N SER A 100 33.40 -9.83 -18.25
CA SER A 100 34.35 -10.74 -18.88
C SER A 100 35.73 -10.08 -18.97
N GLY A 101 36.75 -10.92 -18.82
CA GLY A 101 38.12 -10.42 -18.89
C GLY A 101 38.75 -10.41 -17.50
N GLY A 1 -0.28 6.85 22.86
CA GLY A 1 -0.08 6.13 21.61
C GLY A 1 0.41 7.06 20.51
N SER A 2 1.66 6.86 20.10
CA SER A 2 2.26 7.68 19.06
C SER A 2 3.64 7.14 18.71
N SER A 3 3.76 6.69 17.46
CA SER A 3 5.02 6.15 16.98
C SER A 3 4.88 5.72 15.52
N GLY A 4 6.00 5.78 14.81
CA GLY A 4 6.02 5.41 13.41
C GLY A 4 6.88 6.38 12.59
N SER A 5 7.49 5.84 11.55
CA SER A 5 8.34 6.65 10.69
C SER A 5 8.64 5.89 9.40
N SER A 6 8.05 6.38 8.31
CA SER A 6 8.24 5.76 7.01
C SER A 6 7.54 6.58 5.93
N GLY A 7 8.00 6.41 4.70
CA GLY A 7 7.44 7.13 3.58
C GLY A 7 6.19 6.43 3.05
N PRO A 8 6.41 5.49 2.09
CA PRO A 8 5.32 4.75 1.49
C PRO A 8 4.81 3.67 2.46
N LYS A 9 3.52 3.40 2.37
CA LYS A 9 2.89 2.40 3.22
C LYS A 9 2.42 1.22 2.35
N LYS A 10 2.57 0.03 2.91
CA LYS A 10 2.17 -1.18 2.20
C LYS A 10 0.71 -1.03 1.74
N PRO A 11 0.56 -0.87 0.40
CA PRO A 11 -0.76 -0.72 -0.18
C PRO A 11 -1.51 -2.06 -0.23
N PRO A 12 -2.83 -1.97 -0.53
CA PRO A 12 -3.66 -3.17 -0.60
C PRO A 12 -3.38 -3.95 -1.88
N MET A 13 -4.18 -5.00 -2.08
CA MET A 13 -4.02 -5.84 -3.25
C MET A 13 -5.31 -5.86 -4.08
N ASN A 14 -6.43 -5.97 -3.38
CA ASN A 14 -7.71 -6.00 -4.03
C ASN A 14 -8.60 -4.89 -3.46
N GLY A 15 -9.73 -4.67 -4.12
CA GLY A 15 -10.67 -3.65 -3.69
C GLY A 15 -11.19 -3.95 -2.29
N TYR A 16 -11.18 -5.23 -1.94
CA TYR A 16 -11.66 -5.67 -0.64
C TYR A 16 -10.72 -5.19 0.46
N GLN A 17 -9.52 -5.74 0.47
CA GLN A 17 -8.54 -5.38 1.47
C GLN A 17 -8.41 -3.86 1.57
N LYS A 18 -8.71 -3.21 0.46
CA LYS A 18 -8.63 -1.76 0.41
C LYS A 18 -9.68 -1.16 1.37
N PHE A 19 -10.93 -1.54 1.15
CA PHE A 19 -12.01 -1.06 1.98
C PHE A 19 -11.89 -1.59 3.41
N SER A 20 -11.64 -2.89 3.51
CA SER A 20 -11.50 -3.52 4.81
C SER A 20 -10.63 -2.65 5.72
N GLN A 21 -9.42 -2.38 5.26
CA GLN A 21 -8.49 -1.58 6.03
C GLN A 21 -9.20 -0.35 6.60
N GLU A 22 -10.23 0.08 5.89
CA GLU A 22 -11.01 1.24 6.30
C GLU A 22 -11.77 0.93 7.60
N LEU A 23 -12.36 -0.25 7.62
CA LEU A 23 -13.12 -0.69 8.78
C LEU A 23 -12.16 -1.00 9.93
N LEU A 24 -10.88 -1.07 9.58
CA LEU A 24 -9.85 -1.35 10.57
C LEU A 24 -9.28 -0.04 11.10
N SER A 25 -9.36 0.98 10.27
CA SER A 25 -8.86 2.29 10.64
C SER A 25 -10.00 3.16 11.18
N ASN A 26 -11.22 2.76 10.85
CA ASN A 26 -12.39 3.49 11.30
C ASN A 26 -12.68 3.13 12.76
N GLY A 27 -12.93 1.84 12.97
CA GLY A 27 -13.22 1.36 14.32
C GLY A 27 -14.73 1.11 14.50
N GLU A 28 -15.38 0.82 13.38
CA GLU A 28 -16.81 0.56 13.40
C GLU A 28 -17.08 -0.82 13.99
N LEU A 29 -16.06 -1.66 13.95
CA LEU A 29 -16.18 -3.00 14.49
C LEU A 29 -15.09 -3.23 15.55
N ASN A 30 -14.87 -2.20 16.34
CA ASN A 30 -13.86 -2.26 17.39
C ASN A 30 -14.50 -2.81 18.67
N HIS A 31 -15.72 -3.30 18.52
CA HIS A 31 -16.46 -3.84 19.65
C HIS A 31 -16.22 -5.35 19.73
N LEU A 32 -15.73 -5.90 18.63
CA LEU A 32 -15.47 -7.33 18.56
C LEU A 32 -13.98 -7.55 18.26
N PRO A 33 -13.53 -8.82 18.46
CA PRO A 33 -12.15 -9.17 18.22
C PRO A 33 -11.86 -9.27 16.72
N LEU A 34 -10.58 -9.16 16.38
CA LEU A 34 -10.17 -9.23 14.99
C LEU A 34 -10.90 -10.39 14.31
N LYS A 35 -10.66 -11.58 14.81
CA LYS A 35 -11.29 -12.77 14.26
C LYS A 35 -12.71 -12.42 13.80
N GLU A 36 -13.34 -11.55 14.56
CA GLU A 36 -14.70 -11.12 14.26
C GLU A 36 -14.67 -9.94 13.28
N ARG A 37 -13.82 -8.97 13.60
CA ARG A 37 -13.70 -7.79 12.76
C ARG A 37 -13.67 -8.18 11.29
N MET A 38 -12.68 -8.98 10.94
CA MET A 38 -12.52 -9.44 9.57
C MET A 38 -13.84 -9.99 9.02
N VAL A 39 -14.23 -11.14 9.57
CA VAL A 39 -15.46 -11.78 9.15
C VAL A 39 -16.56 -10.73 9.00
N GLU A 40 -16.67 -9.90 10.03
CA GLU A 40 -17.67 -8.85 10.03
C GLU A 40 -17.51 -7.96 8.80
N ILE A 41 -16.27 -7.64 8.48
CA ILE A 41 -15.96 -6.81 7.34
C ILE A 41 -16.52 -7.47 6.07
N GLY A 42 -16.13 -8.72 5.87
CA GLY A 42 -16.58 -9.47 4.72
C GLY A 42 -18.06 -9.21 4.43
N SER A 43 -18.82 -9.06 5.50
CA SER A 43 -20.25 -8.81 5.38
C SER A 43 -20.48 -7.44 4.73
N ARG A 44 -19.73 -6.46 5.21
CA ARG A 44 -19.84 -5.11 4.68
C ARG A 44 -19.43 -5.08 3.21
N TRP A 45 -18.25 -5.62 2.94
CA TRP A 45 -17.72 -5.66 1.58
C TRP A 45 -18.73 -6.42 0.72
N GLN A 46 -19.45 -7.33 1.36
CA GLN A 46 -20.44 -8.13 0.66
C GLN A 46 -21.77 -7.36 0.57
N ARG A 47 -21.89 -6.35 1.41
CA ARG A 47 -23.10 -5.54 1.43
C ARG A 47 -23.08 -4.54 0.28
N ILE A 48 -22.01 -3.76 0.23
CA ILE A 48 -21.86 -2.76 -0.81
C ILE A 48 -22.18 -3.40 -2.17
N SER A 49 -22.21 -2.55 -3.19
CA SER A 49 -22.50 -3.02 -4.54
C SER A 49 -21.22 -2.99 -5.39
N GLN A 50 -21.40 -3.28 -6.66
CA GLN A 50 -20.27 -3.29 -7.58
C GLN A 50 -19.53 -1.96 -7.53
N SER A 51 -20.30 -0.88 -7.68
CA SER A 51 -19.73 0.46 -7.65
C SER A 51 -18.59 0.52 -6.63
N GLN A 52 -18.96 0.32 -5.37
CA GLN A 52 -17.99 0.35 -4.29
C GLN A 52 -16.76 -0.47 -4.66
N LYS A 53 -16.95 -1.79 -4.68
CA LYS A 53 -15.87 -2.70 -5.03
C LYS A 53 -15.04 -2.10 -6.16
N GLU A 54 -15.74 -1.75 -7.24
CA GLU A 54 -15.09 -1.18 -8.40
C GLU A 54 -14.25 0.04 -7.99
N HIS A 55 -14.86 0.88 -7.16
CA HIS A 55 -14.17 2.08 -6.69
C HIS A 55 -12.91 1.68 -5.91
N TYR A 56 -13.12 0.92 -4.86
CA TYR A 56 -12.02 0.46 -4.03
C TYR A 56 -10.94 -0.24 -4.88
N LYS A 57 -11.36 -1.35 -5.48
CA LYS A 57 -10.44 -2.12 -6.32
C LYS A 57 -9.65 -1.16 -7.21
N LYS A 58 -10.34 -0.16 -7.72
CA LYS A 58 -9.71 0.83 -8.59
C LYS A 58 -8.67 1.61 -7.78
N LEU A 59 -9.15 2.27 -6.73
CA LEU A 59 -8.28 3.06 -5.88
C LEU A 59 -6.97 2.30 -5.66
N ALA A 60 -7.12 1.09 -5.12
CA ALA A 60 -5.97 0.26 -4.84
C ALA A 60 -4.95 0.40 -5.98
N GLU A 61 -5.44 0.21 -7.19
CA GLU A 61 -4.59 0.32 -8.36
C GLU A 61 -3.84 1.64 -8.36
N GLU A 62 -4.57 2.70 -8.06
CA GLU A 62 -4.00 4.04 -8.02
C GLU A 62 -3.12 4.19 -6.77
N GLN A 63 -3.54 3.55 -5.70
CA GLN A 63 -2.81 3.60 -4.45
C GLN A 63 -1.41 3.01 -4.63
N GLN A 64 -1.36 1.89 -5.35
CA GLN A 64 -0.11 1.22 -5.60
C GLN A 64 0.69 1.96 -6.68
N ARG A 65 -0.03 2.73 -7.48
CA ARG A 65 0.60 3.49 -8.54
C ARG A 65 1.47 4.60 -7.95
N GLN A 66 0.96 5.23 -6.91
CA GLN A 66 1.68 6.31 -6.24
C GLN A 66 2.83 5.74 -5.41
N TYR A 67 2.52 4.67 -4.68
CA TYR A 67 3.52 4.02 -3.85
C TYR A 67 4.80 3.76 -4.62
N LYS A 68 4.65 3.59 -5.93
CA LYS A 68 5.78 3.34 -6.79
C LYS A 68 6.69 4.57 -6.80
N VAL A 69 6.13 5.68 -7.23
CA VAL A 69 6.87 6.93 -7.30
C VAL A 69 7.29 7.34 -5.89
N HIS A 70 6.36 7.17 -4.95
CA HIS A 70 6.63 7.52 -3.58
C HIS A 70 7.97 6.93 -3.14
N LEU A 71 8.20 5.69 -3.55
CA LEU A 71 9.43 5.00 -3.21
C LEU A 71 10.62 5.79 -3.76
N ASP A 72 10.45 6.28 -4.98
CA ASP A 72 11.50 7.06 -5.63
C ASP A 72 11.67 8.38 -4.90
N LEU A 73 10.55 9.03 -4.64
CA LEU A 73 10.56 10.31 -3.96
C LEU A 73 11.34 10.17 -2.65
N TRP A 74 11.30 8.97 -2.10
CA TRP A 74 12.01 8.68 -0.86
C TRP A 74 13.51 8.56 -1.18
N VAL A 75 13.79 8.11 -2.39
CA VAL A 75 15.16 7.95 -2.83
C VAL A 75 15.73 9.31 -3.20
N LYS A 76 14.87 10.15 -3.74
CA LYS A 76 15.27 11.48 -4.16
C LYS A 76 15.60 12.32 -2.92
N SER A 77 15.31 11.75 -1.76
CA SER A 77 15.56 12.42 -0.50
C SER A 77 16.68 11.71 0.26
N LEU A 78 17.03 10.53 -0.23
CA LEU A 78 18.08 9.75 0.39
C LEU A 78 19.43 10.41 0.12
N SER A 79 20.16 10.64 1.21
CA SER A 79 21.47 11.26 1.10
C SER A 79 22.29 10.58 -0.01
N PRO A 80 23.49 11.16 -0.26
CA PRO A 80 24.37 10.63 -1.29
C PRO A 80 25.06 9.35 -0.81
N GLN A 81 24.86 9.06 0.48
CA GLN A 81 25.45 7.87 1.07
C GLN A 81 24.46 6.71 1.04
N ASP A 82 23.28 6.96 1.60
CA ASP A 82 22.24 5.95 1.66
C ASP A 82 21.90 5.51 0.24
N ARG A 83 21.53 6.50 -0.59
CA ARG A 83 21.17 6.23 -1.96
C ARG A 83 22.25 5.38 -2.63
N ALA A 84 23.49 5.80 -2.43
CA ALA A 84 24.62 5.09 -3.01
C ALA A 84 24.54 3.61 -2.62
N ALA A 85 24.06 3.38 -1.41
CA ALA A 85 23.94 2.03 -0.91
C ALA A 85 22.68 1.37 -1.50
N TYR A 86 21.57 2.09 -1.37
CA TYR A 86 20.30 1.60 -1.89
C TYR A 86 20.39 1.34 -3.40
N LYS A 87 20.75 2.39 -4.13
CA LYS A 87 20.87 2.28 -5.58
C LYS A 87 21.90 1.21 -5.91
N GLU A 88 22.89 1.08 -5.03
CA GLU A 88 23.94 0.10 -5.23
C GLU A 88 23.36 -1.31 -5.27
N TYR A 89 22.31 -1.50 -4.49
CA TYR A 89 21.64 -2.80 -4.42
C TYR A 89 20.60 -2.93 -5.54
N ILE A 90 19.97 -1.81 -5.86
CA ILE A 90 18.96 -1.80 -6.90
C ILE A 90 19.57 -2.28 -8.22
N SER A 91 20.67 -1.64 -8.59
CA SER A 91 21.36 -1.98 -9.82
C SER A 91 21.47 -3.51 -9.94
N ASN A 92 22.07 -4.11 -8.92
CA ASN A 92 22.25 -5.55 -8.91
C ASN A 92 20.96 -6.21 -8.40
N LYS A 93 19.86 -5.84 -9.05
CA LYS A 93 18.56 -6.40 -8.68
C LYS A 93 17.61 -6.27 -9.87
N ARG A 94 16.33 -6.49 -9.58
CA ARG A 94 15.31 -6.41 -10.62
C ARG A 94 15.73 -7.22 -11.84
N LYS A 95 14.90 -7.18 -12.87
CA LYS A 95 15.17 -7.90 -14.10
C LYS A 95 15.64 -6.92 -15.16
N SER A 96 16.69 -7.32 -15.87
CA SER A 96 17.26 -6.48 -16.92
C SER A 96 16.16 -6.06 -17.89
N GLY A 97 16.52 -5.16 -18.80
CA GLY A 97 15.58 -4.67 -19.79
C GLY A 97 16.30 -4.26 -21.07
N PRO A 98 15.75 -4.75 -22.22
CA PRO A 98 16.34 -4.44 -23.52
C PRO A 98 16.01 -3.00 -23.93
N SER A 99 16.50 -2.64 -25.11
CA SER A 99 16.27 -1.30 -25.64
C SER A 99 16.94 -0.27 -24.74
N SER A 100 17.33 0.84 -25.35
CA SER A 100 18.00 1.91 -24.63
C SER A 100 17.97 3.19 -25.45
N GLY A 101 18.54 3.11 -26.65
CA GLY A 101 18.58 4.26 -27.54
C GLY A 101 20.02 4.71 -27.78
N GLY A 1 7.99 21.98 11.43
CA GLY A 1 7.57 20.67 10.96
C GLY A 1 8.19 19.57 11.83
N SER A 2 7.52 18.42 11.82
CA SER A 2 7.98 17.29 12.61
C SER A 2 7.72 15.99 11.84
N SER A 3 8.74 15.56 11.11
CA SER A 3 8.64 14.34 10.32
C SER A 3 9.98 13.60 10.33
N GLY A 4 9.93 12.33 9.93
CA GLY A 4 11.13 11.52 9.88
C GLY A 4 11.02 10.47 8.77
N SER A 5 10.95 10.97 7.54
CA SER A 5 10.85 10.08 6.40
C SER A 5 9.48 9.41 6.36
N SER A 6 8.49 10.16 5.90
CA SER A 6 7.13 9.66 5.82
C SER A 6 6.81 9.26 4.38
N GLY A 7 7.44 8.19 3.93
CA GLY A 7 7.23 7.69 2.58
C GLY A 7 5.91 6.94 2.47
N PRO A 8 5.94 5.83 1.68
CA PRO A 8 4.75 5.01 1.48
C PRO A 8 4.46 4.16 2.72
N LYS A 9 3.47 3.31 2.59
CA LYS A 9 3.08 2.44 3.68
C LYS A 9 2.43 1.16 3.11
N LYS A 10 2.81 0.84 1.89
CA LYS A 10 2.29 -0.34 1.22
C LYS A 10 0.77 -0.20 1.07
N PRO A 11 0.34 0.13 -0.17
CA PRO A 11 -1.07 0.30 -0.45
C PRO A 11 -1.78 -1.05 -0.54
N PRO A 12 -3.13 -0.99 -0.67
CA PRO A 12 -3.93 -2.21 -0.76
C PRO A 12 -3.80 -2.85 -2.14
N MET A 13 -4.57 -3.91 -2.34
CA MET A 13 -4.53 -4.62 -3.60
C MET A 13 -5.91 -5.18 -3.95
N ASN A 14 -6.18 -5.24 -5.24
CA ASN A 14 -7.47 -5.74 -5.72
C ASN A 14 -8.54 -4.70 -5.47
N GLY A 15 -8.73 -4.37 -4.20
CA GLY A 15 -9.73 -3.37 -3.82
C GLY A 15 -10.39 -3.75 -2.48
N TYR A 16 -10.33 -5.04 -2.18
CA TYR A 16 -10.92 -5.54 -0.95
C TYR A 16 -10.17 -5.00 0.28
N GLN A 17 -8.84 -4.97 0.16
CA GLN A 17 -8.02 -4.47 1.23
C GLN A 17 -8.26 -2.98 1.45
N LYS A 18 -8.62 -2.30 0.38
CA LYS A 18 -8.89 -0.88 0.45
C LYS A 18 -10.06 -0.63 1.39
N PHE A 19 -11.19 -1.23 1.05
CA PHE A 19 -12.39 -1.08 1.86
C PHE A 19 -12.13 -1.51 3.30
N SER A 20 -11.37 -2.58 3.45
CA SER A 20 -11.04 -3.09 4.77
C SER A 20 -10.36 -2.00 5.60
N GLN A 21 -9.22 -1.54 5.11
CA GLN A 21 -8.47 -0.51 5.79
C GLN A 21 -9.41 0.61 6.25
N GLU A 22 -10.46 0.82 5.47
CA GLU A 22 -11.43 1.85 5.78
C GLU A 22 -12.18 1.50 7.06
N LEU A 23 -12.54 0.23 7.17
CA LEU A 23 -13.27 -0.25 8.34
C LEU A 23 -12.32 -0.26 9.55
N LEU A 24 -11.04 -0.50 9.25
CA LEU A 24 -10.04 -0.54 10.30
C LEU A 24 -9.74 0.88 10.78
N SER A 25 -9.95 1.83 9.88
CA SER A 25 -9.71 3.22 10.19
C SER A 25 -11.01 3.89 10.64
N ASN A 26 -12.12 3.29 10.23
CA ASN A 26 -13.43 3.82 10.57
C ASN A 26 -13.73 3.50 12.04
N GLY A 27 -13.74 2.21 12.34
CA GLY A 27 -14.02 1.75 13.69
C GLY A 27 -15.47 1.28 13.83
N GLU A 28 -16.00 0.78 12.73
CA GLU A 28 -17.37 0.29 12.71
C GLU A 28 -17.44 -1.09 13.36
N LEU A 29 -16.29 -1.73 13.46
CA LEU A 29 -16.20 -3.06 14.05
C LEU A 29 -15.16 -3.05 15.17
N ASN A 30 -15.16 -1.96 15.91
CA ASN A 30 -14.22 -1.81 17.02
C ASN A 30 -14.85 -2.38 18.29
N HIS A 31 -15.97 -3.06 18.10
CA HIS A 31 -16.68 -3.66 19.23
C HIS A 31 -16.20 -5.10 19.44
N LEU A 32 -15.63 -5.66 18.39
CA LEU A 32 -15.13 -7.01 18.43
C LEU A 32 -13.61 -7.00 18.26
N PRO A 33 -12.98 -8.18 18.53
CA PRO A 33 -11.54 -8.31 18.40
C PRO A 33 -11.14 -8.39 16.92
N LEU A 34 -9.89 -8.01 16.67
CA LEU A 34 -9.36 -8.03 15.31
C LEU A 34 -9.84 -9.29 14.60
N LYS A 35 -9.55 -10.43 15.21
CA LYS A 35 -9.95 -11.71 14.65
C LYS A 35 -11.32 -11.56 13.99
N GLU A 36 -12.27 -11.09 14.77
CA GLU A 36 -13.63 -10.90 14.28
C GLU A 36 -13.65 -9.79 13.23
N ARG A 37 -13.05 -8.66 13.60
CA ARG A 37 -12.99 -7.51 12.70
C ARG A 37 -12.78 -7.98 11.26
N MET A 38 -11.65 -8.64 11.04
CA MET A 38 -11.32 -9.14 9.72
C MET A 38 -12.50 -9.89 9.10
N VAL A 39 -12.79 -11.05 9.68
CA VAL A 39 -13.89 -11.87 9.21
C VAL A 39 -15.12 -10.99 8.99
N GLU A 40 -15.42 -10.18 9.99
CA GLU A 40 -16.57 -9.29 9.92
C GLU A 40 -16.51 -8.45 8.64
N ILE A 41 -15.31 -7.98 8.33
CA ILE A 41 -15.11 -7.18 7.14
C ILE A 41 -15.46 -8.00 5.90
N GLY A 42 -14.72 -9.08 5.71
CA GLY A 42 -14.94 -9.96 4.58
C GLY A 42 -16.44 -10.08 4.26
N SER A 43 -17.24 -9.98 5.31
CA SER A 43 -18.68 -10.08 5.16
C SER A 43 -19.23 -8.80 4.53
N ARG A 44 -18.90 -7.69 5.16
CA ARG A 44 -19.35 -6.39 4.67
C ARG A 44 -18.91 -6.19 3.22
N TRP A 45 -17.72 -6.70 2.91
CA TRP A 45 -17.19 -6.59 1.57
C TRP A 45 -18.09 -7.40 0.62
N GLN A 46 -18.65 -8.46 1.17
CA GLN A 46 -19.53 -9.33 0.40
C GLN A 46 -20.95 -8.78 0.41
N ARG A 47 -21.13 -7.69 1.15
CA ARG A 47 -22.44 -7.07 1.26
C ARG A 47 -22.60 -5.99 0.18
N ILE A 48 -21.61 -5.12 0.11
CA ILE A 48 -21.63 -4.03 -0.87
C ILE A 48 -21.94 -4.61 -2.24
N SER A 49 -22.03 -3.71 -3.21
CA SER A 49 -22.32 -4.12 -4.59
C SER A 49 -21.08 -3.94 -5.46
N GLN A 50 -21.26 -4.16 -6.75
CA GLN A 50 -20.18 -4.02 -7.70
C GLN A 50 -19.56 -2.63 -7.61
N SER A 51 -20.43 -1.63 -7.66
CA SER A 51 -19.99 -0.24 -7.59
C SER A 51 -18.83 -0.12 -6.61
N GLN A 52 -19.12 -0.43 -5.36
CA GLN A 52 -18.10 -0.35 -4.32
C GLN A 52 -16.82 -1.06 -4.77
N LYS A 53 -16.90 -2.38 -4.81
CA LYS A 53 -15.76 -3.17 -5.23
C LYS A 53 -15.05 -2.48 -6.39
N GLU A 54 -15.86 -2.04 -7.35
CA GLU A 54 -15.33 -1.36 -8.52
C GLU A 54 -14.48 -0.16 -8.10
N HIS A 55 -15.10 0.73 -7.33
CA HIS A 55 -14.43 1.92 -6.86
C HIS A 55 -13.14 1.52 -6.13
N TYR A 56 -13.32 0.84 -5.01
CA TYR A 56 -12.19 0.39 -4.22
C TYR A 56 -11.16 -0.34 -5.09
N LYS A 57 -11.65 -0.91 -6.18
CA LYS A 57 -10.79 -1.62 -7.10
C LYS A 57 -9.98 -0.63 -7.93
N LYS A 58 -10.52 0.57 -8.05
CA LYS A 58 -9.87 1.62 -8.80
C LYS A 58 -8.90 2.37 -7.90
N LEU A 59 -9.36 2.64 -6.68
CA LEU A 59 -8.54 3.35 -5.71
C LEU A 59 -7.19 2.63 -5.56
N ALA A 60 -7.28 1.35 -5.20
CA ALA A 60 -6.08 0.55 -5.02
C ALA A 60 -5.07 0.89 -6.12
N GLU A 61 -5.58 0.95 -7.35
CA GLU A 61 -4.74 1.26 -8.49
C GLU A 61 -4.06 2.62 -8.30
N GLU A 62 -4.85 3.59 -7.90
CA GLU A 62 -4.35 4.94 -7.67
C GLU A 62 -3.35 4.93 -6.52
N GLN A 63 -3.66 4.15 -5.50
CA GLN A 63 -2.80 4.05 -4.34
C GLN A 63 -1.44 3.46 -4.74
N GLN A 64 -1.50 2.37 -5.48
CA GLN A 64 -0.28 1.71 -5.93
C GLN A 64 0.47 2.59 -6.93
N ARG A 65 -0.28 3.48 -7.56
CA ARG A 65 0.29 4.39 -8.54
C ARG A 65 1.17 5.43 -7.84
N GLN A 66 0.64 5.96 -6.75
CA GLN A 66 1.36 6.97 -5.99
C GLN A 66 2.54 6.33 -5.25
N TYR A 67 2.27 5.18 -4.64
CA TYR A 67 3.30 4.47 -3.90
C TYR A 67 4.53 4.22 -4.78
N LYS A 68 4.30 4.19 -6.08
CA LYS A 68 5.38 3.97 -7.03
C LYS A 68 6.38 5.13 -6.94
N VAL A 69 5.84 6.34 -7.02
CA VAL A 69 6.67 7.53 -6.96
C VAL A 69 7.18 7.71 -5.52
N HIS A 70 6.29 7.44 -4.57
CA HIS A 70 6.64 7.57 -3.17
C HIS A 70 7.96 6.86 -2.90
N LEU A 71 8.06 5.65 -3.45
CA LEU A 71 9.26 4.85 -3.27
C LEU A 71 10.47 5.63 -3.78
N ASP A 72 10.26 6.31 -4.91
CA ASP A 72 11.33 7.09 -5.52
C ASP A 72 11.54 8.36 -4.70
N LEU A 73 10.44 8.92 -4.23
CA LEU A 73 10.51 10.13 -3.42
C LEU A 73 11.24 9.84 -2.11
N TRP A 74 10.95 8.66 -1.58
CA TRP A 74 11.57 8.25 -0.32
C TRP A 74 13.07 8.06 -0.58
N VAL A 75 13.39 7.65 -1.80
CA VAL A 75 14.77 7.42 -2.19
C VAL A 75 15.50 8.76 -2.21
N LYS A 76 14.90 9.72 -2.91
CA LYS A 76 15.49 11.04 -3.02
C LYS A 76 15.89 11.54 -1.63
N SER A 77 15.23 10.99 -0.62
CA SER A 77 15.50 11.37 0.75
C SER A 77 16.66 10.54 1.30
N LEU A 78 16.72 9.30 0.84
CA LEU A 78 17.77 8.39 1.28
C LEU A 78 19.14 9.09 1.13
N SER A 79 19.84 9.16 2.25
CA SER A 79 21.15 9.80 2.26
C SER A 79 22.03 9.23 1.14
N PRO A 80 23.26 9.77 1.05
CA PRO A 80 24.20 9.32 0.03
C PRO A 80 24.80 7.96 0.40
N GLN A 81 24.64 7.60 1.67
CA GLN A 81 25.14 6.33 2.16
C GLN A 81 24.06 5.25 2.04
N ASP A 82 22.84 5.63 2.40
CA ASP A 82 21.73 4.72 2.34
C ASP A 82 21.40 4.40 0.87
N ARG A 83 21.10 5.46 0.13
CA ARG A 83 20.77 5.31 -1.28
C ARG A 83 21.82 4.45 -1.98
N ALA A 84 23.06 4.62 -1.55
CA ALA A 84 24.16 3.87 -2.14
C ALA A 84 23.92 2.38 -1.94
N ALA A 85 23.20 2.06 -0.86
CA ALA A 85 22.90 0.68 -0.55
C ALA A 85 21.65 0.25 -1.33
N TYR A 86 20.61 1.07 -1.22
CA TYR A 86 19.36 0.79 -1.91
C TYR A 86 19.59 0.60 -3.41
N LYS A 87 20.12 1.65 -4.03
CA LYS A 87 20.39 1.62 -5.46
C LYS A 87 21.33 0.45 -5.76
N GLU A 88 22.24 0.20 -4.83
CA GLU A 88 23.20 -0.88 -4.99
C GLU A 88 22.47 -2.21 -5.19
N TYR A 89 21.32 -2.32 -4.55
CA TYR A 89 20.52 -3.53 -4.64
C TYR A 89 19.56 -3.46 -5.84
N ILE A 90 19.19 -2.24 -6.18
CA ILE A 90 18.28 -2.02 -7.29
C ILE A 90 18.93 -2.54 -8.58
N SER A 91 20.01 -1.87 -8.97
CA SER A 91 20.73 -2.25 -10.17
C SER A 91 20.81 -3.77 -10.28
N ASN A 92 21.12 -4.39 -9.15
CA ASN A 92 21.23 -5.84 -9.10
C ASN A 92 19.88 -6.44 -8.71
N LYS A 93 18.88 -6.15 -9.52
CA LYS A 93 17.54 -6.65 -9.27
C LYS A 93 16.75 -6.65 -10.59
N ARG A 94 16.64 -5.47 -11.18
CA ARG A 94 15.92 -5.33 -12.43
C ARG A 94 16.64 -6.07 -13.55
N LYS A 95 15.87 -6.83 -14.32
CA LYS A 95 16.42 -7.59 -15.42
C LYS A 95 17.70 -8.29 -14.97
N SER A 96 17.52 -9.48 -14.41
CA SER A 96 18.65 -10.26 -13.94
C SER A 96 19.56 -10.64 -15.10
N GLY A 97 20.58 -9.82 -15.31
CA GLY A 97 21.52 -10.06 -16.39
C GLY A 97 22.92 -9.52 -16.03
N PRO A 98 23.90 -9.83 -16.91
CA PRO A 98 25.27 -9.38 -16.69
C PRO A 98 25.41 -7.89 -17.01
N SER A 99 24.94 -7.52 -18.19
CA SER A 99 25.01 -6.13 -18.63
C SER A 99 26.45 -5.78 -19.02
N SER A 100 27.35 -5.95 -18.06
CA SER A 100 28.76 -5.65 -18.31
C SER A 100 29.64 -6.64 -17.55
N GLY A 101 30.13 -7.63 -18.28
CA GLY A 101 30.98 -8.65 -17.69
C GLY A 101 31.14 -9.84 -18.63
#